data_1FZG
#
_entry.id   1FZG
#
_cell.length_a   54.800
_cell.length_b   149.400
_cell.length_c   234.700
_cell.angle_alpha   90.00
_cell.angle_beta   90.00
_cell.angle_gamma   90.00
#
_symmetry.space_group_name_H-M   'P 21 21 21'
#
loop_
_entity.id
_entity.type
_entity.pdbx_description
1 polymer FIBRINOGEN
2 polymer FIBRINOGEN
3 polymer FIBRINOGEN
4 polymer FIBRINOGEN
5 branched 2-acetamido-2-deoxy-beta-D-glucopyranose-(1-4)-2-acetamido-2-deoxy-beta-D-glucopyranose
6 non-polymer 'CALCIUM ION'
7 water water
#
loop_
_entity_poly.entity_id
_entity_poly.type
_entity_poly.pdbx_seq_one_letter_code
_entity_poly.pdbx_strand_id
1 'polypeptide(L)'
;VSEDLRSRIEVLKRKVIEKVQHIQLLQKNVRAQLVDMKRLEVDIDIKIRSCRGSCSRALAREVDLKDYEDQQKQLEQVIA
KDLLPSR
;
A,D
2 'polypeptide(L)'
;DNENVVNEYSSELEKHQLYIDETVNSNIPTNLRVLRSILENLRSKIQKLESDVSAQMEYCRTPCTVSCNIPVVSGKECEE
IIRKGGETSEMYLIQPDSSVKPYRVYCDMNTENGGWTVIQNRQDGSVDFGRKWDPYKQGFGNVATNTDGKNYCGLPGEYW
LGNDKISQLTRMGPTELLIEMEDWKGDKVKAHYGGFTVQNEANKYQISVNKYRGTAGNALMDGASQLMGENRTMTIHNGM
FFSTYDRDNDGWLTSDPRKQCSKEDGGGWWYNRCHAANPNGRYYWGGQYTWDMAKHGTDDGVVWMNWKGSWYSMRKMSMK
IRPFFPQQ
;
B,E
3 'polypeptide(L)'
;KMLEEIMKYEASILTHDSSIRYLQEIYNSNNQKIVNLKEKVAQLEAQCQEPCKDTVQIHDITGKDCQDIANKGAKQSGLY
FIKPLKANQQFLVYCEIDGSGNGWTVFQKRLDGSVDFKKNWIQYKEGFGHLSPTGTTEFWLGNEKIHLISTQSAIPYALR
VELEDWNGRTSTADYAMFKVGPEADKYRLTYAYFAGGDAGDAFDGFDFGDDPSDKFFTSHNGMQFSTWDNDNDKFEGNCA
EQDGSGWWMNKCHAGHLNGVYYQGGTYSKASTPNGYDNGIIWATWKTRWYSMKKTTMKIIPFNRLTIGEGQQHHLGGAK
;
C,F
4 'polypeptide(L)' GHRP S,T,M,N
#
# COMPACT_ATOMS: atom_id res chain seq x y z
N VAL A 16 46.09 55.51 -85.73
CA VAL A 16 47.30 54.77 -85.21
C VAL A 16 46.99 54.26 -83.79
N ILE A 17 46.08 54.97 -83.14
CA ILE A 17 45.61 54.82 -81.80
C ILE A 17 44.95 53.52 -81.36
N GLU A 18 45.01 52.40 -82.08
CA GLU A 18 44.28 51.21 -81.64
C GLU A 18 44.17 51.09 -80.11
N LYS A 19 45.13 51.62 -79.34
CA LYS A 19 45.03 51.44 -77.90
C LYS A 19 44.57 52.62 -77.07
N VAL A 20 43.37 53.11 -77.37
CA VAL A 20 42.78 54.19 -76.55
C VAL A 20 41.44 53.55 -76.13
N GLN A 21 40.59 53.58 -77.13
CA GLN A 21 39.29 52.95 -77.14
C GLN A 21 39.43 51.49 -76.73
N HIS A 22 40.61 50.89 -76.89
CA HIS A 22 40.75 49.49 -76.45
C HIS A 22 40.88 49.49 -74.93
N ILE A 23 41.66 50.40 -74.36
CA ILE A 23 41.80 50.50 -72.92
C ILE A 23 40.58 51.25 -72.40
N GLN A 24 40.46 52.43 -73.02
CA GLN A 24 39.41 53.35 -72.54
C GLN A 24 38.11 52.57 -72.49
N LEU A 25 38.21 51.27 -72.21
CA LEU A 25 37.00 50.46 -72.13
C LEU A 25 37.27 49.21 -71.29
N LEU A 26 38.46 48.65 -71.48
CA LEU A 26 38.95 47.58 -70.64
C LEU A 26 38.93 48.08 -69.19
N GLN A 27 39.12 49.36 -68.97
CA GLN A 27 39.11 49.95 -67.63
C GLN A 27 37.63 49.94 -67.23
N LYS A 28 36.81 50.23 -68.23
CA LYS A 28 35.37 50.19 -67.97
C LYS A 28 34.97 48.78 -67.50
N ASN A 29 35.43 47.71 -68.12
CA ASN A 29 35.08 46.39 -67.68
C ASN A 29 35.70 46.00 -66.33
N VAL A 30 36.93 46.42 -66.03
CA VAL A 30 37.48 46.03 -64.72
C VAL A 30 36.66 46.73 -63.64
N ARG A 31 36.17 47.93 -63.94
CA ARG A 31 35.36 48.62 -62.95
C ARG A 31 34.19 47.71 -62.56
N ALA A 32 33.61 47.08 -63.57
CA ALA A 32 32.44 46.25 -63.34
C ALA A 32 32.90 44.94 -62.69
N GLN A 33 34.09 44.48 -63.04
CA GLN A 33 34.57 43.23 -62.43
C GLN A 33 34.80 43.48 -60.95
N LEU A 34 35.30 44.67 -60.62
CA LEU A 34 35.53 45.10 -59.27
C LEU A 34 34.24 45.10 -58.43
N VAL A 35 33.17 45.62 -59.01
CA VAL A 35 31.90 45.58 -58.32
C VAL A 35 31.44 44.12 -58.29
N ASP A 36 31.71 43.32 -59.35
CA ASP A 36 31.21 41.96 -59.16
C ASP A 36 31.93 41.27 -58.01
N MET A 37 33.21 41.59 -57.84
CA MET A 37 34.02 40.87 -56.87
C MET A 37 33.67 41.23 -55.45
N LYS A 38 33.62 42.50 -55.13
CA LYS A 38 33.25 42.95 -53.80
C LYS A 38 31.90 42.33 -53.46
N ARG A 39 30.88 42.36 -54.30
CA ARG A 39 29.62 41.74 -53.98
C ARG A 39 29.80 40.25 -53.72
N LEU A 40 30.63 39.64 -54.58
CA LEU A 40 30.80 38.19 -54.43
C LEU A 40 31.52 37.95 -53.13
N GLU A 41 32.42 38.82 -52.76
CA GLU A 41 33.13 38.63 -51.51
C GLU A 41 32.13 38.65 -50.36
N VAL A 42 31.30 39.69 -50.37
CA VAL A 42 30.25 39.85 -49.38
C VAL A 42 29.26 38.71 -49.33
N ASP A 43 28.77 38.25 -50.46
CA ASP A 43 27.89 37.09 -50.43
C ASP A 43 28.57 35.90 -49.78
N ILE A 44 29.90 35.74 -50.02
CA ILE A 44 30.52 34.51 -49.52
C ILE A 44 30.61 34.54 -48.01
N ASP A 45 30.99 35.71 -47.52
CA ASP A 45 31.07 35.93 -46.09
C ASP A 45 29.76 35.59 -45.44
N ILE A 46 28.64 36.09 -45.95
CA ILE A 46 27.30 35.80 -45.47
C ILE A 46 27.02 34.34 -45.61
N LYS A 47 27.30 33.75 -46.77
CA LYS A 47 26.99 32.29 -46.83
C LYS A 47 27.97 31.51 -46.01
N ILE A 48 29.21 31.92 -45.73
CA ILE A 48 30.03 31.10 -44.82
C ILE A 48 29.55 31.25 -43.40
N ARG A 49 29.05 32.44 -43.07
CA ARG A 49 28.67 32.58 -41.66
C ARG A 49 27.39 31.84 -41.37
N SER A 50 26.59 31.60 -42.40
CA SER A 50 25.35 30.86 -42.05
C SER A 50 25.52 29.39 -42.07
N CYS A 51 26.74 28.90 -42.04
CA CYS A 51 27.04 27.47 -42.05
C CYS A 51 27.29 27.15 -40.55
N ARG A 52 27.62 28.24 -39.82
CA ARG A 52 27.77 28.11 -38.37
C ARG A 52 26.53 27.47 -37.76
N GLY A 53 25.34 27.71 -38.24
CA GLY A 53 24.11 27.14 -37.71
C GLY A 53 23.86 25.83 -38.31
N SER A 54 24.85 25.23 -38.97
CA SER A 54 24.62 23.94 -39.62
C SER A 54 25.71 22.88 -39.52
N CYS A 55 26.93 23.33 -39.70
CA CYS A 55 28.14 22.57 -39.76
C CYS A 55 28.88 22.46 -38.47
N SER A 56 29.73 21.45 -38.35
CA SER A 56 30.50 21.25 -37.09
C SER A 56 31.26 22.51 -36.85
N ARG A 57 31.69 23.27 -37.87
CA ARG A 57 32.29 24.55 -37.47
C ARG A 57 32.34 25.48 -38.65
N ALA A 58 32.54 26.75 -38.42
CA ALA A 58 32.55 27.72 -39.51
C ALA A 58 33.93 28.39 -39.49
N LEU A 59 34.40 28.67 -40.70
CA LEU A 59 35.69 29.27 -40.90
C LEU A 59 35.66 30.70 -40.41
N ALA A 60 36.55 31.15 -39.55
CA ALA A 60 36.61 32.54 -39.10
C ALA A 60 37.28 33.38 -40.18
N ARG A 61 36.62 34.48 -40.47
CA ARG A 61 37.10 35.36 -41.54
C ARG A 61 36.27 36.63 -41.54
N GLU A 62 36.99 37.66 -41.92
CA GLU A 62 36.59 39.04 -42.03
C GLU A 62 36.79 39.46 -43.49
N VAL A 63 35.90 40.22 -44.10
CA VAL A 63 36.05 40.76 -45.44
C VAL A 63 36.92 42.01 -45.32
N ASP A 64 37.90 42.19 -46.18
CA ASP A 64 38.69 43.41 -46.16
C ASP A 64 38.27 44.19 -47.41
N LEU A 65 37.36 45.10 -47.19
CA LEU A 65 36.76 45.90 -48.25
C LEU A 65 37.46 47.23 -48.46
N LYS A 66 38.29 47.62 -47.50
CA LYS A 66 39.11 48.80 -47.70
C LYS A 66 40.01 48.51 -48.92
N ASP A 67 40.61 47.31 -48.91
CA ASP A 67 41.46 46.90 -50.00
C ASP A 67 40.70 47.00 -51.32
N TYR A 68 39.37 46.94 -51.24
CA TYR A 68 38.50 47.06 -52.40
C TYR A 68 38.15 48.49 -52.78
N GLU A 69 38.08 49.36 -51.78
CA GLU A 69 37.69 50.74 -52.08
C GLU A 69 38.94 51.46 -52.58
N ASP A 70 40.07 51.18 -51.94
CA ASP A 70 41.31 51.83 -52.38
C ASP A 70 41.47 51.44 -53.86
N GLN A 71 41.49 50.13 -54.13
CA GLN A 71 41.62 49.64 -55.50
C GLN A 71 40.59 50.31 -56.40
N GLN A 72 39.33 50.51 -56.00
CA GLN A 72 38.46 51.18 -56.97
C GLN A 72 38.84 52.64 -57.12
N LYS A 73 39.19 53.34 -56.04
CA LYS A 73 39.53 54.75 -56.16
C LYS A 73 40.67 54.90 -57.17
N GLN A 74 41.72 54.13 -56.97
CA GLN A 74 42.88 54.12 -57.84
C GLN A 74 42.51 53.87 -59.29
N LEU A 75 41.23 53.68 -59.61
CA LEU A 75 40.81 53.40 -60.99
C LEU A 75 40.05 54.59 -61.54
N GLU A 76 39.46 55.34 -60.61
CA GLU A 76 38.78 56.57 -61.03
C GLU A 76 39.90 57.53 -61.45
N GLN A 77 40.91 57.71 -60.60
CA GLN A 77 42.02 58.61 -60.90
C GLN A 77 42.17 58.57 -62.42
N VAL A 78 42.45 57.33 -62.80
CA VAL A 78 42.66 57.00 -64.21
C VAL A 78 41.58 57.60 -65.09
N ILE A 79 40.45 58.07 -64.54
CA ILE A 79 39.49 58.64 -65.52
C ILE A 79 39.02 60.06 -65.29
N ALA A 80 39.30 60.82 -66.35
CA ALA A 80 39.00 62.22 -66.58
C ALA A 80 39.94 62.71 -67.67
N LYS A 81 40.70 61.77 -68.23
CA LYS A 81 41.67 62.06 -69.29
C LYS A 81 41.04 62.35 -70.64
N ASP A 82 40.95 61.37 -71.54
CA ASP A 82 40.36 61.64 -72.85
C ASP A 82 39.08 62.48 -72.71
N VAL B 24 54.90 63.86 -76.77
CA VAL B 24 53.92 64.95 -77.07
C VAL B 24 52.57 64.36 -77.49
N ASN B 25 52.52 63.07 -77.24
CA ASN B 25 51.47 62.11 -77.56
C ASN B 25 51.17 61.23 -76.36
N SER B 26 51.23 59.90 -76.52
CA SER B 26 50.99 59.01 -75.36
C SER B 26 52.02 59.47 -74.31
N ASN B 27 51.47 60.19 -73.33
CA ASN B 27 52.34 60.79 -72.31
C ASN B 27 52.82 59.67 -71.39
N ILE B 28 52.13 59.52 -70.26
CA ILE B 28 52.55 58.46 -69.35
C ILE B 28 51.84 57.14 -69.40
N PRO B 29 51.13 56.80 -70.47
CA PRO B 29 50.45 55.53 -70.66
C PRO B 29 51.15 54.33 -70.03
N THR B 30 52.46 54.16 -70.22
CA THR B 30 53.15 53.07 -69.51
C THR B 30 52.65 53.04 -68.07
N ASN B 31 52.84 54.24 -67.51
CA ASN B 31 52.47 54.69 -66.17
C ASN B 31 51.12 54.10 -65.78
N LEU B 32 50.09 54.19 -66.63
CA LEU B 32 48.85 53.59 -66.15
C LEU B 32 48.81 52.06 -66.29
N ARG B 33 49.67 51.40 -65.50
CA ARG B 33 49.53 49.95 -65.44
C ARG B 33 49.10 49.64 -64.00
N VAL B 34 48.53 50.70 -63.40
CA VAL B 34 48.00 50.59 -62.05
C VAL B 34 46.71 49.74 -62.23
N LEU B 35 46.61 49.09 -63.37
CA LEU B 35 45.53 48.15 -63.61
C LEU B 35 46.03 46.82 -63.04
N ARG B 36 46.74 46.15 -63.94
CA ARG B 36 47.48 44.92 -63.59
C ARG B 36 47.71 44.84 -62.10
N SER B 37 48.05 45.96 -61.46
CA SER B 37 48.13 46.05 -59.99
C SER B 37 46.84 45.38 -59.48
N ILE B 38 45.76 45.96 -60.02
CA ILE B 38 44.40 45.53 -59.73
C ILE B 38 44.26 44.04 -60.06
N LEU B 39 43.94 43.79 -61.32
CA LEU B 39 43.76 42.45 -61.87
C LEU B 39 44.72 41.41 -61.32
N GLU B 40 45.95 41.74 -60.90
CA GLU B 40 46.78 40.71 -60.28
C GLU B 40 45.97 40.27 -59.04
N ASN B 41 45.53 41.25 -58.25
CA ASN B 41 44.76 41.07 -57.06
C ASN B 41 43.53 40.16 -57.22
N LEU B 42 42.63 40.63 -58.07
CA LEU B 42 41.38 39.97 -58.32
C LEU B 42 41.63 38.49 -58.55
N ARG B 43 42.68 38.29 -59.37
CA ARG B 43 43.07 36.89 -59.61
C ARG B 43 43.48 36.36 -58.25
N SER B 44 44.28 37.09 -57.44
CA SER B 44 44.62 36.48 -56.14
C SER B 44 43.37 36.39 -55.27
N LYS B 45 42.48 37.37 -55.23
CA LYS B 45 41.30 37.26 -54.40
C LYS B 45 40.45 36.06 -54.78
N ILE B 46 40.18 35.80 -56.03
CA ILE B 46 39.39 34.65 -56.42
C ILE B 46 39.94 33.35 -55.89
N GLN B 47 41.24 33.18 -55.68
CA GLN B 47 41.81 31.96 -55.14
C GLN B 47 41.54 31.90 -53.63
N LYS B 48 41.67 33.04 -52.96
CA LYS B 48 41.38 32.94 -51.49
C LYS B 48 39.93 32.44 -51.30
N LEU B 49 39.00 33.06 -52.03
CA LEU B 49 37.63 32.72 -51.99
C LEU B 49 37.40 31.28 -52.39
N GLU B 50 38.19 30.71 -53.29
CA GLU B 50 37.91 29.28 -53.59
C GLU B 50 38.38 28.35 -52.47
N SER B 51 39.40 28.71 -51.71
CA SER B 51 39.76 27.79 -50.64
C SER B 51 38.76 27.98 -49.50
N ASP B 52 38.41 29.23 -49.21
CA ASP B 52 37.47 29.55 -48.15
C ASP B 52 36.19 28.75 -48.34
N VAL B 53 35.63 28.75 -49.57
CA VAL B 53 34.45 27.93 -49.73
C VAL B 53 34.79 26.48 -49.58
N SER B 54 35.97 26.09 -50.08
CA SER B 54 36.34 24.65 -49.98
C SER B 54 36.59 24.29 -48.56
N ALA B 55 37.23 25.17 -47.75
CA ALA B 55 37.43 24.72 -46.35
C ALA B 55 36.07 24.60 -45.68
N GLN B 56 35.10 25.52 -45.92
CA GLN B 56 33.79 25.46 -45.32
C GLN B 56 33.08 24.20 -45.75
N MET B 57 33.22 23.92 -47.05
CA MET B 57 32.60 22.65 -47.50
C MET B 57 33.12 21.40 -46.81
N GLU B 58 34.41 21.32 -46.46
CA GLU B 58 34.94 20.17 -45.74
C GLU B 58 34.39 20.26 -44.33
N TYR B 59 34.44 21.46 -43.69
CA TYR B 59 33.78 21.45 -42.37
C TYR B 59 32.33 20.97 -42.43
N CYS B 60 31.56 21.24 -43.50
CA CYS B 60 30.17 20.76 -43.45
C CYS B 60 29.98 19.27 -43.61
N ARG B 61 31.04 18.45 -43.46
CA ARG B 61 30.90 16.98 -43.62
C ARG B 61 30.30 16.47 -42.33
N THR B 62 30.38 17.31 -41.32
CA THR B 62 29.88 17.01 -39.96
C THR B 62 29.03 18.20 -39.51
N PRO B 63 27.81 17.91 -39.09
CA PRO B 63 26.85 18.90 -38.65
C PRO B 63 27.15 19.34 -37.22
N CYS B 64 26.65 20.49 -36.86
CA CYS B 64 26.64 20.91 -35.47
C CYS B 64 25.57 20.04 -34.80
N THR B 65 25.65 19.95 -33.49
CA THR B 65 24.71 19.23 -32.69
C THR B 65 24.41 20.00 -31.41
N VAL B 66 23.24 19.73 -30.80
CA VAL B 66 22.88 20.37 -29.57
C VAL B 66 22.32 19.21 -28.74
N SER B 67 22.09 19.46 -27.44
CA SER B 67 21.38 18.49 -26.63
C SER B 67 20.45 19.30 -25.73
N CYS B 68 19.21 19.41 -26.19
CA CYS B 68 18.21 20.25 -25.53
C CYS B 68 17.33 19.43 -24.63
N ASN B 69 17.72 19.31 -23.36
CA ASN B 69 16.93 18.47 -22.44
C ASN B 69 15.61 19.21 -22.22
N ILE B 70 14.50 18.53 -22.08
CA ILE B 70 13.26 19.30 -22.04
C ILE B 70 12.80 19.60 -20.60
N PRO B 71 12.51 20.88 -20.38
CA PRO B 71 11.97 21.36 -19.17
C PRO B 71 10.68 20.54 -18.96
N VAL B 72 10.41 20.16 -17.74
CA VAL B 72 9.32 19.42 -17.31
C VAL B 72 8.11 20.32 -17.44
N VAL B 73 8.18 21.61 -17.13
CA VAL B 73 6.90 22.29 -17.26
C VAL B 73 6.61 22.59 -18.70
N SER B 74 5.34 22.47 -19.05
CA SER B 74 4.79 22.77 -20.35
C SER B 74 3.47 23.56 -20.22
N GLY B 75 2.95 24.08 -21.31
CA GLY B 75 1.68 24.81 -21.38
C GLY B 75 1.40 25.07 -22.86
N LYS B 76 0.35 25.84 -23.10
CA LYS B 76 -0.04 26.22 -24.43
C LYS B 76 0.97 27.15 -25.06
N GLU B 77 1.70 27.94 -24.29
CA GLU B 77 2.59 28.94 -24.88
C GLU B 77 3.40 29.59 -23.75
N CYS B 78 4.38 30.41 -24.03
CA CYS B 78 5.23 30.85 -22.95
C CYS B 78 4.53 31.61 -21.81
N GLU B 79 3.36 32.21 -22.11
CA GLU B 79 2.68 32.92 -21.07
C GLU B 79 2.19 31.97 -20.00
N GLU B 80 1.56 30.91 -20.48
CA GLU B 80 1.04 29.95 -19.49
C GLU B 80 2.21 29.34 -18.73
N ILE B 81 3.38 29.05 -19.36
CA ILE B 81 4.49 28.42 -18.69
C ILE B 81 4.95 29.35 -17.60
N ILE B 82 5.09 30.65 -17.80
CA ILE B 82 5.60 31.47 -16.69
C ILE B 82 4.61 31.47 -15.50
N ARG B 83 3.31 31.45 -15.70
CA ARG B 83 2.31 31.33 -14.72
C ARG B 83 2.46 30.00 -14.02
N LYS B 84 3.06 29.02 -14.71
CA LYS B 84 3.19 27.71 -14.03
C LYS B 84 4.53 27.59 -13.31
N GLY B 85 5.34 28.64 -13.21
CA GLY B 85 6.57 28.52 -12.43
C GLY B 85 7.85 28.46 -13.25
N GLY B 86 7.71 28.41 -14.57
CA GLY B 86 8.84 28.32 -15.48
C GLY B 86 9.53 29.66 -15.56
N GLU B 87 10.40 30.04 -14.62
CA GLU B 87 10.98 31.37 -14.50
C GLU B 87 12.16 31.60 -15.41
N THR B 88 12.75 30.53 -15.96
CA THR B 88 13.96 30.85 -16.70
C THR B 88 13.66 30.82 -18.19
N SER B 89 14.36 31.67 -18.83
CA SER B 89 14.36 31.81 -20.27
C SER B 89 15.17 30.60 -20.81
N GLU B 90 14.53 29.83 -21.65
CA GLU B 90 15.16 28.69 -22.28
C GLU B 90 14.16 28.06 -23.27
N MET B 91 14.48 26.87 -23.75
CA MET B 91 13.63 26.23 -24.71
C MET B 91 12.54 25.52 -23.98
N TYR B 92 11.29 25.72 -24.42
CA TYR B 92 10.28 24.87 -23.76
C TYR B 92 9.52 24.17 -24.90
N LEU B 93 8.74 23.22 -24.52
CA LEU B 93 7.86 22.54 -25.44
C LEU B 93 6.50 23.18 -25.09
N ILE B 94 5.76 23.65 -26.06
CA ILE B 94 4.41 24.08 -25.91
C ILE B 94 3.49 23.24 -26.81
N GLN B 95 2.25 23.22 -26.40
CA GLN B 95 1.17 22.61 -27.20
C GLN B 95 0.01 23.56 -27.31
N PRO B 96 -0.06 24.49 -28.22
CA PRO B 96 -1.09 25.53 -28.30
C PRO B 96 -2.47 24.94 -28.39
N ASP B 97 -2.48 23.77 -29.03
CA ASP B 97 -3.72 23.07 -29.22
C ASP B 97 -3.52 21.58 -29.44
N SER B 98 -4.46 20.90 -28.79
CA SER B 98 -4.43 19.44 -28.85
C SER B 98 -4.53 18.94 -30.27
N SER B 99 -5.05 19.65 -31.26
CA SER B 99 -5.07 18.99 -32.59
C SER B 99 -3.62 18.57 -32.80
N VAL B 100 -2.74 19.53 -32.79
CA VAL B 100 -1.33 19.57 -32.95
C VAL B 100 -0.42 18.85 -31.93
N LYS B 101 0.75 18.61 -32.46
CA LYS B 101 1.88 18.00 -31.76
C LYS B 101 2.71 19.07 -31.06
N PRO B 102 3.12 18.80 -29.83
CA PRO B 102 3.90 19.78 -29.07
C PRO B 102 5.14 20.09 -29.84
N TYR B 103 5.64 21.31 -29.79
CA TYR B 103 6.82 21.68 -30.55
C TYR B 103 7.65 22.60 -29.66
N ARG B 104 8.88 22.84 -30.02
CA ARG B 104 9.87 23.57 -29.37
C ARG B 104 9.89 25.08 -29.60
N VAL B 105 10.13 25.77 -28.45
CA VAL B 105 10.18 27.22 -28.74
C VAL B 105 11.13 27.79 -27.67
N TYR B 106 11.70 28.94 -27.94
CA TYR B 106 12.46 29.64 -26.94
C TYR B 106 11.51 30.65 -26.23
N CYS B 107 11.48 30.68 -24.93
CA CYS B 107 10.59 31.51 -24.12
C CYS B 107 11.45 32.56 -23.42
N ASP B 108 11.14 33.81 -23.71
CA ASP B 108 11.86 34.91 -23.04
C ASP B 108 11.08 35.25 -21.77
N MET B 109 11.68 34.87 -20.64
CA MET B 109 11.02 35.11 -19.37
C MET B 109 11.63 36.31 -18.66
N ASN B 110 12.46 37.17 -19.14
CA ASN B 110 13.00 38.31 -18.47
C ASN B 110 12.55 39.67 -18.93
N THR B 111 12.33 39.90 -20.19
CA THR B 111 11.92 41.17 -20.75
C THR B 111 10.48 41.49 -20.40
N GLU B 112 10.24 42.76 -20.12
CA GLU B 112 8.89 43.25 -19.87
C GLU B 112 7.94 42.21 -19.25
N ASN B 113 8.31 41.72 -18.06
CA ASN B 113 7.43 40.73 -17.47
C ASN B 113 7.47 39.34 -18.04
N GLY B 114 8.24 38.96 -19.04
CA GLY B 114 8.30 37.57 -19.42
C GLY B 114 7.01 37.00 -20.02
N GLY B 115 6.98 35.70 -20.26
CA GLY B 115 5.86 35.08 -20.92
C GLY B 115 5.93 35.27 -22.45
N TRP B 116 6.99 35.76 -23.04
CA TRP B 116 7.14 35.94 -24.47
C TRP B 116 7.62 34.68 -25.21
N THR B 117 6.89 34.26 -26.25
CA THR B 117 7.25 33.22 -27.17
C THR B 117 8.02 33.84 -28.33
N VAL B 118 9.32 33.53 -28.50
CA VAL B 118 10.12 34.05 -29.58
C VAL B 118 9.69 33.42 -30.89
N ILE B 119 9.40 34.21 -31.89
CA ILE B 119 8.87 33.77 -33.21
C ILE B 119 9.97 33.91 -34.28
N GLN B 120 10.91 34.82 -34.19
CA GLN B 120 11.97 35.18 -35.04
C GLN B 120 13.13 35.76 -34.18
N ASN B 121 14.37 35.37 -34.49
CA ASN B 121 15.54 35.79 -33.73
C ASN B 121 16.80 35.83 -34.61
N ARG B 122 17.49 36.93 -34.67
CA ARG B 122 18.64 37.20 -35.40
C ARG B 122 19.71 37.69 -34.41
N GLN B 123 20.94 37.14 -34.47
CA GLN B 123 21.90 37.77 -33.52
C GLN B 123 23.31 37.44 -33.92
N ASP B 124 23.53 36.60 -34.92
CA ASP B 124 24.92 36.22 -35.22
C ASP B 124 25.12 35.84 -36.68
N GLY B 125 24.15 35.67 -37.54
CA GLY B 125 24.27 35.41 -38.94
C GLY B 125 24.40 33.90 -39.17
N SER B 126 24.15 33.05 -38.20
CA SER B 126 24.41 31.64 -38.30
C SER B 126 23.30 30.90 -39.03
N VAL B 127 22.35 31.63 -39.57
CA VAL B 127 21.24 30.92 -40.22
C VAL B 127 20.81 31.79 -41.39
N ASP B 128 20.56 31.11 -42.51
CA ASP B 128 20.18 31.78 -43.72
C ASP B 128 18.65 31.95 -43.78
N PHE B 129 18.28 33.15 -44.08
CA PHE B 129 16.87 33.54 -44.11
C PHE B 129 16.35 33.62 -45.51
N GLY B 130 17.27 33.55 -46.50
CA GLY B 130 16.76 33.58 -47.89
C GLY B 130 16.01 32.35 -48.27
N ARG B 131 14.98 31.82 -47.63
CA ARG B 131 14.38 30.56 -48.00
C ARG B 131 13.08 30.67 -48.75
N LYS B 132 12.60 29.56 -49.20
CA LYS B 132 11.35 29.55 -49.95
C LYS B 132 10.15 29.43 -49.06
N TRP B 133 8.98 29.46 -49.71
CA TRP B 133 7.69 29.36 -49.08
C TRP B 133 7.61 28.25 -48.10
N ASP B 134 8.16 27.08 -48.47
CA ASP B 134 7.96 25.92 -47.59
C ASP B 134 8.63 26.06 -46.25
N PRO B 135 9.95 26.21 -46.27
CA PRO B 135 10.68 26.38 -45.06
C PRO B 135 10.01 27.53 -44.30
N TYR B 136 9.53 28.55 -44.98
CA TYR B 136 8.92 29.66 -44.21
C TYR B 136 7.63 29.24 -43.52
N LYS B 137 7.01 28.23 -44.12
CA LYS B 137 5.73 27.75 -43.64
C LYS B 137 5.98 26.84 -42.48
N GLN B 138 6.89 25.91 -42.52
CA GLN B 138 7.25 24.94 -41.51
C GLN B 138 8.11 25.58 -40.44
N GLY B 139 8.94 26.54 -40.75
CA GLY B 139 9.84 27.03 -39.64
C GLY B 139 11.21 26.41 -39.97
N PHE B 140 12.32 27.01 -39.69
CA PHE B 140 13.67 26.60 -39.91
C PHE B 140 14.58 27.38 -38.91
N GLY B 141 15.82 26.92 -38.77
CA GLY B 141 16.84 27.48 -37.94
C GLY B 141 17.00 26.79 -36.62
N ASN B 142 17.70 27.37 -35.63
CA ASN B 142 17.95 26.74 -34.37
C ASN B 142 17.18 27.48 -33.27
N VAL B 143 16.33 26.78 -32.57
CA VAL B 143 15.48 27.25 -31.55
C VAL B 143 16.37 27.67 -30.38
N ALA B 144 17.32 26.80 -30.08
CA ALA B 144 18.16 27.17 -28.92
C ALA B 144 19.46 26.41 -28.95
N THR B 145 20.41 26.88 -28.17
CA THR B 145 21.66 26.10 -28.06
C THR B 145 22.13 26.04 -26.62
N ASN B 146 22.88 24.96 -26.35
CA ASN B 146 23.51 24.65 -25.09
C ASN B 146 24.36 25.75 -24.55
N THR B 147 23.97 26.20 -23.35
CA THR B 147 24.78 27.23 -22.68
C THR B 147 26.10 26.65 -22.12
N ASP B 148 27.15 27.42 -22.17
CA ASP B 148 28.47 27.00 -21.73
C ASP B 148 28.50 25.63 -21.08
N GLY B 149 28.54 25.48 -19.75
CA GLY B 149 28.57 24.08 -19.28
C GLY B 149 27.20 23.79 -18.68
N LYS B 150 26.14 23.64 -19.47
CA LYS B 150 24.85 23.39 -18.77
C LYS B 150 24.18 22.27 -19.52
N ASN B 151 23.19 21.63 -18.93
CA ASN B 151 22.65 20.48 -19.67
C ASN B 151 21.28 20.80 -20.23
N TYR B 152 21.03 22.06 -20.50
CA TYR B 152 19.82 22.48 -21.17
C TYR B 152 20.19 23.64 -22.12
N CYS B 153 19.32 23.90 -23.06
CA CYS B 153 19.53 24.93 -24.06
C CYS B 153 18.96 26.28 -23.66
N GLY B 154 19.72 27.12 -22.97
CA GLY B 154 19.42 28.41 -22.45
C GLY B 154 19.58 29.62 -23.29
N LEU B 155 20.25 29.43 -24.43
CA LEU B 155 20.52 30.53 -25.40
C LEU B 155 19.69 30.26 -26.66
N PRO B 156 19.02 31.28 -27.16
CA PRO B 156 18.16 31.11 -28.33
C PRO B 156 19.09 30.98 -29.52
N GLY B 157 18.73 30.30 -30.63
CA GLY B 157 19.63 30.43 -31.83
C GLY B 157 18.89 31.40 -32.76
N GLU B 158 19.26 31.54 -33.99
CA GLU B 158 18.57 32.24 -35.06
C GLU B 158 17.49 31.33 -35.68
N TYR B 159 16.19 31.67 -35.63
CA TYR B 159 15.14 30.83 -36.23
C TYR B 159 13.90 31.67 -36.62
N TRP B 160 13.02 31.04 -37.32
CA TRP B 160 11.76 31.48 -37.84
C TRP B 160 10.80 30.40 -37.37
N LEU B 161 9.83 30.76 -36.51
CA LEU B 161 9.11 29.61 -35.95
C LEU B 161 8.29 28.82 -36.95
N GLY B 162 7.73 29.50 -37.96
CA GLY B 162 6.88 28.83 -38.96
C GLY B 162 5.58 29.64 -39.16
N ASN B 163 5.24 30.13 -40.34
CA ASN B 163 3.98 30.89 -40.54
C ASN B 163 2.77 30.09 -40.07
N ASP B 164 2.69 28.76 -40.40
CA ASP B 164 1.48 28.16 -39.88
C ASP B 164 1.33 28.35 -38.40
N LYS B 165 2.40 28.14 -37.68
CA LYS B 165 2.44 28.10 -36.24
C LYS B 165 2.31 29.53 -35.74
N ILE B 166 2.88 30.49 -36.39
CA ILE B 166 2.68 31.87 -35.99
C ILE B 166 1.19 32.22 -36.12
N SER B 167 0.55 31.83 -37.22
CA SER B 167 -0.83 32.06 -37.48
C SER B 167 -1.75 31.54 -36.36
N GLN B 168 -1.55 30.26 -36.09
CA GLN B 168 -2.33 29.54 -35.11
C GLN B 168 -2.08 30.21 -33.76
N LEU B 169 -0.89 30.60 -33.34
CA LEU B 169 -0.66 31.34 -32.14
C LEU B 169 -1.44 32.65 -32.21
N THR B 170 -1.38 33.45 -33.24
CA THR B 170 -2.05 34.73 -33.22
C THR B 170 -3.56 34.67 -33.33
N ARG B 171 -4.14 33.58 -33.82
CA ARG B 171 -5.60 33.50 -33.85
C ARG B 171 -6.24 32.88 -32.64
N MET B 172 -5.51 32.40 -31.62
CA MET B 172 -6.15 31.82 -30.45
C MET B 172 -6.86 32.97 -29.67
N GLY B 173 -6.38 34.19 -29.82
CA GLY B 173 -6.80 35.29 -29.04
C GLY B 173 -5.91 36.52 -29.29
N PRO B 174 -6.29 37.64 -28.70
CA PRO B 174 -5.59 38.88 -28.88
C PRO B 174 -4.16 38.58 -28.44
N THR B 175 -3.24 39.01 -29.30
CA THR B 175 -1.85 38.78 -29.10
C THR B 175 -1.05 40.04 -29.34
N GLU B 176 -0.13 40.36 -28.44
CA GLU B 176 0.75 41.49 -28.69
C GLU B 176 2.03 40.90 -29.33
N LEU B 177 2.78 41.73 -30.02
CA LEU B 177 3.96 41.67 -30.73
C LEU B 177 5.04 42.55 -30.10
N LEU B 178 6.21 41.99 -29.74
CA LEU B 178 7.31 42.84 -29.30
C LEU B 178 8.53 42.65 -30.22
N ILE B 179 8.92 43.70 -30.92
CA ILE B 179 10.08 43.73 -31.74
C ILE B 179 11.19 44.55 -31.07
N GLU B 180 12.34 44.00 -30.87
CA GLU B 180 13.54 44.54 -30.27
C GLU B 180 14.70 44.35 -31.31
N MET B 181 15.60 45.30 -31.21
CA MET B 181 16.79 45.34 -32.00
C MET B 181 17.84 46.21 -31.30
N GLU B 182 19.05 45.86 -31.74
CA GLU B 182 20.22 46.52 -31.21
C GLU B 182 21.23 46.70 -32.32
N ASP B 183 21.96 47.82 -32.32
CA ASP B 183 22.92 48.18 -33.28
C ASP B 183 24.33 47.66 -32.94
N TRP B 184 25.32 47.97 -33.80
CA TRP B 184 26.64 47.42 -33.52
C TRP B 184 27.30 48.17 -32.40
N LYS B 185 26.70 49.29 -32.01
CA LYS B 185 27.42 49.99 -30.90
C LYS B 185 26.73 49.71 -29.57
N GLY B 186 25.69 48.91 -29.40
CA GLY B 186 25.13 48.64 -28.07
C GLY B 186 23.84 49.38 -27.82
N ASP B 187 23.45 50.41 -28.55
CA ASP B 187 22.16 51.03 -28.45
C ASP B 187 21.04 50.09 -28.85
N LYS B 188 19.86 50.25 -28.24
CA LYS B 188 18.73 49.35 -28.47
C LYS B 188 17.45 50.11 -28.48
N VAL B 189 16.41 49.72 -29.15
CA VAL B 189 15.13 50.36 -29.27
C VAL B 189 14.09 49.25 -29.41
N LYS B 190 12.82 49.53 -29.41
CA LYS B 190 11.81 48.50 -29.48
C LYS B 190 10.53 49.06 -30.08
N ALA B 191 9.73 48.19 -30.68
CA ALA B 191 8.48 48.55 -31.27
C ALA B 191 7.48 47.54 -30.70
N HIS B 192 6.47 48.04 -30.00
CA HIS B 192 5.50 47.14 -29.38
C HIS B 192 4.24 47.28 -30.19
N TYR B 193 3.48 46.25 -30.48
CA TYR B 193 2.26 46.36 -31.24
C TYR B 193 1.27 45.60 -30.36
N GLY B 194 0.21 46.25 -29.83
CA GLY B 194 -0.69 45.52 -28.93
C GLY B 194 -1.58 44.61 -29.72
N GLY B 195 -1.68 44.72 -31.05
CA GLY B 195 -2.51 43.76 -31.79
C GLY B 195 -1.60 43.28 -32.97
N PHE B 196 -1.58 41.95 -33.07
CA PHE B 196 -0.85 41.29 -34.14
C PHE B 196 -1.67 40.08 -34.54
N THR B 197 -1.98 39.83 -35.77
CA THR B 197 -2.70 38.60 -36.15
C THR B 197 -2.13 38.16 -37.52
N VAL B 198 -2.02 36.90 -37.84
CA VAL B 198 -1.44 36.54 -39.14
C VAL B 198 -2.44 35.47 -39.59
N GLN B 199 -3.12 35.74 -40.68
CA GLN B 199 -4.06 34.78 -41.21
C GLN B 199 -3.31 33.58 -41.71
N ASN B 200 -4.01 32.55 -42.09
CA ASN B 200 -3.50 31.30 -42.61
C ASN B 200 -3.00 31.23 -44.04
N GLU B 201 -2.67 30.01 -44.48
CA GLU B 201 -2.01 29.81 -45.76
C GLU B 201 -2.84 30.21 -46.98
N ALA B 202 -4.07 29.84 -47.14
CA ALA B 202 -5.10 30.30 -48.05
C ALA B 202 -5.16 31.82 -48.10
N ASN B 203 -5.03 32.59 -47.03
CA ASN B 203 -5.00 34.03 -47.08
C ASN B 203 -3.57 34.56 -47.19
N LYS B 204 -2.70 33.65 -47.59
CA LYS B 204 -1.27 33.99 -47.67
C LYS B 204 -0.68 34.59 -46.42
N TYR B 205 -1.10 34.22 -45.24
CA TYR B 205 -0.45 34.76 -44.03
C TYR B 205 -0.46 36.28 -43.96
N GLN B 206 -1.59 36.84 -44.43
CA GLN B 206 -1.65 38.31 -44.42
C GLN B 206 -1.43 38.85 -42.99
N ILE B 207 -0.81 39.94 -42.83
CA ILE B 207 -0.56 40.47 -41.51
C ILE B 207 -1.42 41.71 -41.24
N SER B 208 -1.69 41.86 -39.98
CA SER B 208 -2.36 42.93 -39.26
C SER B 208 -1.76 43.35 -37.92
N VAL B 209 -1.32 44.55 -37.82
CA VAL B 209 -0.79 44.98 -36.51
C VAL B 209 -1.43 46.29 -36.06
N ASN B 210 -1.61 46.49 -34.75
CA ASN B 210 -2.10 47.82 -34.31
C ASN B 210 -1.48 48.17 -32.99
N LYS B 211 -1.90 49.31 -32.47
CA LYS B 211 -1.60 49.82 -31.14
C LYS B 211 -0.12 49.87 -30.95
N TYR B 212 0.45 50.73 -31.77
CA TYR B 212 1.90 50.83 -31.73
C TYR B 212 2.38 51.54 -30.48
N ARG B 213 3.60 51.21 -30.08
CA ARG B 213 4.33 51.93 -29.07
C ARG B 213 5.78 51.52 -29.00
N GLY B 214 6.62 52.51 -28.68
CA GLY B 214 7.99 52.30 -28.39
C GLY B 214 8.99 53.29 -28.85
N THR B 215 10.22 52.82 -29.18
CA THR B 215 11.24 53.81 -29.51
C THR B 215 11.85 53.60 -30.85
N ALA B 216 11.62 52.46 -31.47
CA ALA B 216 12.12 52.19 -32.85
C ALA B 216 11.16 52.96 -33.70
N GLY B 217 10.98 53.39 -34.91
CA GLY B 217 9.61 54.08 -35.03
C GLY B 217 8.60 53.06 -35.54
N ASN B 218 7.39 53.47 -35.93
CA ASN B 218 6.31 52.64 -36.40
C ASN B 218 6.40 52.25 -37.89
N ALA B 219 7.45 51.48 -38.16
CA ALA B 219 7.78 51.01 -39.50
C ALA B 219 6.66 50.17 -40.09
N LEU B 220 6.05 49.28 -39.35
CA LEU B 220 5.07 48.42 -39.95
C LEU B 220 3.80 49.14 -40.39
N MET B 221 3.38 50.13 -39.58
CA MET B 221 2.11 50.80 -39.77
C MET B 221 2.22 52.04 -40.64
N ASP B 222 3.30 52.78 -40.50
CA ASP B 222 3.53 54.02 -41.18
C ASP B 222 4.57 54.03 -42.27
N GLY B 223 5.33 52.97 -42.56
CA GLY B 223 6.32 53.01 -43.61
C GLY B 223 7.46 53.90 -43.12
N ALA B 224 8.41 54.11 -44.01
CA ALA B 224 9.66 54.77 -43.69
C ALA B 224 9.40 56.23 -43.42
N SER B 225 10.02 56.75 -42.36
CA SER B 225 9.81 58.16 -42.05
C SER B 225 10.68 59.03 -42.93
N GLN B 226 11.71 58.53 -43.57
CA GLN B 226 12.61 59.28 -44.41
C GLN B 226 11.85 59.56 -45.71
N LEU B 227 10.70 58.94 -45.97
CA LEU B 227 10.12 59.14 -47.29
C LEU B 227 8.82 59.90 -47.13
N MET B 228 8.42 60.53 -48.22
CA MET B 228 7.26 61.30 -48.43
C MET B 228 6.27 60.69 -49.43
N GLY B 229 5.04 61.11 -49.16
CA GLY B 229 3.88 60.83 -49.93
C GLY B 229 3.71 59.38 -50.33
N GLU B 230 3.68 59.09 -51.63
CA GLU B 230 3.38 57.70 -51.95
C GLU B 230 4.62 56.85 -51.82
N ASN B 231 5.80 57.44 -51.61
CA ASN B 231 6.92 56.54 -51.47
C ASN B 231 6.78 55.91 -50.08
N ARG B 232 6.53 56.85 -49.16
CA ARG B 232 6.31 56.46 -47.79
C ARG B 232 5.22 55.38 -47.79
N THR B 233 4.11 55.66 -48.43
CA THR B 233 3.05 54.67 -48.28
C THR B 233 3.37 53.34 -48.89
N MET B 234 4.31 53.24 -49.83
CA MET B 234 4.58 51.92 -50.42
C MET B 234 5.55 51.06 -49.58
N THR B 235 5.99 51.57 -48.41
CA THR B 235 6.83 50.83 -47.55
C THR B 235 6.04 50.35 -46.34
N ILE B 236 4.72 50.48 -46.40
CA ILE B 236 3.90 50.09 -45.24
C ILE B 236 3.76 48.58 -45.27
N HIS B 237 3.70 47.91 -44.13
CA HIS B 237 3.61 46.44 -44.07
C HIS B 237 2.26 45.93 -43.68
N ASN B 238 1.64 46.80 -42.85
CA ASN B 238 0.31 46.44 -42.35
C ASN B 238 -0.62 46.01 -43.44
N GLY B 239 -1.35 44.91 -43.35
CA GLY B 239 -2.20 44.54 -44.49
C GLY B 239 -1.47 43.78 -45.61
N MET B 240 -0.12 43.65 -45.63
CA MET B 240 0.47 42.93 -46.75
C MET B 240 0.42 41.43 -46.61
N PHE B 241 0.50 40.73 -47.75
CA PHE B 241 0.61 39.29 -47.71
C PHE B 241 2.11 38.84 -47.60
N PHE B 242 2.31 37.58 -47.23
CA PHE B 242 3.68 37.10 -47.10
C PHE B 242 4.30 36.83 -48.45
N SER B 243 5.51 37.25 -48.71
CA SER B 243 6.24 36.81 -49.90
C SER B 243 7.47 35.97 -49.67
N THR B 244 7.86 35.11 -50.59
CA THR B 244 9.16 34.40 -50.57
C THR B 244 9.71 34.47 -51.98
N TYR B 245 10.98 34.26 -52.24
CA TYR B 245 11.53 34.42 -53.55
C TYR B 245 10.91 33.43 -54.55
N ASP B 246 10.40 32.29 -54.22
CA ASP B 246 9.65 31.45 -55.13
C ASP B 246 8.15 31.76 -55.09
N ARG B 247 7.74 32.87 -54.44
CA ARG B 247 6.29 33.18 -54.34
C ARG B 247 5.96 34.65 -54.17
N ASP B 248 5.83 35.37 -55.30
CA ASP B 248 5.50 36.78 -55.32
C ASP B 248 4.08 37.11 -54.85
N ASN B 249 3.93 37.80 -53.72
CA ASN B 249 2.62 38.21 -53.26
C ASN B 249 2.80 39.71 -52.93
N ASP B 250 3.89 40.26 -53.41
CA ASP B 250 4.22 41.60 -52.96
C ASP B 250 3.25 42.62 -53.54
N GLY B 251 3.41 43.88 -53.20
CA GLY B 251 2.51 44.90 -53.64
C GLY B 251 3.20 45.62 -54.77
N TRP B 252 4.01 44.94 -55.54
CA TRP B 252 4.81 45.57 -56.59
C TRP B 252 4.30 44.94 -57.89
N LEU B 253 3.29 45.63 -58.47
CA LEU B 253 2.64 45.04 -59.66
C LEU B 253 3.67 45.20 -60.76
N THR B 254 4.21 44.09 -61.29
CA THR B 254 5.29 44.23 -62.29
C THR B 254 5.44 42.93 -63.04
N SER B 255 6.02 42.95 -64.25
CA SER B 255 6.02 41.69 -64.99
C SER B 255 7.41 41.10 -65.11
N ASP B 256 8.46 41.82 -64.83
CA ASP B 256 9.82 41.28 -64.87
C ASP B 256 10.09 40.47 -63.61
N PRO B 257 10.20 39.15 -63.76
CA PRO B 257 10.37 38.16 -62.72
C PRO B 257 11.54 38.40 -61.78
N ARG B 258 12.59 38.99 -62.32
CA ARG B 258 13.73 39.37 -61.53
C ARG B 258 13.20 40.50 -60.59
N LYS B 259 12.20 41.24 -61.10
CA LYS B 259 11.72 42.35 -60.31
C LYS B 259 10.71 42.00 -59.25
N GLN B 260 11.15 41.28 -58.21
CA GLN B 260 10.40 40.92 -57.00
C GLN B 260 11.12 41.40 -55.75
N CYS B 261 10.35 41.72 -54.70
CA CYS B 261 10.86 42.34 -53.45
C CYS B 261 11.72 41.36 -52.67
N SER B 262 11.26 40.13 -52.62
CA SER B 262 11.92 39.06 -51.86
C SER B 262 13.06 38.45 -52.65
N LYS B 263 12.97 38.48 -54.01
CA LYS B 263 14.19 38.00 -54.66
C LYS B 263 15.22 39.08 -54.37
N GLU B 264 14.83 40.35 -54.33
CA GLU B 264 15.88 41.34 -54.16
C GLU B 264 16.30 41.71 -52.74
N ASP B 265 15.39 41.69 -51.76
CA ASP B 265 15.84 42.16 -50.44
C ASP B 265 16.06 40.98 -49.48
N GLY B 266 16.05 39.75 -50.01
CA GLY B 266 16.43 38.54 -49.40
C GLY B 266 15.70 37.74 -48.37
N GLY B 267 14.54 38.11 -47.81
CA GLY B 267 13.99 37.11 -46.86
C GLY B 267 12.57 36.89 -47.39
N GLY B 268 11.87 36.06 -46.64
CA GLY B 268 10.41 35.99 -46.85
C GLY B 268 9.93 37.04 -45.84
N TRP B 269 9.02 37.90 -46.26
CA TRP B 269 8.52 38.96 -45.38
C TRP B 269 7.14 39.37 -45.88
N TRP B 270 6.57 40.29 -45.09
CA TRP B 270 5.35 41.00 -45.50
C TRP B 270 5.78 42.24 -46.29
N TYR B 271 6.41 42.00 -47.46
CA TYR B 271 6.84 43.09 -48.34
C TYR B 271 5.69 43.83 -49.06
N ASN B 272 5.97 45.09 -49.31
CA ASN B 272 4.99 45.91 -50.01
C ASN B 272 5.61 46.29 -51.35
N ARG B 273 6.43 47.31 -51.37
CA ARG B 273 7.12 47.85 -52.54
C ARG B 273 8.25 48.77 -52.12
N CYS B 274 9.15 48.20 -51.30
CA CYS B 274 9.11 46.83 -50.80
C CYS B 274 8.98 46.73 -49.27
N HIS B 275 9.69 47.58 -48.54
CA HIS B 275 9.72 47.57 -47.10
C HIS B 275 10.16 48.85 -46.36
N ALA B 276 9.89 48.92 -45.06
CA ALA B 276 10.51 49.96 -44.24
C ALA B 276 11.22 49.13 -43.14
N ALA B 277 10.83 47.87 -43.02
CA ALA B 277 11.56 47.02 -42.08
C ALA B 277 11.97 45.71 -42.76
N ASN B 278 13.19 45.25 -42.55
CA ASN B 278 13.42 43.92 -43.21
C ASN B 278 14.18 43.00 -42.26
N PRO B 279 13.53 42.55 -41.20
CA PRO B 279 14.10 41.72 -40.16
C PRO B 279 14.61 40.35 -40.63
N ASN B 280 14.12 39.86 -41.77
CA ASN B 280 14.51 38.60 -42.29
C ASN B 280 15.58 38.71 -43.39
N GLY B 281 16.13 39.91 -43.54
CA GLY B 281 17.10 40.25 -44.56
C GLY B 281 18.43 39.62 -44.25
N ARG B 282 19.45 40.19 -44.87
CA ARG B 282 20.75 39.53 -44.84
C ARG B 282 21.57 40.06 -43.69
N TYR B 283 22.26 39.18 -43.00
CA TYR B 283 23.09 39.73 -41.93
C TYR B 283 24.41 40.30 -42.38
N TYR B 284 24.61 41.58 -42.61
CA TYR B 284 25.88 42.21 -42.76
C TYR B 284 26.61 42.34 -41.43
N TRP B 285 27.82 41.80 -41.43
CA TRP B 285 28.67 41.90 -40.26
C TRP B 285 29.05 43.33 -40.02
N GLY B 286 29.04 43.86 -38.81
CA GLY B 286 29.41 45.25 -38.60
C GLY B 286 28.36 46.27 -38.92
N GLY B 287 27.17 45.96 -39.46
CA GLY B 287 26.20 47.04 -39.64
C GLY B 287 26.15 47.91 -40.86
N GLN B 288 27.09 48.81 -41.07
CA GLN B 288 27.02 49.64 -42.31
C GLN B 288 27.31 48.81 -43.54
N TYR B 289 26.52 48.87 -44.59
CA TYR B 289 26.71 48.21 -45.88
C TYR B 289 26.31 49.18 -46.99
N THR B 290 26.73 48.96 -48.25
CA THR B 290 26.43 49.92 -49.32
C THR B 290 25.80 49.26 -50.52
N TRP B 291 25.30 49.99 -51.51
CA TRP B 291 24.58 49.36 -52.62
C TRP B 291 25.46 48.38 -53.40
N ASP B 292 26.75 48.63 -53.33
CA ASP B 292 27.73 47.87 -54.10
C ASP B 292 28.20 46.67 -53.32
N MET B 293 27.70 46.52 -52.10
CA MET B 293 27.97 45.28 -51.36
C MET B 293 26.75 44.37 -51.49
N ALA B 294 25.60 44.87 -51.82
CA ALA B 294 24.42 44.04 -51.86
C ALA B 294 24.31 43.24 -53.13
N LYS B 295 23.83 42.02 -53.00
CA LYS B 295 23.59 41.13 -54.11
C LYS B 295 22.95 41.92 -55.24
N HIS B 296 21.77 42.44 -55.11
CA HIS B 296 21.10 43.17 -56.17
C HIS B 296 21.12 44.65 -55.92
N GLY B 297 22.11 45.20 -55.19
CA GLY B 297 22.12 46.66 -55.11
C GLY B 297 20.99 47.29 -54.34
N THR B 298 20.17 46.56 -53.60
CA THR B 298 19.14 47.18 -52.77
C THR B 298 19.46 47.13 -51.28
N ASP B 299 18.60 47.63 -50.39
CA ASP B 299 18.81 47.63 -48.94
C ASP B 299 18.21 46.37 -48.38
N ASP B 300 18.99 45.30 -48.37
CA ASP B 300 18.59 43.92 -48.09
C ASP B 300 19.15 43.40 -46.81
N GLY B 301 19.67 44.35 -46.03
CA GLY B 301 20.12 44.06 -44.69
C GLY B 301 18.97 43.82 -43.69
N VAL B 302 19.47 43.65 -42.44
CA VAL B 302 18.54 43.42 -41.31
C VAL B 302 18.14 44.84 -40.90
N VAL B 303 17.18 45.37 -41.61
CA VAL B 303 16.89 46.80 -41.51
C VAL B 303 15.60 47.24 -40.85
N TRP B 304 15.79 48.42 -40.27
CA TRP B 304 14.65 49.12 -39.61
C TRP B 304 14.79 50.57 -39.99
N MET B 305 14.20 50.93 -41.13
CA MET B 305 14.43 52.25 -41.71
C MET B 305 14.20 53.35 -40.69
N ASN B 306 13.03 53.28 -40.04
CA ASN B 306 12.64 54.32 -39.11
C ASN B 306 13.72 54.53 -38.08
N TRP B 307 14.59 53.59 -37.76
CA TRP B 307 15.58 54.02 -36.75
C TRP B 307 16.93 54.35 -37.37
N LYS B 308 17.40 53.60 -38.35
CA LYS B 308 18.76 53.86 -38.82
C LYS B 308 18.83 53.94 -40.32
N GLY B 309 17.81 54.09 -41.11
CA GLY B 309 17.94 54.12 -42.54
C GLY B 309 18.05 52.73 -43.18
N SER B 310 18.36 52.69 -44.47
CA SER B 310 18.41 51.45 -45.15
C SER B 310 19.77 50.83 -45.29
N TRP B 311 20.81 51.57 -45.00
CA TRP B 311 22.18 51.04 -45.18
C TRP B 311 22.82 50.71 -43.86
N TYR B 312 21.99 50.30 -42.92
CA TYR B 312 22.52 49.91 -41.58
C TYR B 312 21.89 48.59 -41.18
N SER B 313 22.70 47.62 -40.80
CA SER B 313 22.11 46.29 -40.55
C SER B 313 22.16 45.97 -39.11
N MET B 314 21.13 45.50 -38.43
CA MET B 314 21.20 45.38 -36.98
C MET B 314 22.11 44.29 -36.47
N ARG B 315 22.66 44.39 -35.25
CA ARG B 315 23.44 43.26 -34.76
C ARG B 315 22.40 42.27 -34.23
N LYS B 316 21.33 42.77 -33.61
CA LYS B 316 20.29 41.88 -33.12
C LYS B 316 18.90 42.41 -33.53
N MET B 317 18.02 41.41 -33.72
CA MET B 317 16.68 41.72 -34.02
C MET B 317 15.83 40.53 -33.62
N SER B 318 14.66 40.74 -32.93
CA SER B 318 13.86 39.60 -32.62
C SER B 318 12.36 39.91 -32.69
N MET B 319 11.53 38.90 -32.71
CA MET B 319 10.12 39.17 -32.73
C MET B 319 9.51 38.29 -31.66
N LYS B 320 8.72 38.93 -30.74
CA LYS B 320 8.17 38.05 -29.70
C LYS B 320 6.69 38.22 -29.55
N ILE B 321 6.01 37.17 -29.02
CA ILE B 321 4.59 37.42 -28.89
C ILE B 321 4.07 36.89 -27.59
N ARG B 322 2.84 37.37 -27.31
CA ARG B 322 2.21 37.01 -26.00
C ARG B 322 0.73 37.30 -26.07
N PRO B 323 -0.09 36.44 -25.53
CA PRO B 323 -1.52 36.69 -25.43
C PRO B 323 -1.66 38.01 -24.68
N PHE B 324 -2.63 38.82 -25.05
CA PHE B 324 -2.92 40.13 -24.47
C PHE B 324 -3.96 40.12 -23.39
N PHE B 325 -5.19 40.65 -23.33
CA PHE B 325 -5.90 40.60 -22.01
C PHE B 325 -7.29 39.99 -21.90
N PRO B 326 -8.22 40.29 -22.78
CA PRO B 326 -9.62 39.89 -22.67
C PRO B 326 -9.95 38.42 -22.64
N THR C 15 55.33 49.96 -79.70
CA THR C 15 54.18 49.91 -78.74
C THR C 15 54.07 48.64 -77.91
N HIS C 16 53.46 48.84 -76.74
CA HIS C 16 53.27 47.83 -75.72
C HIS C 16 51.92 47.15 -75.75
N ASP C 17 51.30 46.97 -76.92
CA ASP C 17 50.02 46.28 -77.00
C ASP C 17 50.16 44.82 -76.58
N SER C 18 51.34 44.20 -76.69
CA SER C 18 51.49 42.83 -76.22
C SER C 18 50.81 42.65 -74.86
N SER C 19 50.75 43.77 -74.16
CA SER C 19 50.17 43.90 -72.83
C SER C 19 48.65 43.93 -72.87
N ILE C 20 48.05 44.87 -73.57
CA ILE C 20 46.60 44.96 -73.74
C ILE C 20 46.09 43.54 -74.03
N ARG C 21 47.07 42.72 -74.49
CA ARG C 21 46.80 41.32 -74.77
C ARG C 21 46.53 40.57 -73.44
N TYR C 22 47.58 40.49 -72.64
CA TYR C 22 47.51 39.72 -71.42
C TYR C 22 46.45 40.28 -70.47
N LEU C 23 46.08 41.55 -70.60
CA LEU C 23 45.05 42.07 -69.70
C LEU C 23 43.68 41.48 -70.02
N GLN C 24 43.20 41.57 -71.24
CA GLN C 24 41.99 40.89 -71.68
C GLN C 24 42.13 39.42 -71.27
N GLU C 25 43.33 38.85 -71.34
CA GLU C 25 43.52 37.45 -70.99
C GLU C 25 43.04 37.23 -69.55
N ILE C 26 43.63 38.00 -68.65
CA ILE C 26 43.41 37.95 -67.21
C ILE C 26 41.94 38.29 -66.94
N TYR C 27 41.44 39.40 -67.42
CA TYR C 27 40.06 39.77 -67.21
C TYR C 27 39.13 38.64 -67.62
N ASN C 28 39.26 38.05 -68.81
CA ASN C 28 38.31 36.99 -69.17
C ASN C 28 38.45 35.77 -68.24
N SER C 29 39.68 35.55 -67.77
CA SER C 29 39.80 34.35 -66.96
C SER C 29 39.01 34.53 -65.65
N ASN C 30 39.19 35.73 -65.07
CA ASN C 30 38.62 35.91 -63.75
C ASN C 30 37.13 35.96 -63.94
N ASN C 31 36.59 36.42 -65.04
CA ASN C 31 35.16 36.30 -65.25
C ASN C 31 34.71 34.85 -65.25
N GLN C 32 35.43 33.93 -65.85
CA GLN C 32 35.00 32.55 -65.86
C GLN C 32 35.24 32.00 -64.45
N LYS C 33 36.30 32.45 -63.79
CA LYS C 33 36.57 31.98 -62.43
C LYS C 33 35.36 32.29 -61.52
N ILE C 34 34.85 33.50 -61.68
CA ILE C 34 33.68 33.97 -60.97
C ILE C 34 32.45 33.12 -61.24
N VAL C 35 32.17 32.82 -62.50
CA VAL C 35 30.92 32.10 -62.81
C VAL C 35 30.96 30.75 -62.14
N ASN C 36 32.17 30.20 -62.00
CA ASN C 36 32.24 28.85 -61.43
C ASN C 36 32.17 28.90 -59.91
N LEU C 37 32.81 29.97 -59.40
CA LEU C 37 32.89 30.18 -57.97
C LEU C 37 31.45 30.21 -57.45
N LYS C 38 30.67 31.02 -58.12
CA LYS C 38 29.26 31.12 -57.86
C LYS C 38 28.58 29.77 -57.97
N GLU C 39 28.88 28.83 -58.86
CA GLU C 39 28.09 27.59 -58.77
C GLU C 39 28.55 26.87 -57.50
N LYS C 40 29.76 27.13 -57.04
CA LYS C 40 30.27 26.47 -55.84
C LYS C 40 29.67 27.02 -54.55
N VAL C 41 29.32 28.30 -54.53
CA VAL C 41 28.63 28.89 -53.39
C VAL C 41 27.23 28.31 -53.33
N ALA C 42 26.69 27.99 -54.49
CA ALA C 42 25.36 27.41 -54.60
C ALA C 42 25.35 26.00 -54.05
N GLN C 43 26.45 25.31 -54.23
CA GLN C 43 26.56 23.97 -53.63
C GLN C 43 26.75 24.06 -52.12
N LEU C 44 27.48 25.09 -51.68
CA LEU C 44 27.73 25.33 -50.26
C LEU C 44 26.41 25.58 -49.54
N GLU C 45 25.79 26.67 -49.92
CA GLU C 45 24.46 27.03 -49.44
C GLU C 45 23.52 25.84 -49.27
N ALA C 46 23.43 24.92 -50.22
CA ALA C 46 22.53 23.78 -50.01
C ALA C 46 23.07 22.95 -48.86
N GLN C 47 24.31 23.14 -48.46
CA GLN C 47 24.79 22.30 -47.37
C GLN C 47 24.47 22.82 -45.98
N CYS C 48 24.18 24.08 -45.91
CA CYS C 48 23.97 24.94 -44.78
C CYS C 48 22.55 25.38 -44.59
N GLN C 49 21.59 24.52 -44.79
CA GLN C 49 20.18 24.77 -44.64
C GLN C 49 19.62 23.95 -43.46
N GLU C 50 20.33 22.92 -43.02
CA GLU C 50 19.66 22.09 -42.02
C GLU C 50 20.03 22.68 -40.67
N PRO C 51 19.19 22.63 -39.68
CA PRO C 51 19.57 23.05 -38.33
C PRO C 51 20.54 22.06 -37.69
N CYS C 52 21.11 22.29 -36.53
CA CYS C 52 22.01 21.45 -35.82
C CYS C 52 21.35 20.13 -35.40
N LYS C 53 22.06 19.01 -35.29
CA LYS C 53 21.32 17.83 -34.87
C LYS C 53 21.08 17.93 -33.37
N ASP C 54 19.87 17.70 -32.91
CA ASP C 54 19.58 17.67 -31.49
C ASP C 54 19.68 16.20 -31.01
N THR C 55 20.46 15.98 -29.96
CA THR C 55 20.47 14.55 -29.59
C THR C 55 19.16 14.18 -28.97
N VAL C 56 18.33 15.05 -28.44
CA VAL C 56 17.13 14.59 -27.73
C VAL C 56 15.95 14.43 -28.63
N GLN C 57 15.41 13.25 -28.66
CA GLN C 57 14.24 12.82 -29.35
C GLN C 57 13.23 12.31 -28.33
N ILE C 58 11.98 12.31 -28.73
CA ILE C 58 10.82 11.85 -28.00
C ILE C 58 10.20 10.69 -28.79
N HIS C 59 10.07 9.52 -28.18
CA HIS C 59 9.50 8.35 -28.77
C HIS C 59 8.07 8.61 -29.18
N ASP C 60 7.44 7.74 -29.94
CA ASP C 60 6.13 7.81 -30.50
C ASP C 60 5.08 7.00 -29.80
N ILE C 61 5.44 6.00 -29.01
CA ILE C 61 4.41 5.24 -28.30
C ILE C 61 3.79 6.06 -27.21
N THR C 62 2.56 5.89 -26.82
CA THR C 62 1.88 6.51 -25.74
C THR C 62 1.08 5.47 -24.93
N GLY C 63 0.47 5.99 -23.85
CA GLY C 63 -0.32 5.07 -23.04
C GLY C 63 -0.61 5.73 -21.72
N LYS C 64 -1.26 5.07 -20.82
CA LYS C 64 -1.62 5.51 -19.50
C LYS C 64 -0.41 5.87 -18.66
N ASP C 65 0.64 5.08 -18.74
CA ASP C 65 1.82 5.27 -17.92
C ASP C 65 2.92 4.51 -18.67
N CYS C 66 4.09 4.34 -18.11
CA CYS C 66 5.19 3.68 -18.72
C CYS C 66 5.09 2.17 -18.86
N GLN C 67 4.26 1.54 -18.01
CA GLN C 67 4.19 0.10 -18.05
C GLN C 67 3.38 -0.29 -19.32
N ASP C 68 2.29 0.44 -19.48
CA ASP C 68 1.42 0.46 -20.59
C ASP C 68 2.23 0.70 -21.86
N ILE C 69 3.23 1.59 -21.74
CA ILE C 69 4.05 1.86 -22.92
C ILE C 69 4.82 0.59 -23.16
N ALA C 70 5.45 0.10 -22.12
CA ALA C 70 6.25 -1.11 -22.19
C ALA C 70 5.32 -2.24 -22.68
N ASN C 71 4.07 -2.27 -22.23
CA ASN C 71 3.20 -3.35 -22.71
C ASN C 71 3.12 -3.29 -24.25
N LYS C 72 3.05 -2.07 -24.77
CA LYS C 72 2.90 -1.97 -26.22
C LYS C 72 4.20 -2.19 -26.93
N GLY C 73 5.13 -2.91 -26.36
CA GLY C 73 6.36 -3.18 -27.13
C GLY C 73 7.44 -2.15 -27.05
N ALA C 74 7.24 -1.04 -26.36
CA ALA C 74 8.33 -0.06 -26.21
C ALA C 74 9.48 -0.78 -25.54
N LYS C 75 10.68 -0.74 -26.09
CA LYS C 75 11.77 -1.49 -25.50
C LYS C 75 12.85 -0.64 -24.87
N GLN C 76 12.78 0.69 -25.04
CA GLN C 76 13.81 1.56 -24.53
C GLN C 76 13.43 2.74 -23.64
N SER C 77 14.34 2.97 -22.69
CA SER C 77 14.22 4.04 -21.74
C SER C 77 14.29 5.39 -22.46
N GLY C 78 13.56 6.41 -22.09
CA GLY C 78 13.79 7.71 -22.71
C GLY C 78 12.51 8.45 -22.52
N LEU C 79 12.23 9.41 -23.37
CA LEU C 79 11.01 10.21 -23.25
C LEU C 79 9.81 9.77 -24.06
N TYR C 80 8.65 9.80 -23.44
CA TYR C 80 7.43 9.49 -24.11
C TYR C 80 6.35 10.37 -23.48
N PHE C 81 5.26 10.54 -24.21
CA PHE C 81 4.13 11.26 -23.64
C PHE C 81 3.21 10.21 -23.08
N ILE C 82 2.47 10.60 -22.04
CA ILE C 82 1.46 9.77 -21.45
C ILE C 82 0.26 10.69 -21.18
N LYS C 83 -0.84 9.97 -20.99
CA LYS C 83 -2.08 10.65 -20.68
C LYS C 83 -2.89 9.74 -19.77
N PRO C 84 -2.76 9.86 -18.47
CA PRO C 84 -3.52 9.06 -17.52
C PRO C 84 -5.02 9.20 -17.76
N LEU C 85 -5.76 8.18 -17.42
CA LEU C 85 -7.21 8.28 -17.53
C LEU C 85 -7.68 9.61 -16.96
N LYS C 86 -7.45 9.93 -15.70
CA LYS C 86 -7.88 11.21 -15.16
C LYS C 86 -7.43 12.42 -15.98
N ALA C 87 -6.31 12.40 -16.68
CA ALA C 87 -5.76 13.61 -17.28
C ALA C 87 -6.46 14.21 -18.48
N ASN C 88 -6.38 15.53 -18.62
CA ASN C 88 -7.03 16.14 -19.78
C ASN C 88 -6.00 16.70 -20.72
N GLN C 89 -4.76 16.29 -20.61
CA GLN C 89 -3.71 16.80 -21.55
C GLN C 89 -2.54 15.87 -21.36
N GLN C 90 -1.96 15.29 -22.39
CA GLN C 90 -0.84 14.38 -22.21
C GLN C 90 0.35 15.20 -21.68
N PHE C 91 1.36 14.50 -21.20
CA PHE C 91 2.54 15.27 -20.73
C PHE C 91 3.73 14.35 -20.92
N LEU C 92 4.92 14.91 -21.04
CA LEU C 92 6.14 14.16 -21.21
C LEU C 92 6.70 13.50 -19.97
N VAL C 93 7.14 12.24 -19.97
CA VAL C 93 7.70 11.62 -18.81
C VAL C 93 8.93 10.85 -19.26
N TYR C 94 9.72 10.45 -18.29
CA TYR C 94 10.93 9.66 -18.58
C TYR C 94 10.63 8.23 -18.15
N CYS C 95 10.64 7.28 -19.05
CA CYS C 95 10.33 5.90 -18.71
C CYS C 95 11.58 5.05 -18.72
N GLU C 96 11.69 4.26 -17.68
CA GLU C 96 12.85 3.34 -17.55
C GLU C 96 12.28 1.94 -17.82
N ILE C 97 12.79 1.38 -18.92
CA ILE C 97 12.23 0.04 -19.27
C ILE C 97 13.37 -0.94 -19.15
N ASP C 98 13.19 -2.02 -18.38
CA ASP C 98 14.32 -2.95 -18.22
C ASP C 98 14.31 -4.00 -19.33
N GLY C 99 15.25 -4.95 -19.26
CA GLY C 99 15.30 -6.02 -20.26
C GLY C 99 14.05 -6.89 -20.13
N SER C 100 13.62 -7.13 -18.89
CA SER C 100 12.47 -7.95 -18.63
C SER C 100 11.13 -7.34 -18.93
N GLY C 101 11.00 -6.20 -19.56
CA GLY C 101 9.65 -5.69 -19.77
C GLY C 101 9.11 -4.77 -18.70
N ASN C 102 9.87 -4.46 -17.62
CA ASN C 102 9.24 -3.48 -16.71
C ASN C 102 9.45 -2.04 -17.21
N GLY C 103 8.39 -1.27 -17.13
CA GLY C 103 8.51 0.15 -17.47
C GLY C 103 8.18 0.98 -16.22
N TRP C 104 9.18 1.61 -15.59
CA TRP C 104 8.95 2.46 -14.45
C TRP C 104 8.69 3.90 -14.91
N THR C 105 7.78 4.61 -14.27
CA THR C 105 7.54 6.02 -14.45
C THR C 105 8.32 6.79 -13.38
N VAL C 106 9.40 7.45 -13.84
CA VAL C 106 10.29 8.15 -12.91
C VAL C 106 9.70 9.51 -12.58
N PHE C 107 9.50 9.86 -11.32
CA PHE C 107 8.95 11.20 -11.06
C PHE C 107 9.94 12.08 -10.32
N GLN C 108 11.07 11.56 -9.89
CA GLN C 108 12.07 12.29 -9.17
C GLN C 108 13.47 11.79 -9.48
N LYS C 109 14.43 12.72 -9.59
CA LYS C 109 15.80 12.27 -9.85
C LYS C 109 16.83 13.27 -9.37
N ARG C 110 17.90 12.79 -8.72
CA ARG C 110 18.91 13.73 -8.23
C ARG C 110 20.29 13.07 -8.53
N LEU C 111 21.26 13.85 -9.02
CA LEU C 111 22.50 13.18 -9.33
C LEU C 111 23.66 14.13 -9.32
N ASP C 112 23.56 15.40 -9.31
CA ASP C 112 24.67 16.35 -9.30
C ASP C 112 24.14 17.58 -8.62
N GLY C 113 24.67 18.69 -8.23
CA GLY C 113 23.52 19.52 -7.54
C GLY C 113 23.03 20.59 -8.53
N SER C 114 22.67 20.30 -9.78
CA SER C 114 22.33 21.34 -10.76
C SER C 114 20.97 21.98 -10.64
N VAL C 115 20.01 21.43 -9.95
CA VAL C 115 18.73 22.12 -9.87
C VAL C 115 18.53 22.44 -8.40
N ASP C 116 17.94 23.59 -8.25
CA ASP C 116 17.60 24.06 -6.95
C ASP C 116 16.23 23.48 -6.60
N PHE C 117 16.17 22.72 -5.52
CA PHE C 117 14.88 22.12 -5.15
C PHE C 117 14.15 23.03 -4.15
N LYS C 118 14.67 24.23 -3.87
CA LYS C 118 13.97 25.16 -3.01
C LYS C 118 12.89 25.80 -3.88
N LYS C 119 11.73 25.27 -4.12
CA LYS C 119 10.80 25.87 -5.10
C LYS C 119 9.48 26.16 -4.41
N ASN C 120 8.56 26.82 -5.02
CA ASN C 120 7.32 27.21 -4.38
C ASN C 120 6.26 26.19 -4.72
N TRP C 121 5.08 26.25 -4.22
CA TRP C 121 4.02 25.31 -4.32
C TRP C 121 3.62 24.97 -5.76
N ILE C 122 3.46 25.97 -6.56
CA ILE C 122 3.16 25.99 -7.93
C ILE C 122 4.24 25.17 -8.65
N GLN C 123 5.50 25.47 -8.40
CA GLN C 123 6.58 24.80 -9.12
C GLN C 123 6.56 23.32 -8.72
N TYR C 124 6.39 23.08 -7.42
CA TYR C 124 6.29 21.65 -7.06
C TYR C 124 5.06 21.00 -7.65
N LYS C 125 4.02 21.79 -7.89
CA LYS C 125 2.79 21.18 -8.40
C LYS C 125 2.90 20.83 -9.91
N GLU C 126 3.52 21.72 -10.68
CA GLU C 126 3.67 21.59 -12.11
C GLU C 126 4.93 20.87 -12.56
N GLY C 127 6.04 20.82 -11.81
CA GLY C 127 7.27 20.23 -12.16
C GLY C 127 8.34 21.30 -12.42
N PHE C 128 9.58 20.86 -12.30
CA PHE C 128 10.71 21.78 -12.54
C PHE C 128 11.91 20.87 -12.79
N GLY C 129 12.94 21.31 -13.48
CA GLY C 129 14.08 20.47 -13.86
C GLY C 129 13.91 20.10 -15.33
N HIS C 130 14.70 19.11 -15.77
CA HIS C 130 14.67 18.68 -17.18
C HIS C 130 14.56 17.19 -17.40
N LEU C 131 13.97 16.85 -18.53
CA LEU C 131 13.85 15.40 -18.81
C LEU C 131 14.90 15.02 -19.83
N SER C 132 15.63 13.89 -19.67
CA SER C 132 16.66 13.59 -20.68
C SER C 132 16.50 12.17 -21.18
N PRO C 133 16.90 11.91 -22.39
CA PRO C 133 16.73 10.60 -23.04
C PRO C 133 17.51 9.61 -22.22
N THR C 134 18.69 10.03 -21.81
CA THR C 134 19.67 9.34 -21.03
C THR C 134 19.49 9.34 -19.52
N GLY C 135 18.44 9.93 -18.93
CA GLY C 135 18.34 9.95 -17.48
C GLY C 135 19.55 10.64 -16.85
N THR C 136 20.02 11.78 -17.29
CA THR C 136 21.23 12.34 -16.73
C THR C 136 20.95 13.72 -16.23
N THR C 137 19.72 13.94 -15.86
CA THR C 137 19.19 15.25 -15.48
C THR C 137 18.31 15.18 -14.27
N GLU C 138 18.35 16.22 -13.48
CA GLU C 138 17.53 16.30 -12.28
C GLU C 138 16.17 16.88 -12.56
N PHE C 139 15.22 16.43 -11.73
CA PHE C 139 13.88 16.99 -11.95
C PHE C 139 12.91 16.49 -10.91
N TRP C 140 11.78 17.17 -10.88
CA TRP C 140 10.65 16.77 -10.06
C TRP C 140 9.48 16.69 -11.05
N LEU C 141 8.90 15.49 -11.25
CA LEU C 141 7.80 15.48 -12.26
C LEU C 141 6.74 16.37 -11.73
N GLY C 142 5.71 17.11 -12.00
CA GLY C 142 5.06 17.68 -10.69
C GLY C 142 4.10 16.85 -9.88
N ASN C 143 3.70 17.38 -8.70
CA ASN C 143 2.73 16.73 -7.84
C ASN C 143 1.44 16.37 -8.58
N GLU C 144 0.91 17.30 -9.37
CA GLU C 144 -0.38 17.05 -10.01
C GLU C 144 -0.28 15.83 -10.91
N LYS C 145 0.81 15.76 -11.65
CA LYS C 145 1.05 14.62 -12.51
C LYS C 145 1.20 13.34 -11.70
N ILE C 146 1.98 13.41 -10.63
CA ILE C 146 2.19 12.15 -9.86
C ILE C 146 0.80 11.77 -9.33
N HIS C 147 -0.05 12.76 -9.05
CA HIS C 147 -1.42 12.48 -8.55
C HIS C 147 -2.24 11.83 -9.66
N LEU C 148 -2.28 12.43 -10.83
CA LEU C 148 -3.05 11.80 -11.90
C LEU C 148 -2.50 10.43 -12.23
N ILE C 149 -1.20 10.17 -12.39
CA ILE C 149 -0.75 8.83 -12.72
C ILE C 149 -1.14 7.79 -11.67
N SER C 150 -0.94 8.05 -10.39
CA SER C 150 -1.05 7.06 -9.35
C SER C 150 -2.45 6.86 -8.81
N THR C 151 -3.46 7.61 -9.17
CA THR C 151 -4.78 7.31 -8.64
C THR C 151 -5.70 7.13 -9.84
N GLN C 152 -5.22 6.73 -11.00
CA GLN C 152 -6.02 6.70 -12.23
C GLN C 152 -6.94 5.49 -12.31
N SER C 153 -6.55 4.43 -11.63
CA SER C 153 -7.39 3.23 -11.71
C SER C 153 -7.11 2.38 -10.46
N ALA C 154 -8.08 1.56 -10.12
CA ALA C 154 -7.89 0.75 -8.91
C ALA C 154 -6.69 -0.15 -9.01
N ILE C 155 -5.92 -0.14 -10.11
CA ILE C 155 -4.73 -1.01 -10.08
C ILE C 155 -3.72 -0.24 -9.22
N PRO C 156 -3.36 -0.80 -8.09
CA PRO C 156 -2.44 -0.17 -7.15
C PRO C 156 -1.03 -0.07 -7.70
N TYR C 157 -0.35 1.05 -7.41
CA TYR C 157 1.05 1.20 -7.84
C TYR C 157 1.98 0.96 -6.66
N ALA C 158 3.21 0.63 -6.90
CA ALA C 158 4.24 0.60 -5.85
C ALA C 158 5.24 1.75 -6.16
N LEU C 159 5.84 2.28 -5.12
CA LEU C 159 6.83 3.34 -5.26
C LEU C 159 8.19 2.68 -5.06
N ARG C 160 9.20 2.98 -5.84
CA ARG C 160 10.50 2.46 -5.53
C ARG C 160 11.42 3.72 -5.39
N VAL C 161 12.15 3.76 -4.30
CA VAL C 161 13.09 4.78 -3.96
C VAL C 161 14.46 4.17 -4.23
N GLU C 162 15.30 4.66 -5.11
CA GLU C 162 16.65 4.11 -5.24
C GLU C 162 17.64 5.14 -4.72
N LEU C 163 18.64 4.72 -3.99
CA LEU C 163 19.64 5.63 -3.47
C LEU C 163 21.06 5.24 -3.84
N GLU C 164 21.91 6.24 -3.98
CA GLU C 164 23.31 5.88 -4.22
C GLU C 164 24.18 6.78 -3.34
N ASP C 165 25.11 6.19 -2.59
CA ASP C 165 26.00 6.88 -1.70
C ASP C 165 27.23 7.38 -2.47
N TRP C 166 28.10 8.10 -1.76
CA TRP C 166 29.28 8.58 -2.45
C TRP C 166 30.28 7.45 -2.66
N ASN C 167 30.09 6.17 -2.36
CA ASN C 167 31.11 5.19 -2.62
C ASN C 167 30.75 4.26 -3.78
N GLY C 168 29.63 4.54 -4.44
CA GLY C 168 29.19 3.60 -5.49
C GLY C 168 28.11 2.72 -4.87
N ARG C 169 27.80 2.79 -3.58
CA ARG C 169 26.81 1.83 -3.09
C ARG C 169 25.38 2.18 -3.39
N THR C 170 24.58 1.16 -3.73
CA THR C 170 23.18 1.48 -4.00
C THR C 170 22.26 0.68 -3.10
N SER C 171 21.11 1.21 -2.71
CA SER C 171 20.17 0.46 -1.85
C SER C 171 18.77 0.86 -2.27
N THR C 172 17.71 0.17 -1.92
CA THR C 172 16.38 0.53 -2.42
C THR C 172 15.35 0.43 -1.30
N ALA C 173 14.16 0.97 -1.59
CA ALA C 173 13.13 0.89 -0.57
C ALA C 173 11.81 0.87 -1.33
N ASP C 174 11.01 -0.19 -1.10
CA ASP C 174 9.76 -0.18 -1.85
C ASP C 174 8.59 -0.01 -0.89
N TYR C 175 7.55 0.53 -1.46
CA TYR C 175 6.32 0.86 -0.79
C TYR C 175 5.11 0.43 -1.61
N ALA C 176 4.12 -0.22 -0.97
CA ALA C 176 3.01 -0.74 -1.76
C ALA C 176 1.81 0.16 -1.78
N MET C 177 1.04 0.03 -2.86
CA MET C 177 -0.13 0.90 -2.96
C MET C 177 0.20 2.36 -2.60
N PHE C 178 1.12 2.93 -3.34
CA PHE C 178 1.62 4.28 -3.26
C PHE C 178 0.61 5.24 -3.87
N LYS C 179 0.29 6.37 -3.28
CA LYS C 179 -0.66 7.22 -4.03
C LYS C 179 -0.48 8.67 -3.64
N VAL C 180 -0.67 9.60 -4.57
CA VAL C 180 -0.60 11.00 -4.08
C VAL C 180 -1.99 11.62 -4.18
N GLY C 181 -2.48 12.24 -3.13
CA GLY C 181 -3.83 12.82 -3.18
C GLY C 181 -3.95 14.00 -4.11
N PRO C 182 -5.16 14.52 -4.21
CA PRO C 182 -5.46 15.67 -5.07
C PRO C 182 -4.91 16.91 -4.42
N GLU C 183 -5.00 18.01 -5.14
CA GLU C 183 -4.55 19.27 -4.51
C GLU C 183 -5.55 19.64 -3.43
N ALA C 184 -6.82 19.29 -3.55
CA ALA C 184 -7.74 19.65 -2.47
C ALA C 184 -7.17 19.13 -1.15
N ASP C 185 -6.47 18.03 -1.06
CA ASP C 185 -5.94 17.45 0.16
C ASP C 185 -4.43 17.61 0.21
N LYS C 186 -3.89 18.65 -0.43
CA LYS C 186 -2.49 18.99 -0.36
C LYS C 186 -1.54 17.90 -0.77
N TYR C 187 -1.87 17.19 -1.84
CA TYR C 187 -0.95 16.17 -2.35
C TYR C 187 -0.41 15.25 -1.27
N ARG C 188 -1.36 14.86 -0.42
CA ARG C 188 -1.08 13.91 0.65
C ARG C 188 -0.50 12.60 0.07
N LEU C 189 0.58 12.23 0.69
CA LEU C 189 1.22 10.96 0.37
C LEU C 189 0.61 9.79 1.19
N THR C 190 0.51 8.64 0.53
CA THR C 190 0.00 7.48 1.27
C THR C 190 0.46 6.19 0.65
N TYR C 191 0.80 5.22 1.45
CA TYR C 191 1.13 3.92 0.92
C TYR C 191 0.48 2.94 1.91
N ALA C 192 0.46 1.64 1.61
CA ALA C 192 -0.24 0.76 2.57
C ALA C 192 0.82 0.27 3.51
N TYR C 193 1.92 -0.15 2.92
CA TYR C 193 3.01 -0.63 3.75
C TYR C 193 4.30 -0.61 2.99
N PHE C 194 5.38 -0.71 3.69
CA PHE C 194 6.74 -0.89 3.26
C PHE C 194 6.84 -2.31 2.71
N ALA C 195 7.29 -2.55 1.51
CA ALA C 195 7.43 -3.88 0.95
C ALA C 195 8.88 -4.35 1.00
N GLY C 196 9.78 -3.72 1.76
CA GLY C 196 11.15 -4.23 1.84
C GLY C 196 12.12 -3.42 1.08
N GLY C 197 13.39 -3.65 1.19
CA GLY C 197 14.52 -3.02 0.55
C GLY C 197 15.62 -2.81 1.58
N ASP C 198 16.87 -2.82 1.22
CA ASP C 198 17.94 -2.65 2.18
C ASP C 198 18.15 -1.19 2.52
N ALA C 199 17.43 -0.22 1.95
CA ALA C 199 17.68 1.15 2.31
C ALA C 199 16.95 1.39 3.64
N GLY C 200 16.14 0.38 3.95
CA GLY C 200 15.32 0.54 5.17
C GLY C 200 14.12 1.46 4.93
N ASP C 201 13.15 1.50 5.81
CA ASP C 201 11.92 2.27 5.79
C ASP C 201 11.98 3.57 6.58
N ALA C 202 12.67 4.55 6.02
CA ALA C 202 12.72 5.87 6.68
C ALA C 202 11.33 6.48 6.70
N PHE C 203 10.44 5.99 5.82
CA PHE C 203 9.11 6.62 5.80
C PHE C 203 8.40 6.36 7.10
N ASP C 204 8.88 5.29 7.75
CA ASP C 204 8.30 4.96 9.06
C ASP C 204 8.80 5.83 10.21
N GLY C 205 9.62 6.85 9.97
CA GLY C 205 10.08 7.64 11.11
C GLY C 205 11.36 6.99 11.64
N PHE C 206 12.19 7.75 12.35
CA PHE C 206 13.38 7.20 12.92
C PHE C 206 13.49 7.68 14.38
N ASP C 207 14.09 6.82 15.20
CA ASP C 207 14.30 7.06 16.60
C ASP C 207 15.68 7.69 16.76
N PHE C 208 15.67 9.02 16.64
CA PHE C 208 16.99 9.66 16.58
C PHE C 208 17.69 9.66 17.91
N GLY C 209 17.00 9.99 18.96
CA GLY C 209 17.60 10.07 20.29
C GLY C 209 16.47 9.98 21.32
N ASP C 210 16.79 10.66 22.37
CA ASP C 210 16.03 10.73 23.59
C ASP C 210 14.55 11.02 23.46
N ASP C 211 14.13 12.04 22.70
CA ASP C 211 12.68 12.24 22.72
C ASP C 211 11.99 10.89 22.44
N PRO C 212 10.96 10.64 23.20
CA PRO C 212 10.20 9.42 23.03
C PRO C 212 9.29 9.62 21.82
N SER C 213 9.05 10.88 21.46
CA SER C 213 8.16 11.05 20.30
C SER C 213 8.80 11.34 18.94
N ASP C 214 10.09 11.14 18.81
CA ASP C 214 10.93 11.17 17.64
C ASP C 214 10.36 10.56 16.35
N LYS C 215 10.23 9.25 16.51
CA LYS C 215 9.77 8.33 15.52
C LYS C 215 8.37 8.75 15.11
N PHE C 216 7.49 9.20 15.97
CA PHE C 216 6.13 9.52 15.54
C PHE C 216 6.20 10.75 14.64
N PHE C 217 6.90 11.77 15.09
CA PHE C 217 7.06 13.00 14.40
C PHE C 217 7.96 12.93 13.19
N THR C 218 8.83 11.95 13.00
CA THR C 218 9.59 12.00 11.74
C THR C 218 8.98 11.00 10.78
N SER C 219 7.69 10.56 10.87
CA SER C 219 7.29 9.56 9.85
C SER C 219 6.54 10.24 8.71
N HIS C 220 6.35 9.61 7.53
CA HIS C 220 5.77 10.36 6.45
C HIS C 220 4.47 9.90 5.84
N ASN C 221 4.04 8.72 6.19
CA ASN C 221 2.76 8.21 5.63
C ASN C 221 1.65 9.11 6.08
N GLY C 222 0.75 9.57 5.21
CA GLY C 222 -0.29 10.50 5.58
C GLY C 222 0.16 11.94 5.72
N MET C 223 1.37 12.34 5.31
CA MET C 223 1.67 13.76 5.49
C MET C 223 1.24 14.57 4.29
N GLN C 224 0.68 15.76 4.38
CA GLN C 224 0.39 16.56 3.24
C GLN C 224 1.74 17.10 2.77
N PHE C 225 1.86 17.59 1.54
CA PHE C 225 3.10 18.11 1.02
C PHE C 225 3.27 19.50 1.57
N SER C 226 4.52 19.97 1.70
CA SER C 226 4.66 21.39 2.09
C SER C 226 5.78 22.01 1.31
N THR C 227 5.79 23.30 1.14
CA THR C 227 6.76 24.16 0.55
C THR C 227 6.92 25.40 1.44
N TRP C 228 7.92 26.21 1.11
CA TRP C 228 8.11 27.39 1.97
C TRP C 228 6.84 28.21 2.01
N ASP C 229 6.16 28.42 0.92
CA ASP C 229 4.95 29.20 0.93
C ASP C 229 3.65 28.47 1.10
N ASN C 230 3.64 27.26 1.53
CA ASN C 230 2.29 26.63 1.70
C ASN C 230 2.52 25.53 2.73
N ASP C 231 2.48 25.90 4.01
CA ASP C 231 2.91 25.05 5.11
C ASP C 231 1.78 24.09 5.51
N ASN C 232 2.06 22.79 5.44
CA ASN C 232 0.98 21.92 5.86
C ASN C 232 1.60 20.90 6.82
N ASP C 233 2.71 21.30 7.46
CA ASP C 233 3.38 20.27 8.28
C ASP C 233 2.86 20.05 9.69
N LYS C 234 3.53 19.26 10.54
CA LYS C 234 3.00 19.06 11.92
C LYS C 234 3.93 19.74 12.91
N PHE C 235 4.37 20.90 12.53
CA PHE C 235 5.33 21.68 13.31
C PHE C 235 4.74 23.09 13.37
N GLU C 236 4.92 23.73 14.48
CA GLU C 236 4.41 25.07 14.78
C GLU C 236 5.22 26.00 13.91
N GLY C 237 6.37 25.52 13.45
CA GLY C 237 7.14 26.33 12.49
C GLY C 237 6.87 25.79 11.07
N ASN C 238 7.82 26.18 10.21
CA ASN C 238 7.82 25.86 8.79
C ASN C 238 9.02 25.00 8.34
N CYS C 239 8.84 23.70 8.45
CA CYS C 239 9.89 22.75 8.13
C CYS C 239 10.55 22.98 6.78
N ALA C 240 9.78 23.09 5.69
CA ALA C 240 10.17 23.25 4.32
C ALA C 240 10.97 24.52 4.11
N GLU C 241 10.53 25.59 4.71
CA GLU C 241 11.17 26.91 4.69
C GLU C 241 12.45 26.70 5.47
N GLN C 242 12.43 26.02 6.63
CA GLN C 242 13.72 25.86 7.30
C GLN C 242 14.63 24.90 6.55
N ASP C 243 14.12 23.83 5.93
CA ASP C 243 15.11 22.96 5.27
C ASP C 243 15.34 23.31 3.81
N GLY C 244 14.57 24.22 3.21
CA GLY C 244 14.75 24.62 1.85
C GLY C 244 14.37 23.54 0.83
N SER C 245 13.15 23.01 0.93
CA SER C 245 12.82 21.97 -0.04
C SER C 245 11.32 21.83 -0.13
N GLY C 246 10.84 20.87 -0.94
CA GLY C 246 9.33 20.70 -0.99
C GLY C 246 9.18 19.24 -0.59
N TRP C 247 8.45 18.88 0.45
CA TRP C 247 8.42 17.48 0.85
C TRP C 247 7.19 17.24 1.67
N TRP C 248 6.94 15.95 1.95
CA TRP C 248 5.80 15.59 2.84
C TRP C 248 6.40 15.53 4.25
N MET C 249 6.46 16.75 4.76
CA MET C 249 7.11 17.09 6.04
C MET C 249 6.30 16.69 7.24
N ASN C 250 6.93 16.19 8.28
CA ASN C 250 6.14 15.98 9.53
C ASN C 250 6.92 16.55 10.71
N LYS C 251 7.16 17.74 11.09
CA LYS C 251 8.08 17.94 12.26
C LYS C 251 9.32 17.12 12.52
N CYS C 252 10.28 16.92 11.61
CA CYS C 252 10.06 17.37 10.24
C CYS C 252 10.20 16.14 9.34
N HIS C 253 11.31 15.42 9.34
CA HIS C 253 11.40 14.28 8.44
C HIS C 253 12.44 13.24 8.85
N ALA C 254 12.48 12.09 8.25
CA ALA C 254 13.56 11.10 8.47
C ALA C 254 14.03 10.59 7.11
N GLY C 255 13.28 10.77 6.05
CA GLY C 255 13.53 10.50 4.63
C GLY C 255 13.28 11.85 3.91
N HIS C 256 14.26 12.47 3.28
CA HIS C 256 14.05 13.80 2.68
C HIS C 256 14.77 13.88 1.33
N LEU C 257 14.24 13.33 0.23
CA LEU C 257 15.04 13.31 -0.98
C LEU C 257 15.05 14.62 -1.74
N ASN C 258 14.41 15.66 -1.28
CA ASN C 258 14.35 16.88 -2.07
C ASN C 258 15.19 17.90 -1.35
N GLY C 259 16.06 17.41 -0.48
CA GLY C 259 16.95 18.27 0.30
C GLY C 259 18.09 18.91 -0.52
N VAL C 260 18.88 19.69 0.24
CA VAL C 260 20.04 20.36 -0.31
C VAL C 260 21.08 19.41 -0.76
N TYR C 261 21.72 19.70 -1.90
CA TYR C 261 22.69 18.75 -2.46
C TYR C 261 24.06 19.13 -1.93
N TYR C 262 24.74 18.36 -1.16
CA TYR C 262 26.04 18.50 -0.58
C TYR C 262 27.00 17.50 -1.23
N GLN C 263 28.10 18.02 -1.76
CA GLN C 263 29.13 17.22 -2.39
C GLN C 263 29.84 16.30 -1.41
N GLY C 264 30.14 15.05 -1.81
CA GLY C 264 30.90 14.22 -0.91
C GLY C 264 30.04 13.69 0.24
N GLY C 265 28.77 14.02 0.37
CA GLY C 265 27.94 13.37 1.34
C GLY C 265 27.98 13.88 2.76
N THR C 266 29.13 13.86 3.39
CA THR C 266 29.23 14.29 4.80
C THR C 266 29.06 15.78 4.87
N TYR C 267 28.29 16.31 5.78
CA TYR C 267 28.07 17.74 5.95
C TYR C 267 27.80 17.95 7.44
N SER C 268 27.68 19.13 8.00
CA SER C 268 27.52 19.18 9.47
C SER C 268 26.62 20.33 9.85
N LYS C 269 26.12 20.47 11.07
CA LYS C 269 25.23 21.61 11.31
C LYS C 269 25.81 22.94 10.91
N ALA C 270 27.10 23.14 11.11
CA ALA C 270 27.74 24.41 10.71
C ALA C 270 27.36 24.81 9.28
N SER C 271 27.48 23.92 8.30
CA SER C 271 27.20 24.21 6.92
C SER C 271 25.75 24.63 6.75
N THR C 272 24.90 23.93 7.49
CA THR C 272 23.46 24.19 7.31
C THR C 272 23.21 25.65 7.63
N PRO C 273 22.07 26.12 7.19
CA PRO C 273 21.67 27.50 7.35
C PRO C 273 20.83 27.74 8.57
N ASN C 274 20.10 26.76 9.11
CA ASN C 274 19.27 27.00 10.30
C ASN C 274 19.81 26.15 11.44
N GLY C 275 20.71 25.24 11.10
CA GLY C 275 21.25 24.31 12.09
C GLY C 275 20.70 22.91 11.94
N TYR C 276 19.57 22.70 11.28
CA TYR C 276 19.05 21.33 11.14
C TYR C 276 19.48 20.61 9.86
N ASP C 277 19.43 19.30 9.90
CA ASP C 277 19.89 18.39 8.83
C ASP C 277 19.07 18.62 7.57
N ASN C 278 19.63 19.23 6.53
CA ASN C 278 18.67 19.49 5.41
C ASN C 278 19.06 18.83 4.10
N GLY C 279 19.89 17.83 4.21
CA GLY C 279 20.45 17.08 3.12
C GLY C 279 19.51 16.09 2.46
N ILE C 280 20.09 15.35 1.56
CA ILE C 280 19.32 14.31 0.83
C ILE C 280 19.54 13.11 1.72
N ILE C 281 18.67 12.96 2.70
CA ILE C 281 18.87 11.97 3.76
C ILE C 281 17.89 10.81 3.74
N TRP C 282 18.32 9.68 4.20
CA TRP C 282 17.46 8.50 4.39
C TRP C 282 17.95 7.79 5.65
N ALA C 283 17.54 8.34 6.78
CA ALA C 283 18.00 7.99 8.11
C ALA C 283 18.25 6.51 8.39
N THR C 284 17.32 5.63 7.99
CA THR C 284 17.49 4.23 8.22
C THR C 284 18.66 3.67 7.41
N TRP C 285 19.33 4.39 6.52
CA TRP C 285 20.38 3.80 5.73
C TRP C 285 21.71 4.47 6.06
N LYS C 286 21.74 5.71 6.44
CA LYS C 286 22.95 6.42 6.73
C LYS C 286 22.46 7.52 7.67
N THR C 287 23.38 8.14 8.36
CA THR C 287 23.11 9.19 9.30
C THR C 287 22.54 10.43 8.67
N ARG C 288 21.67 11.13 9.38
CA ARG C 288 21.13 12.34 8.76
C ARG C 288 22.22 13.31 8.37
N TRP C 289 23.42 13.19 8.88
CA TRP C 289 24.46 14.16 8.41
C TRP C 289 25.22 13.68 7.19
N TYR C 290 24.65 12.81 6.40
CA TYR C 290 25.23 12.30 5.18
C TYR C 290 24.17 12.43 4.07
N SER C 291 24.53 13.12 3.01
CA SER C 291 23.60 13.40 1.89
C SER C 291 23.98 12.53 0.71
N MET C 292 22.94 11.94 0.14
CA MET C 292 23.05 11.04 -1.00
C MET C 292 23.69 11.65 -2.22
N LYS C 293 24.23 10.84 -3.10
CA LYS C 293 24.83 11.21 -4.34
C LYS C 293 23.76 11.26 -5.45
N LYS C 294 22.93 10.23 -5.37
CA LYS C 294 21.85 10.10 -6.31
C LYS C 294 20.63 9.55 -5.61
N THR C 295 19.54 9.93 -6.21
CA THR C 295 18.22 9.50 -5.77
C THR C 295 17.36 9.26 -6.99
N THR C 296 16.44 8.33 -6.87
CA THR C 296 15.49 8.14 -7.95
C THR C 296 14.14 7.79 -7.29
N MET C 297 13.04 8.37 -7.76
CA MET C 297 11.75 7.97 -7.19
C MET C 297 10.93 7.53 -8.42
N LYS C 298 10.32 6.36 -8.42
CA LYS C 298 9.63 5.86 -9.57
C LYS C 298 8.55 4.85 -9.23
N ILE C 299 7.46 4.84 -10.01
CA ILE C 299 6.36 3.95 -9.72
C ILE C 299 6.03 2.97 -10.83
N ILE C 300 5.41 1.88 -10.45
CA ILE C 300 5.13 0.75 -11.31
C ILE C 300 3.90 0.08 -10.72
N PRO C 301 3.07 -0.46 -11.59
CA PRO C 301 1.88 -1.23 -11.17
C PRO C 301 2.42 -2.38 -10.35
N PHE C 302 1.93 -2.50 -9.10
CA PHE C 302 2.44 -3.41 -8.08
C PHE C 302 2.49 -4.91 -8.41
N ASN C 303 1.70 -5.28 -9.40
CA ASN C 303 1.59 -6.62 -9.91
C ASN C 303 2.86 -6.99 -10.63
N ARG C 304 3.68 -5.99 -10.88
CA ARG C 304 4.93 -6.20 -11.60
C ARG C 304 5.99 -6.73 -10.65
N LEU C 305 5.59 -6.72 -9.38
CA LEU C 305 6.53 -7.17 -8.36
C LEU C 305 5.95 -8.32 -7.56
N THR C 306 4.67 -8.63 -7.72
CA THR C 306 4.03 -9.75 -7.04
C THR C 306 4.71 -11.08 -7.33
N LEU D 25 -39.20 -69.05 64.06
CA LEU D 25 -37.94 -68.25 63.99
C LEU D 25 -38.20 -67.34 62.78
N LEU D 26 -39.25 -67.82 62.10
CA LEU D 26 -39.84 -67.23 60.91
C LEU D 26 -39.80 -65.72 61.03
N GLN D 27 -39.91 -65.19 62.26
CA GLN D 27 -39.81 -63.72 62.36
C GLN D 27 -38.37 -63.41 61.95
N LYS D 28 -37.48 -64.27 62.46
CA LYS D 28 -36.06 -64.20 62.15
C LYS D 28 -35.86 -63.79 60.70
N ASN D 29 -36.15 -64.72 59.79
CA ASN D 29 -36.00 -64.49 58.36
C ASN D 29 -36.71 -63.23 57.86
N VAL D 30 -38.04 -63.13 57.93
CA VAL D 30 -38.55 -61.82 57.54
C VAL D 30 -37.54 -60.80 58.13
N ARG D 31 -36.81 -61.18 59.19
CA ARG D 31 -35.81 -60.29 59.79
C ARG D 31 -34.86 -59.78 58.68
N ALA D 32 -34.19 -60.81 58.19
CA ALA D 32 -33.16 -60.81 57.20
C ALA D 32 -33.69 -60.31 55.87
N GLN D 33 -34.63 -61.00 55.25
CA GLN D 33 -35.22 -60.53 54.00
C GLN D 33 -35.69 -59.11 54.26
N LEU D 34 -36.08 -58.76 55.48
CA LEU D 34 -36.48 -57.36 55.60
C LEU D 34 -35.29 -56.49 55.19
N VAL D 35 -34.14 -56.80 55.78
CA VAL D 35 -32.92 -56.04 55.52
C VAL D 35 -32.61 -56.12 54.04
N ASP D 36 -32.61 -57.33 53.51
CA ASP D 36 -32.30 -57.64 52.13
C ASP D 36 -33.10 -56.81 51.12
N MET D 37 -34.32 -56.58 51.48
CA MET D 37 -35.31 -55.77 50.82
C MET D 37 -35.06 -54.30 50.97
N LYS D 38 -34.62 -53.81 52.10
CA LYS D 38 -34.33 -52.42 52.40
C LYS D 38 -33.09 -51.95 51.65
N ARG D 39 -32.07 -52.80 51.51
CA ARG D 39 -30.85 -52.51 50.78
C ARG D 39 -31.14 -52.50 49.27
N LEU D 40 -31.83 -53.50 48.76
CA LEU D 40 -32.26 -53.60 47.40
C LEU D 40 -33.04 -52.36 46.96
N GLU D 41 -33.98 -51.92 47.83
CA GLU D 41 -34.64 -50.74 47.31
C GLU D 41 -33.57 -49.65 47.15
N VAL D 42 -32.76 -49.50 48.23
CA VAL D 42 -31.75 -48.46 48.18
C VAL D 42 -30.80 -48.61 47.01
N ASP D 43 -30.35 -49.76 46.68
CA ASP D 43 -29.48 -50.01 45.54
C ASP D 43 -30.26 -49.59 44.31
N ILE D 44 -31.50 -49.99 44.11
CA ILE D 44 -32.24 -49.66 42.87
C ILE D 44 -32.38 -48.17 42.69
N ASP D 45 -32.56 -47.46 43.79
CA ASP D 45 -32.67 -45.98 43.69
C ASP D 45 -31.35 -45.36 43.24
N ILE D 46 -30.19 -45.73 43.78
CA ILE D 46 -28.90 -45.31 43.33
C ILE D 46 -28.77 -45.78 41.87
N LYS D 47 -29.10 -47.02 41.54
CA LYS D 47 -28.90 -47.41 40.14
C LYS D 47 -29.84 -46.67 39.26
N ILE D 48 -31.11 -46.40 39.57
CA ILE D 48 -31.94 -45.73 38.57
C ILE D 48 -31.46 -44.30 38.41
N ARG D 49 -31.03 -43.69 39.53
CA ARG D 49 -30.61 -42.29 39.37
C ARG D 49 -29.29 -42.31 38.57
N SER D 50 -28.49 -43.37 38.64
CA SER D 50 -27.25 -43.35 37.84
C SER D 50 -27.62 -43.55 36.39
N CYS D 51 -28.87 -43.69 35.97
CA CYS D 51 -29.14 -43.75 34.52
C CYS D 51 -29.48 -42.35 34.02
N ARG D 52 -29.51 -41.34 34.88
CA ARG D 52 -29.77 -39.97 34.39
C ARG D 52 -28.55 -39.52 33.59
N GLY D 53 -27.35 -40.09 33.80
CA GLY D 53 -26.18 -39.80 33.02
C GLY D 53 -26.03 -40.58 31.74
N SER D 54 -26.86 -41.57 31.41
CA SER D 54 -26.67 -42.27 30.14
C SER D 54 -27.88 -42.37 29.22
N CYS D 55 -29.05 -42.70 29.72
CA CYS D 55 -30.30 -42.84 29.02
C CYS D 55 -31.09 -41.57 28.79
N SER D 56 -32.00 -41.55 27.83
CA SER D 56 -32.87 -40.39 27.56
C SER D 56 -33.47 -39.91 28.88
N ARG D 57 -33.86 -40.63 29.92
CA ARG D 57 -34.23 -39.94 31.17
C ARG D 57 -34.15 -40.86 32.38
N ALA D 58 -34.28 -40.39 33.61
CA ALA D 58 -34.33 -41.31 34.73
C ALA D 58 -35.73 -41.18 35.39
N LEU D 59 -36.36 -42.25 35.76
CA LEU D 59 -37.63 -42.24 36.43
C LEU D 59 -37.56 -41.44 37.71
N ALA D 60 -38.39 -40.45 37.94
CA ALA D 60 -38.45 -39.76 39.21
C ALA D 60 -39.17 -40.73 40.17
N ARG D 61 -38.63 -40.92 41.33
CA ARG D 61 -39.09 -41.81 42.37
C ARG D 61 -38.39 -41.36 43.65
N GLU D 62 -39.08 -41.68 44.73
CA GLU D 62 -38.55 -41.41 46.07
C GLU D 62 -38.66 -42.72 46.86
N VAL D 63 -37.64 -43.06 47.63
CA VAL D 63 -37.65 -44.22 48.47
C VAL D 63 -38.35 -43.83 49.79
N ASP D 64 -39.34 -44.63 50.14
CA ASP D 64 -40.04 -44.32 51.39
C ASP D 64 -39.53 -45.39 52.36
N LEU D 65 -38.58 -44.96 53.17
CA LEU D 65 -37.89 -45.84 54.12
C LEU D 65 -38.74 -46.14 55.36
N LYS D 66 -39.18 -45.07 56.01
CA LYS D 66 -40.01 -45.17 57.20
C LYS D 66 -40.94 -46.39 57.09
N ASP D 67 -41.60 -46.46 55.93
CA ASP D 67 -42.47 -47.60 55.72
C ASP D 67 -41.70 -48.82 56.19
N TYR D 68 -40.39 -48.79 55.95
CA TYR D 68 -39.50 -49.89 56.36
C TYR D 68 -39.06 -49.85 57.83
N GLU D 69 -38.91 -48.63 58.33
CA GLU D 69 -38.48 -48.38 59.69
C GLU D 69 -39.63 -48.90 60.57
N ASP D 70 -40.75 -48.19 60.37
CA ASP D 70 -41.99 -48.52 61.08
C ASP D 70 -42.14 -50.04 61.01
N GLN D 71 -42.12 -50.50 59.76
CA GLN D 71 -42.28 -51.91 59.50
C GLN D 71 -41.28 -52.80 60.20
N GLN D 72 -40.25 -52.30 60.87
CA GLN D 72 -39.27 -53.24 61.47
C GLN D 72 -39.20 -53.09 63.00
N LYS D 73 -39.71 -51.94 63.44
CA LYS D 73 -39.91 -51.66 64.85
C LYS D 73 -41.04 -52.65 65.20
N GLN D 74 -42.12 -52.58 64.42
CA GLN D 74 -43.29 -53.46 64.55
C GLN D 74 -42.92 -54.94 64.58
N LEU D 75 -41.63 -55.26 64.43
CA LEU D 75 -41.20 -56.66 64.44
C LEU D 75 -40.26 -56.85 65.65
N GLU D 76 -40.11 -55.73 66.33
CA GLU D 76 -39.31 -55.67 67.56
C GLU D 76 -40.29 -56.06 68.67
N GLN D 77 -41.23 -55.13 68.95
CA GLN D 77 -42.34 -55.46 69.85
C GLN D 77 -42.42 -56.99 69.92
N VAL D 78 -42.68 -57.59 68.74
CA VAL D 78 -42.71 -59.06 68.69
C VAL D 78 -41.30 -59.62 68.86
N ASN E 31 -53.19 -63.47 66.78
CA ASN E 31 -52.95 -62.08 67.21
C ASN E 31 -51.59 -61.63 66.68
N LEU E 32 -50.60 -62.51 66.76
CA LEU E 32 -49.30 -62.09 66.20
C LEU E 32 -49.28 -62.62 64.75
N ARG E 33 -50.24 -62.06 63.99
CA ARG E 33 -50.33 -62.37 62.57
C ARG E 33 -50.09 -61.02 61.87
N VAL E 34 -49.45 -60.08 62.57
CA VAL E 34 -49.05 -58.80 62.01
C VAL E 34 -47.85 -59.07 61.07
N LEU E 35 -47.49 -60.36 61.01
CA LEU E 35 -46.51 -60.78 60.01
C LEU E 35 -47.24 -60.60 58.67
N ARG E 36 -47.92 -61.59 58.09
CA ARG E 36 -48.59 -61.34 56.83
C ARG E 36 -48.55 -59.83 56.51
N SER E 37 -49.09 -59.02 57.41
CA SER E 37 -49.13 -57.57 57.24
C SER E 37 -47.88 -57.21 56.40
N ILE E 38 -46.81 -57.69 57.04
CA ILE E 38 -45.45 -57.64 56.58
C ILE E 38 -45.37 -58.09 55.13
N LEU E 39 -45.00 -59.35 55.05
CA LEU E 39 -44.79 -60.15 53.87
C LEU E 39 -45.76 -59.75 52.77
N GLU E 40 -47.02 -59.49 53.13
CA GLU E 40 -47.90 -59.07 52.02
C GLU E 40 -47.06 -57.93 51.39
N ASN E 41 -46.68 -56.96 52.22
CA ASN E 41 -45.87 -55.82 51.77
C ASN E 41 -44.76 -56.25 50.80
N LEU E 42 -43.82 -56.93 51.46
CA LEU E 42 -42.69 -57.48 50.71
C LEU E 42 -43.12 -57.93 49.32
N ARG E 43 -44.09 -58.83 49.25
CA ARG E 43 -44.58 -59.29 47.94
C ARG E 43 -45.14 -58.12 47.14
N SER E 44 -45.78 -57.14 47.78
CA SER E 44 -46.28 -56.02 47.00
C SER E 44 -45.08 -55.18 46.55
N LYS E 45 -44.30 -54.74 47.50
CA LYS E 45 -43.06 -54.03 47.29
C LYS E 45 -42.31 -54.56 46.04
N ILE E 46 -42.00 -55.85 46.09
CA ILE E 46 -41.25 -56.39 44.97
C ILE E 46 -41.91 -55.89 43.70
N GLN E 47 -43.19 -56.18 43.51
CA GLN E 47 -43.86 -55.77 42.29
C GLN E 47 -43.60 -54.33 41.84
N LYS E 48 -43.59 -53.43 42.78
CA LYS E 48 -43.42 -52.02 42.40
C LYS E 48 -41.95 -51.83 41.96
N LEU E 49 -41.03 -52.46 42.68
CA LEU E 49 -39.66 -52.42 42.25
C LEU E 49 -39.56 -52.88 40.80
N GLU E 50 -40.15 -54.01 40.47
CA GLU E 50 -39.98 -54.58 39.14
C GLU E 50 -40.44 -53.63 38.04
N SER E 51 -41.47 -52.87 38.37
CA SER E 51 -42.12 -51.96 37.44
C SER E 51 -41.25 -50.75 37.14
N ASP E 52 -40.69 -50.19 38.22
CA ASP E 52 -39.72 -49.11 38.06
C ASP E 52 -38.48 -49.60 37.26
N VAL E 53 -37.95 -50.75 37.50
CA VAL E 53 -36.78 -51.26 36.85
C VAL E 53 -37.07 -51.39 35.37
N SER E 54 -38.29 -51.82 35.17
CA SER E 54 -38.88 -52.02 33.86
C SER E 54 -38.97 -50.71 33.13
N ALA E 55 -39.52 -49.68 33.77
CA ALA E 55 -39.57 -48.38 33.09
C ALA E 55 -38.15 -47.83 32.81
N GLN E 56 -37.21 -47.97 33.78
CA GLN E 56 -35.90 -47.40 33.55
C GLN E 56 -35.32 -48.13 32.34
N MET E 57 -35.51 -49.42 32.22
CA MET E 57 -35.05 -50.17 31.05
C MET E 57 -35.55 -49.62 29.76
N GLU E 58 -36.85 -49.36 29.58
CA GLU E 58 -37.38 -48.75 28.39
C GLU E 58 -36.73 -47.40 28.07
N TYR E 59 -36.54 -46.53 29.06
CA TYR E 59 -35.90 -45.26 28.82
C TYR E 59 -34.43 -45.43 28.39
N CYS E 60 -33.82 -46.53 28.86
CA CYS E 60 -32.43 -46.71 28.50
C CYS E 60 -32.34 -47.20 27.06
N ARG E 61 -33.45 -47.28 26.35
CA ARG E 61 -33.32 -47.75 24.96
C ARG E 61 -32.75 -46.66 24.10
N THR E 62 -32.86 -45.47 24.60
CA THR E 62 -32.36 -44.29 23.88
C THR E 62 -31.42 -43.58 24.84
N PRO E 63 -30.32 -43.04 24.40
CA PRO E 63 -29.33 -42.40 25.27
C PRO E 63 -29.49 -40.91 25.59
N CYS E 64 -28.84 -40.38 26.65
CA CYS E 64 -28.88 -38.91 26.77
C CYS E 64 -27.91 -38.35 25.73
N THR E 65 -28.09 -37.09 25.35
CA THR E 65 -27.23 -36.46 24.38
C THR E 65 -27.00 -35.03 24.82
N VAL E 66 -25.87 -34.51 24.38
CA VAL E 66 -25.51 -33.15 24.71
C VAL E 66 -24.96 -32.50 23.43
N SER E 67 -24.88 -31.14 23.41
CA SER E 67 -24.25 -30.63 22.18
C SER E 67 -23.24 -29.64 22.68
N CYS E 68 -22.01 -30.01 22.87
CA CYS E 68 -21.04 -29.09 23.47
C CYS E 68 -20.20 -28.44 22.38
N ASN E 69 -20.61 -27.27 21.95
CA ASN E 69 -19.84 -26.48 20.95
C ASN E 69 -18.55 -26.06 21.65
N ILE E 70 -17.37 -26.18 21.06
CA ILE E 70 -16.17 -25.86 21.77
C ILE E 70 -15.63 -24.43 21.72
N PRO E 71 -15.20 -23.98 22.91
CA PRO E 71 -14.69 -22.63 23.05
C PRO E 71 -13.49 -22.48 22.13
N VAL E 72 -13.40 -21.29 21.54
CA VAL E 72 -12.27 -21.07 20.68
C VAL E 72 -10.99 -21.16 21.50
N VAL E 73 -10.93 -20.44 22.63
CA VAL E 73 -9.71 -20.35 23.42
C VAL E 73 -9.31 -21.67 24.05
N SER E 74 -8.07 -22.05 24.05
CA SER E 74 -7.59 -23.27 24.67
C SER E 74 -6.21 -23.07 25.25
N GLY E 75 -5.65 -24.03 26.01
CA GLY E 75 -4.38 -23.79 26.70
C GLY E 75 -4.04 -25.11 27.32
N LYS E 76 -3.00 -25.11 28.16
CA LYS E 76 -2.59 -26.39 28.71
C LYS E 76 -3.46 -26.76 29.89
N GLU E 77 -4.01 -25.82 30.64
CA GLU E 77 -4.93 -26.27 31.72
C GLU E 77 -5.81 -25.09 32.00
N CYS E 78 -6.82 -25.16 32.83
CA CYS E 78 -7.68 -24.00 33.00
C CYS E 78 -7.02 -22.73 33.49
N GLU E 79 -5.88 -22.73 34.19
CA GLU E 79 -5.23 -21.48 34.60
C GLU E 79 -4.64 -20.75 33.41
N GLU E 80 -4.08 -21.44 32.42
CA GLU E 80 -3.62 -20.68 31.25
C GLU E 80 -4.83 -20.11 30.51
N ILE E 81 -6.00 -20.80 30.53
CA ILE E 81 -7.14 -20.32 29.77
C ILE E 81 -7.61 -19.03 30.43
N ILE E 82 -7.67 -18.91 31.73
CA ILE E 82 -8.18 -17.65 32.27
C ILE E 82 -7.13 -16.62 31.97
N ARG E 83 -5.82 -16.97 31.92
CA ARG E 83 -4.92 -15.84 31.55
C ARG E 83 -5.11 -15.29 30.17
N LYS E 84 -5.66 -16.13 29.29
CA LYS E 84 -5.84 -15.94 27.88
C LYS E 84 -7.24 -15.41 27.59
N GLY E 85 -7.94 -14.99 28.64
CA GLY E 85 -9.20 -14.36 28.47
C GLY E 85 -10.45 -15.20 28.58
N GLY E 86 -10.37 -16.47 28.82
CA GLY E 86 -11.60 -17.27 28.95
C GLY E 86 -12.19 -16.96 30.30
N GLU E 87 -13.03 -16.01 30.52
CA GLU E 87 -13.59 -15.69 31.79
C GLU E 87 -14.74 -16.57 32.18
N THR E 88 -15.28 -17.44 31.30
CA THR E 88 -16.48 -18.13 31.81
C THR E 88 -16.27 -19.59 32.14
N SER E 89 -16.98 -20.05 33.13
CA SER E 89 -16.92 -21.43 33.61
C SER E 89 -17.63 -22.32 32.62
N GLU E 90 -17.00 -23.24 31.95
CA GLU E 90 -17.75 -24.05 30.96
C GLU E 90 -16.74 -25.10 30.49
N MET E 91 -17.15 -25.86 29.50
CA MET E 91 -16.27 -26.92 29.02
C MET E 91 -15.22 -26.33 28.11
N TYR E 92 -13.99 -26.75 28.31
CA TYR E 92 -12.90 -26.29 27.46
C TYR E 92 -12.15 -27.54 27.00
N LEU E 93 -11.35 -27.33 26.03
CA LEU E 93 -10.41 -28.33 25.55
C LEU E 93 -9.04 -27.93 26.13
N ILE E 94 -8.28 -28.81 26.74
CA ILE E 94 -6.95 -28.49 27.14
C ILE E 94 -5.94 -29.47 26.54
N GLN E 95 -4.71 -28.95 26.38
CA GLN E 95 -3.66 -29.85 25.87
C GLN E 95 -2.45 -29.64 26.76
N PRO E 96 -2.42 -30.38 27.84
CA PRO E 96 -1.36 -30.23 28.83
C PRO E 96 -0.01 -30.51 28.19
N ASP E 97 -0.07 -31.08 26.99
CA ASP E 97 1.16 -31.48 26.35
C ASP E 97 0.99 -31.99 24.93
N SER E 98 1.93 -31.55 24.11
CA SER E 98 1.93 -31.89 22.70
C SER E 98 1.92 -33.39 22.50
N SER E 99 2.46 -34.20 23.42
CA SER E 99 2.40 -35.65 23.17
C SER E 99 0.94 -36.03 22.95
N VAL E 100 0.15 -35.80 24.00
CA VAL E 100 -1.25 -36.02 24.14
C VAL E 100 -2.23 -35.29 23.27
N LYS E 101 -3.33 -35.97 22.98
CA LYS E 101 -4.44 -35.33 22.25
C LYS E 101 -5.26 -34.42 23.16
N PRO E 102 -5.72 -33.27 22.68
CA PRO E 102 -6.50 -32.36 23.49
C PRO E 102 -7.73 -33.13 23.99
N TYR E 103 -8.13 -32.78 25.21
CA TYR E 103 -9.27 -33.49 25.79
C TYR E 103 -10.12 -32.45 26.51
N ARG E 104 -11.36 -32.78 26.83
CA ARG E 104 -12.34 -31.91 27.43
C ARG E 104 -12.33 -31.74 28.93
N VAL E 105 -12.66 -30.52 29.40
CA VAL E 105 -12.61 -30.54 30.91
C VAL E 105 -13.54 -29.47 31.36
N TYR E 106 -14.05 -29.51 32.57
CA TYR E 106 -14.80 -28.34 33.03
C TYR E 106 -13.84 -27.36 33.67
N CYS E 107 -13.70 -26.07 33.36
CA CYS E 107 -12.92 -25.10 34.06
C CYS E 107 -13.82 -24.23 34.95
N ASP E 108 -13.53 -24.06 36.24
CA ASP E 108 -14.24 -23.20 37.13
C ASP E 108 -13.43 -21.88 37.24
N MET E 109 -13.99 -20.80 36.65
CA MET E 109 -13.29 -19.54 36.59
C MET E 109 -13.85 -18.63 37.66
N ASN E 110 -14.74 -19.07 38.49
CA ASN E 110 -15.24 -18.10 39.48
C ASN E 110 -14.61 -18.27 40.85
N THR E 111 -14.67 -19.43 41.46
CA THR E 111 -14.21 -19.71 42.77
C THR E 111 -12.77 -19.31 43.00
N GLU E 112 -12.50 -18.71 44.14
CA GLU E 112 -11.12 -18.34 44.46
C GLU E 112 -10.31 -17.75 43.34
N ASN E 113 -10.79 -16.91 42.45
CA ASN E 113 -10.03 -16.35 41.34
C ASN E 113 -9.91 -17.28 40.14
N GLY E 114 -10.73 -18.32 40.03
CA GLY E 114 -10.67 -19.18 38.85
C GLY E 114 -9.36 -19.79 38.50
N GLY E 115 -9.33 -20.41 37.33
CA GLY E 115 -8.25 -21.20 36.77
C GLY E 115 -8.27 -22.62 37.34
N TRP E 116 -9.35 -23.05 38.01
CA TRP E 116 -9.38 -24.43 38.53
C TRP E 116 -9.88 -25.46 37.50
N THR E 117 -9.19 -26.56 37.24
CA THR E 117 -9.53 -27.61 36.33
C THR E 117 -10.37 -28.61 37.11
N VAL E 118 -11.61 -28.91 36.70
CA VAL E 118 -12.29 -29.88 37.53
C VAL E 118 -11.82 -31.30 37.28
N ILE E 119 -11.49 -32.03 38.34
CA ILE E 119 -10.92 -33.42 38.24
C ILE E 119 -11.99 -34.43 38.66
N GLN E 120 -12.83 -33.97 39.61
CA GLN E 120 -13.90 -34.87 40.05
C GLN E 120 -15.13 -34.04 40.44
N ASN E 121 -16.32 -34.64 40.23
CA ASN E 121 -17.51 -33.79 40.61
C ASN E 121 -18.74 -34.66 40.85
N ARG E 122 -19.37 -34.46 41.96
CA ARG E 122 -20.58 -35.10 42.40
C ARG E 122 -21.62 -34.03 42.73
N GLN E 123 -22.84 -34.25 42.23
CA GLN E 123 -23.86 -33.25 42.62
C GLN E 123 -25.28 -33.71 42.45
N ASP E 124 -25.52 -34.87 41.85
CA ASP E 124 -26.91 -35.26 41.59
C ASP E 124 -27.03 -36.75 41.44
N GLY E 125 -26.02 -37.60 41.54
CA GLY E 125 -26.29 -39.03 41.52
C GLY E 125 -26.37 -39.57 40.10
N SER E 126 -26.12 -38.74 39.08
CA SER E 126 -26.37 -39.13 37.71
C SER E 126 -25.41 -40.17 37.10
N VAL E 127 -24.29 -40.35 37.81
CA VAL E 127 -23.25 -41.20 37.26
C VAL E 127 -22.76 -42.18 38.29
N ASP E 128 -22.63 -43.42 37.80
CA ASP E 128 -22.13 -44.46 38.72
C ASP E 128 -20.62 -44.42 38.86
N PHE E 129 -20.06 -44.25 40.02
CA PHE E 129 -18.65 -44.22 40.32
C PHE E 129 -18.12 -45.58 40.78
N GLY E 130 -18.97 -46.63 40.84
CA GLY E 130 -18.51 -47.93 41.32
C GLY E 130 -17.80 -48.64 40.21
N ARG E 131 -16.75 -48.15 39.57
CA ARG E 131 -16.16 -48.79 38.41
C ARG E 131 -14.81 -49.41 38.68
N LYS E 132 -14.40 -50.16 37.68
CA LYS E 132 -13.13 -50.89 37.77
C LYS E 132 -11.95 -50.01 37.43
N TRP E 133 -10.78 -50.64 37.57
CA TRP E 133 -9.53 -49.90 37.34
C TRP E 133 -9.46 -49.16 36.02
N ASP E 134 -9.81 -49.90 34.96
CA ASP E 134 -9.68 -49.30 33.60
C ASP E 134 -10.41 -47.99 33.44
N PRO E 135 -11.73 -47.93 33.70
CA PRO E 135 -12.50 -46.69 33.68
C PRO E 135 -11.90 -45.64 34.62
N TYR E 136 -11.35 -46.08 35.75
CA TYR E 136 -10.75 -45.04 36.61
C TYR E 136 -9.49 -44.47 35.98
N LYS E 137 -8.87 -45.32 35.13
CA LYS E 137 -7.64 -44.89 34.46
C LYS E 137 -8.00 -43.97 33.32
N GLN E 138 -9.01 -44.37 32.54
CA GLN E 138 -9.38 -43.58 31.39
C GLN E 138 -10.18 -42.32 31.70
N GLY E 139 -11.04 -42.31 32.72
CA GLY E 139 -11.85 -41.10 32.97
C GLY E 139 -13.26 -41.54 32.56
N PHE E 140 -14.29 -41.16 33.29
CA PHE E 140 -15.66 -41.57 32.93
C PHE E 140 -16.60 -40.45 33.33
N GLY E 141 -17.82 -40.47 32.80
CA GLY E 141 -18.87 -39.56 33.24
C GLY E 141 -19.13 -38.47 32.25
N ASN E 142 -19.82 -37.43 32.59
CA ASN E 142 -20.12 -36.32 31.71
C ASN E 142 -19.41 -35.07 32.18
N VAL E 143 -18.55 -34.54 31.37
CA VAL E 143 -17.78 -33.39 31.77
C VAL E 143 -18.65 -32.18 31.92
N ALA E 144 -19.61 -32.08 31.04
CA ALA E 144 -20.46 -30.92 30.98
C ALA E 144 -21.81 -31.11 30.29
N THR E 145 -22.73 -30.21 30.56
CA THR E 145 -24.04 -30.37 29.90
C THR E 145 -24.58 -29.00 29.53
N ASN E 146 -25.51 -29.00 28.58
CA ASN E 146 -26.13 -27.77 28.07
C ASN E 146 -26.92 -26.97 29.08
N THR E 147 -26.64 -25.68 29.07
CA THR E 147 -27.31 -24.74 30.02
C THR E 147 -28.68 -24.47 29.42
N ASP E 148 -29.75 -24.56 30.17
CA ASP E 148 -31.11 -24.34 29.69
C ASP E 148 -31.16 -23.86 28.25
N GLY E 149 -31.07 -22.58 27.91
CA GLY E 149 -31.14 -22.23 26.48
C GLY E 149 -29.92 -22.60 25.66
N LYS E 150 -28.82 -21.90 25.91
CA LYS E 150 -27.51 -21.84 25.36
C LYS E 150 -26.90 -22.95 24.51
N ASN E 151 -25.96 -22.50 23.63
CA ASN E 151 -25.32 -23.43 22.70
C ASN E 151 -23.93 -23.92 23.07
N TYR E 152 -23.67 -23.91 24.38
CA TYR E 152 -22.44 -24.39 24.96
C TYR E 152 -22.82 -25.10 26.25
N CYS E 153 -21.97 -25.96 26.79
CA CYS E 153 -22.22 -26.68 28.02
C CYS E 153 -21.50 -25.95 29.15
N GLY E 154 -22.26 -25.18 29.90
CA GLY E 154 -21.77 -24.32 30.97
C GLY E 154 -22.03 -24.98 32.32
N LEU E 155 -22.60 -26.17 32.39
CA LEU E 155 -22.86 -26.87 33.63
C LEU E 155 -21.99 -28.13 33.67
N PRO E 156 -21.29 -28.40 34.77
CA PRO E 156 -20.43 -29.57 34.78
C PRO E 156 -21.36 -30.75 34.95
N GLY E 157 -20.95 -31.94 34.57
CA GLY E 157 -21.79 -33.09 34.87
C GLY E 157 -21.10 -33.78 36.03
N GLU E 158 -21.51 -35.01 36.34
CA GLU E 158 -20.69 -35.75 37.30
C GLU E 158 -19.63 -36.49 36.50
N TYR E 159 -18.36 -36.45 36.86
CA TYR E 159 -17.31 -37.16 36.16
C TYR E 159 -16.02 -37.39 36.97
N TRP E 160 -15.20 -38.27 36.43
CA TRP E 160 -13.86 -38.53 36.94
C TRP E 160 -12.92 -38.28 35.76
N LEU E 161 -12.01 -37.34 35.82
CA LEU E 161 -11.12 -37.09 34.71
C LEU E 161 -10.28 -38.29 34.32
N GLY E 162 -9.74 -39.14 35.19
CA GLY E 162 -8.94 -40.27 34.66
C GLY E 162 -7.60 -40.18 35.35
N ASN E 163 -7.18 -41.16 36.13
CA ASN E 163 -5.89 -41.10 36.84
C ASN E 163 -4.75 -40.78 35.91
N ASP E 164 -4.72 -41.31 34.68
CA ASP E 164 -3.58 -40.89 33.85
C ASP E 164 -3.58 -39.40 33.69
N LYS E 165 -4.73 -38.84 33.29
CA LYS E 165 -4.69 -37.39 33.11
C LYS E 165 -4.35 -36.70 34.41
N ILE E 166 -4.92 -37.16 35.52
CA ILE E 166 -4.68 -36.47 36.78
C ILE E 166 -3.19 -36.46 37.13
N SER E 167 -2.55 -37.63 36.96
CA SER E 167 -1.13 -37.77 37.19
C SER E 167 -0.28 -36.76 36.42
N GLN E 168 -0.49 -36.76 35.11
CA GLN E 168 0.25 -35.88 34.21
C GLN E 168 -0.03 -34.45 34.61
N LEU E 169 -1.26 -34.08 35.04
CA LEU E 169 -1.42 -32.64 35.28
C LEU E 169 -0.68 -32.29 36.55
N THR E 170 -0.65 -33.22 37.49
CA THR E 170 -0.03 -32.89 38.78
C THR E 170 1.49 -32.93 38.68
N ARG E 171 2.06 -33.62 37.74
CA ARG E 171 3.51 -33.67 37.59
C ARG E 171 4.04 -32.58 36.71
N MET E 172 3.23 -31.69 36.12
CA MET E 172 3.71 -30.56 35.34
C MET E 172 4.44 -29.52 36.20
N GLY E 173 4.25 -29.44 37.49
CA GLY E 173 4.79 -28.41 38.35
C GLY E 173 3.89 -28.59 39.61
N PRO E 174 4.19 -27.77 40.62
CA PRO E 174 3.52 -27.74 41.85
C PRO E 174 2.06 -27.45 41.56
N THR E 175 1.17 -28.21 42.16
CA THR E 175 -0.23 -28.07 41.93
C THR E 175 -0.95 -28.04 43.24
N GLU E 176 -1.84 -27.09 43.45
CA GLU E 176 -2.74 -27.11 44.58
C GLU E 176 -4.04 -27.85 44.15
N LEU E 177 -4.74 -28.29 45.17
CA LEU E 177 -5.94 -29.07 45.21
C LEU E 177 -7.02 -28.38 46.09
N LEU E 178 -8.20 -28.17 45.51
CA LEU E 178 -9.31 -27.60 46.25
C LEU E 178 -10.44 -28.62 46.25
N ILE E 179 -10.91 -28.97 47.42
CA ILE E 179 -12.00 -29.94 47.60
C ILE E 179 -13.14 -29.23 48.32
N GLU E 180 -14.29 -29.23 47.68
CA GLU E 180 -15.44 -28.49 48.18
C GLU E 180 -16.60 -29.42 48.36
N MET E 181 -17.40 -29.16 49.40
CA MET E 181 -18.51 -30.09 49.65
C MET E 181 -19.64 -29.30 50.28
N GLU E 182 -20.81 -29.92 50.09
CA GLU E 182 -22.06 -29.25 50.50
C GLU E 182 -23.00 -30.27 51.05
N ASP E 183 -23.66 -29.91 52.19
CA ASP E 183 -24.50 -30.97 52.78
C ASP E 183 -25.94 -30.81 52.30
N TRP E 184 -26.86 -31.69 52.74
CA TRP E 184 -28.21 -31.56 52.24
C TRP E 184 -29.03 -30.45 52.89
N LYS E 185 -28.43 -29.38 53.37
CA LYS E 185 -29.15 -28.25 53.97
C LYS E 185 -28.53 -26.97 53.49
N GLY E 186 -27.59 -27.17 52.55
CA GLY E 186 -26.82 -26.10 51.96
C GLY E 186 -25.59 -25.66 52.72
N ASP E 187 -25.15 -26.21 53.86
CA ASP E 187 -23.91 -25.67 54.44
C ASP E 187 -22.79 -26.22 53.59
N LYS E 188 -21.68 -25.53 53.52
CA LYS E 188 -20.59 -25.94 52.65
C LYS E 188 -19.23 -25.76 53.30
N VAL E 189 -18.36 -26.73 53.00
CA VAL E 189 -17.02 -26.58 53.57
C VAL E 189 -15.99 -26.79 52.45
N LYS E 190 -14.77 -26.44 52.81
CA LYS E 190 -13.68 -26.63 51.86
C LYS E 190 -12.38 -27.13 52.50
N ALA E 191 -11.68 -27.93 51.68
CA ALA E 191 -10.39 -28.44 52.13
C ALA E 191 -9.37 -28.03 51.08
N HIS E 192 -8.54 -27.07 51.42
CA HIS E 192 -7.53 -26.67 50.44
C HIS E 192 -6.15 -27.32 50.66
N TYR E 193 -5.50 -27.87 49.67
CA TYR E 193 -4.23 -28.60 49.80
C TYR E 193 -3.17 -27.91 48.91
N GLY E 194 -2.26 -27.28 49.71
CA GLY E 194 -1.27 -26.46 48.99
C GLY E 194 -0.41 -27.35 48.10
N GLY E 195 -0.20 -28.65 48.36
CA GLY E 195 0.62 -29.39 47.41
C GLY E 195 -0.08 -30.69 47.06
N PHE E 196 -0.12 -31.07 45.77
CA PHE E 196 -0.88 -32.30 45.52
C PHE E 196 -0.19 -33.04 44.39
N THR E 197 0.12 -34.30 44.53
CA THR E 197 0.73 -34.99 43.38
C THR E 197 0.16 -36.39 43.28
N VAL E 198 0.10 -36.92 42.09
CA VAL E 198 -0.40 -38.28 41.86
C VAL E 198 0.62 -38.97 40.97
N GLN E 199 1.24 -40.03 41.48
CA GLN E 199 2.22 -40.75 40.69
C GLN E 199 1.53 -41.42 39.52
N ASN E 200 2.30 -42.03 38.65
CA ASN E 200 1.80 -42.64 37.43
C ASN E 200 1.31 -44.06 37.62
N GLU E 201 0.79 -44.68 36.55
CA GLU E 201 0.23 -46.00 36.79
C GLU E 201 1.23 -46.96 37.42
N ALA E 202 2.49 -46.97 36.96
CA ALA E 202 3.45 -47.96 37.47
C ALA E 202 3.57 -47.87 38.98
N ASN E 203 3.44 -46.65 39.48
CA ASN E 203 3.47 -46.41 40.91
C ASN E 203 2.03 -46.37 41.47
N LYS E 204 1.14 -46.97 40.71
CA LYS E 204 -0.24 -47.16 41.16
C LYS E 204 -0.96 -45.92 41.70
N TYR E 205 -0.72 -44.81 41.06
CA TYR E 205 -1.28 -43.51 41.28
C TYR E 205 -1.07 -43.07 42.71
N GLN E 206 0.02 -43.48 43.36
CA GLN E 206 0.25 -43.08 44.72
C GLN E 206 0.03 -41.58 44.86
N ILE E 207 -0.64 -41.22 45.95
CA ILE E 207 -0.98 -39.85 46.18
C ILE E 207 -0.06 -39.19 47.15
N SER E 208 0.10 -37.89 47.00
CA SER E 208 0.81 -37.14 48.03
C SER E 208 0.13 -35.81 48.23
N VAL E 209 -0.16 -35.41 49.46
CA VAL E 209 -0.81 -34.06 49.53
C VAL E 209 -0.09 -33.31 50.64
N ASN E 210 -0.09 -32.00 50.70
CA ASN E 210 0.43 -31.38 51.92
C ASN E 210 -0.13 -29.93 52.00
N LYS E 211 0.27 -29.20 52.98
CA LYS E 211 -0.04 -27.79 53.08
C LYS E 211 -1.54 -27.52 53.09
N TYR E 212 -2.24 -28.07 54.05
CA TYR E 212 -3.63 -27.97 54.29
C TYR E 212 -4.08 -26.66 54.91
N ARG E 213 -5.26 -26.25 54.41
CA ARG E 213 -6.02 -25.18 55.11
C ARG E 213 -7.48 -25.39 54.68
N GLY E 214 -8.36 -24.98 55.57
CA GLY E 214 -9.77 -25.09 55.30
C GLY E 214 -10.66 -25.22 56.47
N THR E 215 -11.85 -25.72 56.18
CA THR E 215 -12.87 -25.87 57.21
C THR E 215 -13.40 -27.24 57.10
N ALA E 216 -13.20 -28.07 56.06
CA ALA E 216 -13.80 -29.45 56.26
C ALA E 216 -12.85 -30.11 57.20
N GLY E 217 -12.65 -31.14 57.91
CA GLY E 217 -11.18 -31.10 58.46
C GLY E 217 -10.18 -31.76 57.53
N ASN E 218 -8.92 -31.95 57.96
CA ASN E 218 -7.87 -32.55 57.21
C ASN E 218 -7.97 -34.06 57.13
N ALA E 219 -8.98 -34.55 56.41
CA ALA E 219 -9.13 -35.97 56.35
C ALA E 219 -7.93 -36.63 55.65
N LEU E 220 -7.40 -35.99 54.60
CA LEU E 220 -6.39 -36.68 53.80
C LEU E 220 -5.08 -36.94 54.57
N MET E 221 -4.65 -35.97 55.36
CA MET E 221 -3.42 -36.12 56.11
C MET E 221 -3.59 -36.64 57.52
N ASP E 222 -4.61 -36.39 58.32
CA ASP E 222 -4.65 -36.89 59.65
C ASP E 222 -5.65 -37.99 59.87
N GLY E 223 -6.49 -38.36 58.92
CA GLY E 223 -7.47 -39.43 59.14
C GLY E 223 -8.58 -38.74 59.96
N ALA E 224 -9.48 -39.58 60.34
CA ALA E 224 -10.75 -39.28 60.94
C ALA E 224 -10.63 -38.68 62.31
N SER E 225 -10.99 -37.43 62.47
CA SER E 225 -10.99 -36.90 63.84
C SER E 225 -11.81 -37.71 64.81
N GLN E 226 -12.71 -38.61 64.49
CA GLN E 226 -13.51 -39.26 65.50
C GLN E 226 -12.70 -40.42 66.09
N LEU E 227 -11.80 -40.98 65.30
CA LEU E 227 -11.06 -42.13 65.74
C LEU E 227 -9.91 -41.74 66.63
N MET E 228 -9.51 -42.67 67.47
CA MET E 228 -8.38 -42.62 68.35
C MET E 228 -7.27 -43.66 67.94
N GLY E 229 -6.09 -43.21 68.45
CA GLY E 229 -4.91 -44.06 68.33
C GLY E 229 -4.72 -44.50 66.90
N GLU E 230 -4.39 -45.74 66.73
CA GLU E 230 -4.06 -46.26 65.39
C GLU E 230 -5.33 -46.41 64.59
N ASN E 231 -6.47 -46.26 65.27
CA ASN E 231 -7.76 -46.41 64.59
C ASN E 231 -7.77 -45.24 63.60
N ARG E 232 -7.23 -44.10 64.03
CA ARG E 232 -7.22 -42.94 63.18
C ARG E 232 -6.22 -42.97 62.06
N THR E 233 -5.02 -43.46 62.39
CA THR E 233 -3.97 -43.43 61.36
C THR E 233 -4.23 -44.40 60.25
N MET E 234 -5.05 -45.39 60.51
CA MET E 234 -5.37 -46.32 59.39
C MET E 234 -6.37 -45.64 58.44
N THR E 235 -6.69 -44.36 58.79
CA THR E 235 -7.64 -43.76 57.88
C THR E 235 -6.99 -42.65 57.06
N ILE E 236 -5.66 -42.57 57.14
CA ILE E 236 -4.97 -41.52 56.41
C ILE E 236 -4.88 -41.92 54.93
N HIS E 237 -4.98 -40.92 54.04
CA HIS E 237 -4.94 -41.20 52.61
C HIS E 237 -3.59 -40.79 52.05
N ASN E 238 -3.00 -39.73 52.60
CA ASN E 238 -1.67 -39.34 52.11
C ASN E 238 -0.76 -40.55 51.95
N GLY E 239 -0.07 -40.75 50.85
CA GLY E 239 0.78 -41.95 50.77
C GLY E 239 0.03 -43.16 50.23
N MET E 240 -1.27 -43.24 50.08
CA MET E 240 -1.81 -44.51 49.59
C MET E 240 -1.79 -44.73 48.10
N PHE E 241 -1.98 -45.92 47.62
CA PHE E 241 -2.12 -46.22 46.21
C PHE E 241 -3.63 -46.20 45.88
N PHE E 242 -3.95 -46.17 44.59
CA PHE E 242 -5.36 -46.18 44.21
C PHE E 242 -5.88 -47.60 44.13
N SER E 243 -7.07 -47.85 44.62
CA SER E 243 -7.64 -49.17 44.48
C SER E 243 -9.03 -49.08 43.79
N THR E 244 -9.37 -50.20 43.17
CA THR E 244 -10.69 -50.38 42.60
C THR E 244 -11.19 -51.75 43.05
N TYR E 245 -12.50 -52.00 42.83
CA TYR E 245 -12.97 -53.30 43.31
C TYR E 245 -12.29 -54.42 42.54
N ASP E 246 -11.68 -54.18 41.41
CA ASP E 246 -10.96 -55.22 40.69
C ASP E 246 -9.44 -55.01 40.79
N ARG E 247 -8.95 -54.35 41.83
CA ARG E 247 -7.53 -54.07 41.95
C ARG E 247 -7.24 -53.52 43.33
N ASP E 248 -6.93 -54.48 44.24
CA ASP E 248 -6.72 -54.18 45.62
C ASP E 248 -5.29 -53.72 45.86
N ASN E 249 -5.12 -52.47 46.24
CA ASN E 249 -3.78 -51.96 46.56
C ASN E 249 -3.97 -51.32 47.91
N ASP E 250 -5.04 -51.68 48.58
CA ASP E 250 -5.34 -50.93 49.80
C ASP E 250 -4.35 -51.29 50.88
N GLY E 251 -4.44 -50.58 51.99
CA GLY E 251 -3.58 -50.81 53.11
C GLY E 251 -4.20 -51.85 54.02
N TRP E 252 -5.10 -52.68 53.49
CA TRP E 252 -5.69 -53.71 54.40
C TRP E 252 -5.09 -55.03 53.97
N LEU E 253 -4.08 -55.49 54.67
CA LEU E 253 -3.38 -56.74 54.38
C LEU E 253 -4.20 -57.89 54.92
N THR E 254 -4.90 -58.63 54.05
CA THR E 254 -5.79 -59.68 54.51
C THR E 254 -6.15 -60.66 53.41
N SER E 255 -6.59 -61.88 53.67
CA SER E 255 -6.86 -62.81 52.57
C SER E 255 -8.29 -62.85 52.03
N ASP E 256 -9.32 -62.72 52.86
CA ASP E 256 -10.66 -62.69 52.30
C ASP E 256 -10.84 -61.64 51.20
N PRO E 257 -10.84 -62.08 49.95
CA PRO E 257 -11.13 -61.28 48.79
C PRO E 257 -12.38 -60.43 49.01
N ARG E 258 -13.42 -60.96 49.66
CA ARG E 258 -14.61 -60.14 49.91
C ARG E 258 -14.15 -58.90 50.68
N LYS E 259 -13.22 -59.12 51.62
CA LYS E 259 -12.77 -58.00 52.47
C LYS E 259 -11.65 -57.16 51.89
N GLN E 260 -12.10 -56.18 51.10
CA GLN E 260 -11.29 -55.20 50.41
C GLN E 260 -11.92 -53.83 50.60
N CYS E 261 -11.15 -52.84 51.01
CA CYS E 261 -11.76 -51.52 51.23
C CYS E 261 -12.70 -51.07 50.11
N SER E 262 -12.23 -51.33 48.90
CA SER E 262 -12.88 -50.91 47.68
C SER E 262 -14.13 -51.65 47.35
N LYS E 263 -14.51 -52.92 47.51
CA LYS E 263 -16.00 -53.03 47.26
C LYS E 263 -16.64 -52.56 48.55
N GLU E 264 -16.24 -53.04 49.71
CA GLU E 264 -16.81 -52.46 50.94
C GLU E 264 -16.60 -50.96 50.99
N ASP E 265 -16.92 -50.17 49.95
CA ASP E 265 -16.82 -48.71 50.01
C ASP E 265 -17.13 -47.97 48.70
N GLY E 266 -17.31 -48.73 47.62
CA GLY E 266 -17.87 -48.31 46.37
C GLY E 266 -17.02 -47.82 45.24
N GLY E 267 -16.29 -46.75 45.54
CA GLY E 267 -15.46 -46.19 44.51
C GLY E 267 -14.06 -46.72 44.40
N GLY E 268 -13.43 -46.07 43.45
CA GLY E 268 -12.05 -46.12 43.12
C GLY E 268 -11.43 -45.06 44.07
N TRP E 269 -10.54 -45.35 45.00
CA TRP E 269 -10.00 -44.29 45.84
C TRP E 269 -8.65 -44.71 46.42
N TRP E 270 -8.01 -43.77 47.07
CA TRP E 270 -6.73 -43.94 47.72
C TRP E 270 -7.06 -44.45 49.11
N TYR E 271 -7.64 -45.64 49.05
CA TYR E 271 -8.06 -46.19 50.36
C TYR E 271 -6.83 -46.71 51.12
N ASN E 272 -6.94 -46.65 52.42
CA ASN E 272 -5.91 -47.12 53.34
C ASN E 272 -6.55 -48.24 54.14
N ARG E 273 -7.11 -47.99 55.30
CA ARG E 273 -7.80 -49.13 55.94
C ARG E 273 -8.96 -48.66 56.80
N CYS E 274 -9.94 -48.07 56.15
CA CYS E 274 -10.04 -47.87 54.71
C CYS E 274 -10.07 -46.39 54.37
N HIS E 275 -10.88 -45.59 55.09
CA HIS E 275 -10.96 -44.19 54.72
C HIS E 275 -11.42 -43.24 55.79
N ALA E 276 -11.10 -41.97 55.54
CA ALA E 276 -11.65 -40.93 56.42
C ALA E 276 -12.55 -40.14 55.42
N ALA E 277 -12.27 -40.24 54.10
CA ALA E 277 -13.00 -39.50 53.11
C ALA E 277 -13.27 -40.38 51.92
N ASN E 278 -14.44 -40.26 51.28
CA ASN E 278 -14.65 -41.18 50.12
C ASN E 278 -15.50 -40.44 49.10
N PRO E 279 -14.85 -39.52 48.42
CA PRO E 279 -15.52 -38.68 47.45
C PRO E 279 -16.18 -39.39 46.30
N ASN E 280 -15.79 -40.63 46.10
CA ASN E 280 -16.23 -41.46 44.97
C ASN E 280 -17.16 -42.52 45.51
N GLY E 281 -17.72 -42.42 46.68
CA GLY E 281 -18.68 -43.37 47.20
C GLY E 281 -20.05 -43.30 46.49
N ARG E 282 -21.00 -44.10 46.99
CA ARG E 282 -22.32 -44.05 46.41
C ARG E 282 -23.13 -42.84 46.90
N TYR E 283 -23.94 -42.36 45.96
CA TYR E 283 -24.73 -41.16 46.20
C TYR E 283 -26.03 -41.42 46.87
N TYR E 284 -26.18 -41.45 48.16
CA TYR E 284 -27.39 -41.62 48.91
C TYR E 284 -28.22 -40.34 48.85
N TRP E 285 -29.46 -40.50 48.39
CA TRP E 285 -30.33 -39.32 48.33
C TRP E 285 -30.63 -38.81 49.71
N GLY E 286 -30.72 -37.57 50.11
CA GLY E 286 -31.14 -37.17 51.41
C GLY E 286 -30.11 -36.96 52.48
N GLY E 287 -28.94 -37.61 52.32
CA GLY E 287 -27.86 -37.44 53.24
C GLY E 287 -27.55 -38.53 54.20
N GLN E 288 -28.38 -38.67 55.20
CA GLN E 288 -28.21 -39.63 56.30
C GLN E 288 -28.50 -41.01 55.75
N TYR E 289 -27.68 -42.01 56.06
CA TYR E 289 -27.91 -43.37 55.59
C TYR E 289 -27.52 -44.28 56.77
N THR E 290 -27.68 -45.59 56.54
CA THR E 290 -27.34 -46.53 57.58
C THR E 290 -26.76 -47.85 57.09
N TRP E 291 -26.16 -48.54 58.07
CA TRP E 291 -25.44 -49.78 57.84
C TRP E 291 -26.42 -50.70 57.13
N ASP E 292 -27.69 -50.46 57.46
CA ASP E 292 -28.70 -51.38 56.88
C ASP E 292 -29.22 -50.88 55.55
N MET E 293 -28.69 -49.77 55.06
CA MET E 293 -29.06 -49.34 53.70
C MET E 293 -27.85 -49.64 52.83
N ALA E 294 -26.65 -49.62 53.39
CA ALA E 294 -25.40 -49.87 52.63
C ALA E 294 -25.32 -51.27 52.06
N LYS E 295 -24.96 -51.51 50.81
CA LYS E 295 -24.99 -52.82 50.16
C LYS E 295 -24.28 -53.93 50.92
N HIS E 296 -23.14 -53.62 51.53
CA HIS E 296 -22.35 -54.50 52.33
C HIS E 296 -22.21 -53.98 53.75
N GLY E 297 -22.92 -53.00 54.23
CA GLY E 297 -22.87 -52.68 55.64
C GLY E 297 -21.84 -51.74 56.09
N THR E 298 -21.05 -51.12 55.20
CA THR E 298 -20.06 -50.10 55.64
C THR E 298 -20.37 -48.68 55.20
N ASP E 299 -19.55 -47.71 55.64
CA ASP E 299 -19.85 -46.32 55.27
C ASP E 299 -19.29 -46.10 53.85
N ASP E 300 -20.13 -46.43 52.86
CA ASP E 300 -19.73 -46.32 51.48
C ASP E 300 -20.34 -45.10 50.80
N GLY E 301 -20.86 -44.14 51.57
CA GLY E 301 -21.43 -42.97 50.89
C GLY E 301 -20.43 -41.91 50.51
N VAL E 302 -20.87 -40.72 50.09
CA VAL E 302 -19.92 -39.67 49.68
C VAL E 302 -19.54 -39.03 51.00
N VAL E 303 -18.57 -39.64 51.67
CA VAL E 303 -18.21 -39.24 53.01
C VAL E 303 -16.99 -38.34 53.19
N TRP E 304 -17.01 -37.51 54.23
CA TRP E 304 -15.91 -36.69 54.69
C TRP E 304 -16.04 -36.75 56.23
N MET E 305 -15.70 -37.93 56.79
CA MET E 305 -15.87 -38.12 58.21
C MET E 305 -15.50 -36.93 59.04
N ASN E 306 -14.41 -36.24 58.91
CA ASN E 306 -14.14 -35.12 59.83
C ASN E 306 -15.24 -34.07 59.79
N TRP E 307 -16.11 -34.00 58.76
CA TRP E 307 -17.10 -32.92 58.88
C TRP E 307 -18.44 -33.46 59.40
N LYS E 308 -18.88 -34.57 58.84
CA LYS E 308 -20.19 -35.04 59.36
C LYS E 308 -20.09 -36.47 59.74
N GLY E 309 -18.91 -37.03 60.05
CA GLY E 309 -18.82 -38.44 60.38
C GLY E 309 -19.19 -39.43 59.32
N SER E 310 -19.28 -40.72 59.63
CA SER E 310 -19.51 -41.71 58.64
C SER E 310 -20.85 -41.86 57.98
N TRP E 311 -21.99 -41.55 58.58
CA TRP E 311 -23.21 -42.00 57.86
C TRP E 311 -23.96 -40.87 57.20
N TYR E 312 -23.21 -39.94 56.69
CA TYR E 312 -23.71 -38.76 56.03
C TYR E 312 -23.07 -38.69 54.66
N SER E 313 -23.76 -38.81 53.56
CA SER E 313 -23.37 -38.69 52.19
C SER E 313 -23.67 -37.26 51.69
N MET E 314 -22.64 -36.53 51.21
CA MET E 314 -22.81 -35.15 50.75
C MET E 314 -23.73 -34.97 49.54
N ARG E 315 -24.23 -33.70 49.40
CA ARG E 315 -25.15 -33.43 48.32
C ARG E 315 -24.26 -33.19 47.10
N LYS E 316 -23.31 -32.30 47.21
CA LYS E 316 -22.29 -31.94 46.28
C LYS E 316 -20.89 -32.28 46.88
N MET E 317 -19.94 -32.55 45.97
CA MET E 317 -18.57 -32.84 46.31
C MET E 317 -17.72 -32.69 45.05
N SER E 318 -16.56 -31.99 45.12
CA SER E 318 -15.80 -31.92 43.92
C SER E 318 -14.31 -31.67 44.22
N MET E 319 -13.44 -31.96 43.29
CA MET E 319 -12.01 -31.76 43.43
C MET E 319 -11.51 -31.01 42.20
N LYS E 320 -10.89 -29.88 42.52
CA LYS E 320 -10.31 -29.06 41.48
C LYS E 320 -8.80 -28.85 41.74
N ILE E 321 -8.04 -28.64 40.67
CA ILE E 321 -6.63 -28.38 40.79
C ILE E 321 -6.22 -27.15 39.98
N ARG E 322 -5.06 -26.62 40.30
CA ARG E 322 -4.55 -25.39 39.69
C ARG E 322 -3.06 -25.30 39.90
N PRO E 323 -2.31 -24.87 38.94
CA PRO E 323 -0.87 -24.71 39.10
C PRO E 323 -0.64 -23.79 40.27
N PHE E 324 0.39 -24.03 41.04
CA PHE E 324 0.76 -23.22 42.20
C PHE E 324 1.69 -22.05 42.00
N PHE E 325 3.00 -21.99 42.16
CA PHE E 325 3.71 -20.71 41.95
C PHE E 325 5.07 -20.80 41.27
N PRO E 326 6.03 -21.48 41.87
CA PRO E 326 7.43 -21.45 41.42
C PRO E 326 8.09 -22.64 40.75
N TYR F 22 -50.21 -68.47 51.55
CA TYR F 22 -51.00 -68.45 52.78
C TYR F 22 -50.12 -68.20 54.02
N LEU F 23 -49.70 -69.29 54.66
CA LEU F 23 -48.91 -69.30 55.88
C LEU F 23 -47.49 -68.79 55.64
N GLN F 24 -46.66 -69.70 55.18
CA GLN F 24 -45.29 -69.62 54.76
C GLN F 24 -45.30 -69.16 53.29
N GLU F 25 -46.51 -69.22 52.78
CA GLU F 25 -46.92 -68.90 51.44
C GLU F 25 -46.32 -67.63 50.84
N ILE F 26 -47.16 -66.61 50.84
CA ILE F 26 -46.90 -65.29 50.27
C ILE F 26 -45.50 -64.90 50.67
N TYR F 27 -44.96 -65.51 51.74
CA TYR F 27 -43.58 -65.20 52.08
C TYR F 27 -42.65 -65.53 50.91
N ASN F 28 -42.62 -66.76 50.44
CA ASN F 28 -41.65 -67.11 49.39
C ASN F 28 -42.01 -66.75 47.95
N SER F 29 -43.12 -66.02 47.80
CA SER F 29 -43.47 -65.50 46.47
C SER F 29 -42.42 -64.38 46.31
N ASN F 30 -42.87 -63.16 46.56
CA ASN F 30 -41.99 -62.00 46.55
C ASN F 30 -40.57 -62.37 46.97
N ASN F 31 -40.47 -63.28 47.97
CA ASN F 31 -39.09 -63.60 48.35
C ASN F 31 -38.41 -64.37 47.21
N GLN F 32 -39.15 -64.84 46.22
CA GLN F 32 -38.52 -65.46 45.05
C GLN F 32 -38.29 -64.44 43.92
N LYS F 33 -39.25 -63.52 43.74
CA LYS F 33 -39.13 -62.50 42.71
C LYS F 33 -37.77 -61.80 42.86
N ILE F 34 -37.46 -61.37 44.07
CA ILE F 34 -36.21 -60.75 44.45
C ILE F 34 -34.92 -61.22 43.81
N VAL F 35 -34.46 -62.45 43.91
CA VAL F 35 -33.23 -62.96 43.29
C VAL F 35 -33.22 -62.65 41.79
N ASN F 36 -34.41 -62.72 41.22
CA ASN F 36 -34.60 -62.46 39.81
C ASN F 36 -34.58 -60.94 39.66
N LEU F 37 -35.06 -60.19 40.63
CA LEU F 37 -35.08 -58.76 40.59
C LEU F 37 -33.63 -58.24 40.64
N LYS F 38 -32.81 -58.89 41.45
CA LYS F 38 -31.42 -58.51 41.60
C LYS F 38 -30.68 -58.65 40.27
N GLU F 39 -31.20 -59.55 39.47
CA GLU F 39 -30.58 -59.81 38.17
C GLU F 39 -31.06 -58.85 37.10
N LYS F 40 -32.31 -58.39 37.15
CA LYS F 40 -32.77 -57.40 36.17
C LYS F 40 -31.89 -56.17 36.45
N VAL F 41 -31.77 -55.79 37.71
CA VAL F 41 -30.97 -54.70 38.16
C VAL F 41 -29.55 -54.76 37.56
N ALA F 42 -29.01 -55.97 37.57
CA ALA F 42 -27.67 -56.07 36.98
C ALA F 42 -27.80 -55.74 35.52
N GLN F 43 -28.85 -56.10 34.81
CA GLN F 43 -28.86 -55.65 33.41
C GLN F 43 -29.00 -54.14 33.29
N LEU F 44 -29.72 -53.49 34.17
CA LEU F 44 -29.90 -52.06 34.14
C LEU F 44 -28.54 -51.40 34.32
N GLU F 45 -27.79 -51.87 35.28
CA GLU F 45 -26.49 -51.28 35.54
C GLU F 45 -25.60 -51.31 34.30
N ALA F 46 -25.62 -52.45 33.60
CA ALA F 46 -24.83 -52.52 32.39
C ALA F 46 -25.47 -51.56 31.40
N GLN F 47 -26.70 -51.13 31.55
CA GLN F 47 -27.23 -50.27 30.46
C GLN F 47 -26.83 -48.83 30.81
N CYS F 48 -26.20 -48.65 31.98
CA CYS F 48 -25.94 -47.31 32.42
C CYS F 48 -24.53 -46.95 32.81
N GLN F 49 -23.57 -47.11 31.91
CA GLN F 49 -22.16 -46.83 32.10
C GLN F 49 -21.65 -45.77 31.14
N GLU F 50 -22.16 -45.78 29.92
CA GLU F 50 -21.74 -44.80 28.91
C GLU F 50 -22.33 -43.42 29.15
N PRO F 51 -21.51 -42.42 28.84
CA PRO F 51 -21.84 -41.02 29.05
C PRO F 51 -22.86 -40.57 27.99
N CYS F 52 -23.44 -39.38 28.17
CA CYS F 52 -24.37 -38.93 27.15
C CYS F 52 -23.54 -38.84 25.88
N LYS F 53 -24.16 -39.03 24.75
CA LYS F 53 -23.53 -38.94 23.46
C LYS F 53 -23.58 -37.45 23.08
N ASP F 54 -22.44 -36.87 22.77
CA ASP F 54 -22.22 -35.50 22.39
C ASP F 54 -22.34 -35.41 20.86
N THR F 55 -23.27 -34.58 20.40
CA THR F 55 -23.45 -34.45 18.98
C THR F 55 -22.21 -33.75 18.41
N VAL F 56 -21.31 -33.07 19.17
CA VAL F 56 -20.25 -32.39 18.48
C VAL F 56 -19.01 -33.26 18.44
N GLN F 57 -18.51 -33.54 17.25
CA GLN F 57 -17.32 -34.34 17.06
C GLN F 57 -16.26 -33.60 16.26
N ILE F 58 -15.03 -33.93 16.53
CA ILE F 58 -13.87 -33.33 15.88
C ILE F 58 -13.33 -34.37 14.92
N HIS F 59 -13.09 -34.17 13.63
CA HIS F 59 -12.54 -35.16 12.71
C HIS F 59 -11.09 -35.49 13.02
N ASP F 60 -10.43 -36.47 12.42
CA ASP F 60 -9.07 -36.86 12.77
C ASP F 60 -8.06 -36.55 11.67
N ILE F 61 -8.54 -36.01 10.58
CA ILE F 61 -7.65 -35.51 9.55
C ILE F 61 -7.11 -34.13 10.00
N THR F 62 -5.80 -34.00 10.02
CA THR F 62 -5.16 -32.74 10.27
C THR F 62 -4.34 -32.34 9.03
N GLY F 63 -3.72 -31.17 9.13
CA GLY F 63 -2.92 -30.59 8.07
C GLY F 63 -2.48 -29.17 8.43
N LYS F 64 -1.78 -28.50 7.53
CA LYS F 64 -1.30 -27.15 7.72
C LYS F 64 -2.50 -26.20 7.83
N ASP F 65 -3.59 -26.56 7.17
CA ASP F 65 -4.76 -25.66 7.14
C ASP F 65 -5.97 -26.36 6.54
N CYS F 66 -7.12 -25.74 6.43
CA CYS F 66 -8.26 -26.45 5.89
C CYS F 66 -8.20 -26.94 4.43
N GLN F 67 -7.38 -26.36 3.56
CA GLN F 67 -7.25 -26.78 2.19
C GLN F 67 -6.46 -28.12 2.24
N ASP F 68 -5.46 -28.08 3.12
CA ASP F 68 -4.59 -29.26 3.21
C ASP F 68 -5.45 -30.42 3.69
N ILE F 69 -6.35 -30.16 4.65
CA ILE F 69 -7.27 -31.20 5.11
C ILE F 69 -8.14 -31.72 3.98
N ALA F 70 -8.70 -30.89 3.13
CA ALA F 70 -9.49 -31.38 1.99
C ALA F 70 -8.55 -32.16 1.07
N ASN F 71 -7.40 -31.62 0.64
CA ASN F 71 -6.56 -32.40 -0.25
C ASN F 71 -6.31 -33.80 0.32
N LYS F 72 -6.65 -34.00 1.61
CA LYS F 72 -6.31 -35.30 2.20
C LYS F 72 -7.57 -36.16 2.21
N GLY F 73 -8.62 -35.62 1.60
CA GLY F 73 -9.84 -36.37 1.49
C GLY F 73 -10.95 -35.99 2.42
N ALA F 74 -10.74 -35.08 3.40
CA ALA F 74 -11.92 -34.69 4.19
C ALA F 74 -13.02 -34.40 3.15
N LYS F 75 -14.23 -34.82 3.34
CA LYS F 75 -15.27 -34.58 2.36
C LYS F 75 -16.42 -33.86 3.03
N GLN F 76 -16.15 -33.13 4.11
CA GLN F 76 -17.21 -32.51 4.88
C GLN F 76 -16.85 -31.35 5.79
N SER F 77 -17.61 -30.25 5.72
CA SER F 77 -17.36 -29.10 6.57
C SER F 77 -17.38 -29.54 8.04
N GLY F 78 -16.73 -28.83 8.94
CA GLY F 78 -16.77 -29.17 10.36
C GLY F 78 -15.49 -28.83 11.08
N LEU F 79 -15.29 -29.41 12.26
CA LEU F 79 -14.16 -29.14 13.12
C LEU F 79 -13.04 -30.14 12.89
N TYR F 80 -11.89 -29.56 12.72
CA TYR F 80 -10.66 -30.27 12.56
C TYR F 80 -9.57 -29.51 13.33
N PHE F 81 -8.42 -30.10 13.55
CA PHE F 81 -7.28 -29.48 14.15
C PHE F 81 -6.26 -29.24 13.02
N ILE F 82 -5.63 -28.05 13.05
CA ILE F 82 -4.64 -27.85 11.99
C ILE F 82 -3.33 -27.51 12.64
N LYS F 83 -2.20 -27.68 12.02
CA LYS F 83 -0.99 -27.23 12.75
C LYS F 83 -0.12 -26.50 11.73
N PRO F 84 -0.21 -25.19 11.67
CA PRO F 84 0.58 -24.40 10.75
C PRO F 84 2.06 -24.70 11.01
N LEU F 85 2.84 -24.48 9.96
CA LEU F 85 4.27 -24.67 9.96
C LEU F 85 5.02 -24.06 11.11
N LYS F 86 4.70 -22.84 11.50
CA LYS F 86 5.43 -22.14 12.56
C LYS F 86 4.89 -22.43 13.96
N ALA F 87 3.66 -22.89 14.07
CA ALA F 87 2.99 -23.14 15.33
C ALA F 87 3.67 -24.28 16.08
N ASN F 88 3.65 -24.19 17.39
CA ASN F 88 4.32 -25.27 18.12
C ASN F 88 3.32 -26.02 18.95
N GLN F 89 2.08 -25.97 18.51
CA GLN F 89 0.94 -26.62 19.14
C GLN F 89 -0.20 -26.49 18.14
N GLN F 90 -1.00 -27.49 17.93
CA GLN F 90 -2.12 -27.47 17.01
C GLN F 90 -3.35 -26.73 17.55
N PHE F 91 -4.38 -26.57 16.69
CA PHE F 91 -5.52 -25.86 17.28
C PHE F 91 -6.76 -26.13 16.45
N LEU F 92 -7.90 -26.07 17.12
CA LEU F 92 -9.17 -26.36 16.52
C LEU F 92 -9.63 -25.27 15.61
N VAL F 93 -9.94 -25.53 14.35
CA VAL F 93 -10.49 -24.58 13.41
C VAL F 93 -11.81 -25.20 12.90
N TYR F 94 -12.61 -24.42 12.25
CA TYR F 94 -13.79 -24.80 11.56
C TYR F 94 -13.52 -24.77 10.04
N CYS F 95 -13.50 -25.94 9.40
CA CYS F 95 -13.19 -25.94 7.95
C CYS F 95 -14.45 -25.92 7.09
N GLU F 96 -14.41 -25.17 6.01
CA GLU F 96 -15.57 -25.18 5.12
C GLU F 96 -15.15 -26.02 3.91
N ILE F 97 -15.74 -27.23 3.81
CA ILE F 97 -15.36 -28.05 2.65
C ILE F 97 -16.47 -27.95 1.63
N ASP F 98 -16.23 -27.26 0.52
CA ASP F 98 -17.19 -27.14 -0.58
C ASP F 98 -17.07 -28.52 -1.28
N GLY F 99 -18.15 -29.07 -1.83
CA GLY F 99 -17.90 -30.33 -2.55
C GLY F 99 -17.00 -30.15 -3.77
N SER F 100 -16.35 -29.01 -3.98
CA SER F 100 -15.47 -28.80 -5.12
C SER F 100 -14.02 -29.12 -4.86
N GLY F 101 -13.74 -29.57 -3.65
CA GLY F 101 -12.33 -29.81 -3.32
C GLY F 101 -11.64 -28.63 -2.67
N ASN F 102 -12.35 -27.57 -2.36
CA ASN F 102 -11.74 -26.41 -1.72
C ASN F 102 -12.01 -26.42 -0.22
N GLY F 103 -10.93 -26.29 0.54
CA GLY F 103 -11.03 -26.21 2.00
C GLY F 103 -10.72 -24.80 2.52
N TRP F 104 -11.74 -24.08 2.92
CA TRP F 104 -11.57 -22.78 3.54
C TRP F 104 -11.38 -22.82 5.06
N THR F 105 -10.39 -22.09 5.59
CA THR F 105 -10.24 -21.94 7.05
C THR F 105 -11.02 -20.72 7.52
N VAL F 106 -12.08 -20.82 8.29
CA VAL F 106 -12.90 -19.65 8.71
C VAL F 106 -12.35 -19.03 9.98
N PHE F 107 -12.15 -17.72 10.01
CA PHE F 107 -11.52 -17.14 11.21
C PHE F 107 -12.49 -16.21 11.93
N GLN F 108 -13.54 -15.79 11.28
CA GLN F 108 -14.49 -14.84 11.83
C GLN F 108 -15.88 -15.26 11.28
N LYS F 109 -16.86 -15.13 12.18
CA LYS F 109 -18.20 -15.47 11.80
C LYS F 109 -19.23 -14.78 12.67
N ARG F 110 -20.12 -14.02 12.13
CA ARG F 110 -21.22 -13.45 12.86
C ARG F 110 -22.52 -14.00 12.19
N LEU F 111 -23.57 -14.30 12.92
CA LEU F 111 -24.87 -14.69 12.45
C LEU F 111 -26.05 -14.35 13.35
N ASP F 112 -25.94 -13.95 14.56
CA ASP F 112 -27.01 -13.51 15.46
C ASP F 112 -26.27 -12.62 16.43
N GLY F 113 -26.77 -11.90 17.39
CA GLY F 113 -25.73 -11.05 18.08
C GLY F 113 -25.39 -11.76 19.38
N SER F 114 -25.18 -13.06 19.33
CA SER F 114 -25.05 -13.77 20.62
C SER F 114 -23.69 -13.58 21.27
N VAL F 115 -22.61 -13.33 20.51
CA VAL F 115 -21.32 -13.09 21.17
C VAL F 115 -20.97 -11.62 21.18
N ASP F 116 -20.53 -11.13 22.30
CA ASP F 116 -20.11 -9.74 22.52
C ASP F 116 -18.70 -9.60 21.96
N PHE F 117 -18.55 -8.69 20.99
CA PHE F 117 -17.28 -8.59 20.28
C PHE F 117 -16.48 -7.43 20.84
N LYS F 118 -17.02 -6.75 21.86
CA LYS F 118 -16.25 -5.74 22.55
C LYS F 118 -15.34 -6.53 23.52
N LYS F 119 -14.24 -7.06 23.07
CA LYS F 119 -13.30 -7.83 23.87
C LYS F 119 -11.94 -7.16 23.92
N ASN F 120 -11.05 -7.50 24.83
CA ASN F 120 -9.75 -6.80 24.89
C ASN F 120 -8.66 -7.42 24.03
N TRP F 121 -7.45 -6.88 24.01
CA TRP F 121 -6.32 -7.30 23.20
C TRP F 121 -6.12 -8.80 23.29
N ILE F 122 -6.08 -9.28 24.52
CA ILE F 122 -5.73 -10.64 24.86
C ILE F 122 -6.74 -11.57 24.22
N GLN F 123 -8.00 -11.25 24.36
CA GLN F 123 -9.09 -12.04 23.82
C GLN F 123 -9.02 -12.03 22.31
N TYR F 124 -8.70 -10.88 21.68
CA TYR F 124 -8.61 -10.88 20.23
C TYR F 124 -7.42 -11.69 19.75
N LYS F 125 -6.44 -11.85 20.66
CA LYS F 125 -5.23 -12.50 20.19
C LYS F 125 -5.41 -13.98 20.30
N GLU F 126 -5.96 -14.47 21.38
CA GLU F 126 -6.24 -15.85 21.60
C GLU F 126 -7.53 -16.38 20.98
N GLY F 127 -8.56 -15.58 20.77
CA GLY F 127 -9.81 -16.09 20.24
C GLY F 127 -10.84 -16.12 21.37
N PHE F 128 -12.09 -15.99 20.99
CA PHE F 128 -13.27 -16.01 21.80
C PHE F 128 -14.39 -16.56 20.91
N GLY F 129 -15.59 -16.79 21.39
CA GLY F 129 -16.72 -17.43 20.79
C GLY F 129 -16.64 -18.95 20.81
N HIS F 130 -17.41 -19.65 19.97
CA HIS F 130 -17.43 -21.10 19.95
C HIS F 130 -17.38 -21.68 18.55
N LEU F 131 -16.70 -22.81 18.43
CA LEU F 131 -16.61 -23.54 17.20
C LEU F 131 -17.69 -24.63 17.14
N SER F 132 -18.52 -24.65 16.12
CA SER F 132 -19.59 -25.65 16.03
C SER F 132 -19.47 -26.44 14.75
N PRO F 133 -19.85 -27.68 14.79
CA PRO F 133 -19.74 -28.52 13.60
C PRO F 133 -20.57 -28.00 12.44
N THR F 134 -21.73 -27.49 12.75
CA THR F 134 -22.69 -26.97 11.81
C THR F 134 -22.48 -25.52 11.40
N GLY F 135 -21.45 -24.86 11.92
CA GLY F 135 -21.18 -23.49 11.58
C GLY F 135 -22.32 -22.64 12.09
N THR F 136 -22.88 -22.81 13.26
CA THR F 136 -24.00 -21.92 13.60
C THR F 136 -23.61 -21.08 14.79
N THR F 137 -22.30 -21.04 14.95
CA THR F 137 -21.64 -20.37 16.07
C THR F 137 -20.82 -19.18 15.65
N GLU F 138 -20.97 -18.01 16.27
CA GLU F 138 -20.18 -16.84 16.03
C GLU F 138 -18.83 -16.97 16.75
N PHE F 139 -17.76 -16.44 16.16
CA PHE F 139 -16.47 -16.49 16.80
C PHE F 139 -15.39 -15.65 16.12
N TRP F 140 -14.27 -15.51 16.83
CA TRP F 140 -13.11 -14.77 16.36
C TRP F 140 -12.02 -15.77 16.59
N LEU F 141 -11.48 -16.40 15.58
CA LEU F 141 -10.45 -17.44 15.75
C LEU F 141 -9.35 -16.74 16.47
N GLY F 142 -8.28 -16.93 17.19
CA GLY F 142 -7.55 -15.58 17.43
C GLY F 142 -6.60 -15.04 16.38
N ASN F 143 -6.16 -13.77 16.60
CA ASN F 143 -5.21 -13.00 15.82
C ASN F 143 -3.89 -13.72 15.61
N GLU F 144 -3.42 -14.31 16.70
CA GLU F 144 -2.18 -15.07 16.66
C GLU F 144 -2.36 -16.23 15.71
N LYS F 145 -3.50 -16.93 15.81
CA LYS F 145 -3.78 -18.05 14.90
C LYS F 145 -3.85 -17.53 13.49
N ILE F 146 -4.64 -16.47 13.30
CA ILE F 146 -4.73 -15.94 11.94
C ILE F 146 -3.32 -15.69 11.41
N HIS F 147 -2.49 -15.12 12.30
CA HIS F 147 -1.10 -14.91 11.88
C HIS F 147 -0.41 -16.22 11.50
N LEU F 148 -0.36 -17.24 12.33
CA LEU F 148 0.37 -18.47 12.04
C LEU F 148 -0.05 -19.15 10.75
N ILE F 149 -1.33 -19.25 10.47
CA ILE F 149 -1.78 -19.84 9.21
C ILE F 149 -1.29 -19.00 8.03
N SER F 150 -1.69 -17.74 8.04
CA SER F 150 -1.49 -16.82 6.93
C SER F 150 -0.05 -16.59 6.50
N THR F 151 0.92 -16.83 7.36
CA THR F 151 2.31 -16.56 6.95
C THR F 151 3.15 -17.81 7.07
N GLN F 152 2.54 -18.99 7.19
CA GLN F 152 3.39 -20.18 7.40
C GLN F 152 4.28 -20.58 6.21
N SER F 153 3.95 -20.15 5.00
CA SER F 153 4.77 -20.49 3.86
C SER F 153 4.73 -19.44 2.74
N ALA F 154 5.45 -19.71 1.63
CA ALA F 154 5.41 -18.68 0.57
C ALA F 154 4.10 -18.85 -0.20
N ILE F 155 3.34 -19.91 0.10
CA ILE F 155 2.09 -19.96 -0.69
C ILE F 155 1.14 -18.88 -0.17
N PRO F 156 1.00 -17.83 -0.93
CA PRO F 156 0.10 -16.75 -0.61
C PRO F 156 -1.30 -17.27 -0.29
N TYR F 157 -1.97 -16.56 0.62
CA TYR F 157 -3.35 -16.89 0.94
C TYR F 157 -4.27 -15.85 0.33
N ALA F 158 -5.54 -16.11 0.20
CA ALA F 158 -6.53 -15.14 -0.24
C ALA F 158 -7.63 -15.07 0.88
N LEU F 159 -8.09 -13.86 1.10
CA LEU F 159 -9.10 -13.68 2.09
C LEU F 159 -10.42 -13.55 1.37
N ARG F 160 -11.52 -14.13 1.88
CA ARG F 160 -12.75 -13.91 1.12
C ARG F 160 -13.70 -13.42 2.20
N VAL F 161 -14.34 -12.30 2.03
CA VAL F 161 -15.31 -11.84 3.02
C VAL F 161 -16.70 -12.21 2.48
N GLU F 162 -17.63 -12.90 3.16
CA GLU F 162 -18.95 -13.18 2.66
C GLU F 162 -19.92 -12.39 3.54
N LEU F 163 -20.75 -11.58 2.94
CA LEU F 163 -21.71 -10.82 3.71
C LEU F 163 -23.14 -11.18 3.36
N GLU F 164 -24.11 -10.88 4.21
CA GLU F 164 -25.49 -11.20 3.97
C GLU F 164 -26.38 -10.16 4.61
N ASP F 165 -27.25 -9.53 3.86
CA ASP F 165 -28.15 -8.52 4.37
C ASP F 165 -29.42 -9.11 4.98
N TRP F 166 -30.21 -8.20 5.56
CA TRP F 166 -31.44 -8.57 6.21
C TRP F 166 -32.54 -8.88 5.21
N ASN F 167 -32.20 -9.30 3.99
CA ASN F 167 -33.16 -9.67 3.00
C ASN F 167 -32.55 -10.86 2.26
N GLY F 168 -31.77 -11.67 2.94
CA GLY F 168 -31.18 -12.83 2.30
C GLY F 168 -30.28 -12.54 1.13
N ARG F 169 -29.99 -11.28 0.77
CA ARG F 169 -29.01 -11.13 -0.32
C ARG F 169 -27.59 -11.31 0.22
N THR F 170 -26.71 -11.84 -0.64
CA THR F 170 -25.33 -12.03 -0.23
C THR F 170 -24.36 -11.42 -1.24
N SER F 171 -23.09 -11.23 -0.92
CA SER F 171 -22.10 -10.61 -1.75
C SER F 171 -20.74 -10.98 -1.16
N THR F 172 -19.71 -10.71 -1.94
CA THR F 172 -18.39 -11.08 -1.49
C THR F 172 -17.34 -10.09 -1.96
N ALA F 173 -16.16 -10.20 -1.36
CA ALA F 173 -15.08 -9.28 -1.69
C ALA F 173 -13.82 -10.13 -1.55
N ASP F 174 -13.00 -10.44 -2.51
CA ASP F 174 -11.80 -11.19 -2.24
C ASP F 174 -10.54 -10.29 -2.25
N TYR F 175 -9.58 -10.68 -1.39
CA TYR F 175 -8.34 -9.93 -1.35
C TYR F 175 -7.24 -10.91 -1.65
N ALA F 176 -6.18 -10.58 -2.38
CA ALA F 176 -5.15 -11.58 -2.67
C ALA F 176 -3.92 -11.36 -1.82
N MET F 177 -3.05 -12.31 -1.58
CA MET F 177 -1.89 -12.17 -0.73
C MET F 177 -2.28 -11.54 0.62
N PHE F 178 -3.18 -12.17 1.37
CA PHE F 178 -3.67 -11.58 2.63
C PHE F 178 -2.76 -12.08 3.73
N LYS F 179 -2.27 -11.18 4.56
CA LYS F 179 -1.36 -11.69 5.62
C LYS F 179 -1.61 -10.99 6.90
N VAL F 180 -1.40 -11.54 8.09
CA VAL F 180 -1.64 -10.77 9.32
C VAL F 180 -0.28 -10.77 9.98
N GLY F 181 0.29 -9.67 10.48
CA GLY F 181 1.62 -9.65 11.07
C GLY F 181 1.74 -10.24 12.46
N PRO F 182 2.99 -10.41 12.92
CA PRO F 182 3.23 -10.94 14.27
C PRO F 182 2.75 -9.91 15.27
N GLU F 183 2.71 -10.25 16.52
CA GLU F 183 2.31 -9.40 17.61
C GLU F 183 3.24 -8.21 17.75
N ALA F 184 4.52 -8.40 17.50
CA ALA F 184 5.46 -7.23 17.58
C ALA F 184 4.98 -6.12 16.67
N ASP F 185 4.37 -6.44 15.53
CA ASP F 185 3.86 -5.41 14.64
C ASP F 185 2.35 -5.28 14.79
N LYS F 186 1.84 -5.63 16.00
CA LYS F 186 0.41 -5.44 16.29
C LYS F 186 -0.57 -6.10 15.30
N TYR F 187 -0.21 -7.27 14.77
CA TYR F 187 -1.08 -8.00 13.88
C TYR F 187 -1.69 -7.19 12.74
N ARG F 188 -0.85 -6.35 12.15
CA ARG F 188 -1.07 -5.54 10.98
C ARG F 188 -1.52 -6.43 9.81
N LEU F 189 -2.60 -5.87 9.24
CA LEU F 189 -3.19 -6.50 8.06
C LEU F 189 -2.51 -6.10 6.76
N THR F 190 -2.25 -6.97 5.79
CA THR F 190 -1.76 -6.38 4.52
C THR F 190 -2.21 -7.27 3.39
N TYR F 191 -2.55 -6.76 2.24
CA TYR F 191 -2.92 -7.58 1.07
C TYR F 191 -2.30 -6.95 -0.18
N ALA F 192 -2.01 -7.69 -1.23
CA ALA F 192 -1.42 -7.12 -2.44
C ALA F 192 -2.48 -6.35 -3.21
N TYR F 193 -3.67 -6.90 -3.39
CA TYR F 193 -4.74 -6.20 -4.09
C TYR F 193 -6.12 -6.82 -3.94
N PHE F 194 -7.13 -5.99 -4.16
CA PHE F 194 -8.53 -6.40 -4.18
C PHE F 194 -8.74 -7.32 -5.39
N ALA F 195 -9.31 -8.48 -5.21
CA ALA F 195 -9.44 -9.41 -6.34
C ALA F 195 -10.86 -9.45 -6.87
N GLY F 196 -11.72 -8.50 -6.51
CA GLY F 196 -13.08 -8.41 -6.93
C GLY F 196 -14.14 -9.01 -6.08
N GLY F 197 -15.41 -8.66 -6.33
CA GLY F 197 -16.52 -9.21 -5.66
C GLY F 197 -17.69 -8.27 -5.67
N ASP F 198 -18.94 -8.72 -5.57
CA ASP F 198 -19.98 -7.70 -5.61
C ASP F 198 -20.02 -6.84 -4.35
N ALA F 199 -19.29 -7.27 -3.28
CA ALA F 199 -19.49 -6.44 -2.05
C ALA F 199 -18.77 -5.10 -2.17
N GLY F 200 -17.78 -5.04 -3.10
CA GLY F 200 -17.06 -3.78 -3.20
C GLY F 200 -15.88 -3.78 -2.24
N ASP F 201 -14.86 -3.00 -2.59
CA ASP F 201 -13.61 -2.94 -1.88
C ASP F 201 -13.64 -1.98 -0.70
N ALA F 202 -14.34 -2.30 0.37
CA ALA F 202 -14.36 -1.44 1.55
C ALA F 202 -12.96 -1.34 2.16
N PHE F 203 -12.08 -2.32 1.99
CA PHE F 203 -10.80 -2.16 2.66
C PHE F 203 -10.04 -1.00 2.01
N ASP F 204 -10.56 -0.50 0.88
CA ASP F 204 -9.82 0.58 0.23
C ASP F 204 -10.21 1.91 0.83
N GLY F 205 -11.16 1.99 1.75
CA GLY F 205 -11.51 3.29 2.31
C GLY F 205 -12.75 3.81 1.58
N PHE F 206 -13.48 4.75 2.17
CA PHE F 206 -14.68 5.22 1.54
C PHE F 206 -14.70 6.74 1.53
N ASP F 207 -15.27 7.34 0.50
CA ASP F 207 -15.40 8.78 0.41
C ASP F 207 -16.73 9.10 1.07
N PHE F 208 -16.72 9.42 2.35
CA PHE F 208 -17.91 9.75 3.10
C PHE F 208 -18.35 11.14 2.69
N GLY F 209 -17.44 11.85 2.02
CA GLY F 209 -17.74 13.15 1.48
C GLY F 209 -17.72 14.33 2.41
N ASP F 210 -17.08 14.18 3.56
CA ASP F 210 -16.99 15.27 4.51
C ASP F 210 -15.66 16.00 4.45
N ASP F 211 -14.68 15.23 3.97
CA ASP F 211 -13.36 15.86 3.84
C ASP F 211 -12.63 15.15 2.72
N PRO F 212 -11.81 15.88 1.99
CA PRO F 212 -11.00 15.25 0.94
C PRO F 212 -10.19 14.09 1.48
N SER F 213 -9.68 14.02 2.69
CA SER F 213 -8.97 12.86 3.18
C SER F 213 -9.80 11.68 3.73
N ASP F 214 -11.13 11.76 3.63
CA ASP F 214 -11.96 10.68 4.15
C ASP F 214 -11.55 9.29 3.71
N LYS F 215 -11.46 9.03 2.43
CA LYS F 215 -11.12 7.73 1.89
C LYS F 215 -9.81 7.20 2.47
N PHE F 216 -8.77 7.97 2.61
CA PHE F 216 -7.50 7.51 3.09
C PHE F 216 -7.64 7.17 4.59
N PHE F 217 -8.36 7.99 5.33
CA PHE F 217 -8.52 7.76 6.76
C PHE F 217 -9.44 6.61 7.07
N THR F 218 -10.13 6.05 6.09
CA THR F 218 -10.99 4.91 6.36
C THR F 218 -10.45 3.70 5.63
N SER F 219 -9.25 3.79 5.07
CA SER F 219 -8.79 2.54 4.41
C SER F 219 -8.20 1.55 5.40
N HIS F 220 -7.98 0.28 5.12
CA HIS F 220 -7.55 -0.68 6.08
C HIS F 220 -6.22 -1.32 5.75
N ASN F 221 -5.88 -1.46 4.49
CA ASN F 221 -4.68 -2.12 4.06
C ASN F 221 -3.53 -1.51 4.84
N GLY F 222 -2.68 -2.28 5.50
CA GLY F 222 -1.62 -1.68 6.27
C GLY F 222 -1.87 -1.28 7.68
N MET F 223 -3.07 -1.31 8.20
CA MET F 223 -3.39 -0.93 9.55
C MET F 223 -2.99 -1.98 10.57
N GLN F 224 -2.60 -1.51 11.77
CA GLN F 224 -2.39 -2.37 12.91
C GLN F 224 -3.75 -2.73 13.53
N PHE F 225 -3.83 -3.79 14.33
CA PHE F 225 -5.08 -4.10 15.05
C PHE F 225 -5.18 -3.21 16.27
N SER F 226 -6.30 -2.84 16.75
CA SER F 226 -6.52 -2.06 17.95
C SER F 226 -7.64 -2.73 18.73
N THR F 227 -7.68 -2.51 20.01
CA THR F 227 -8.78 -2.86 20.91
C THR F 227 -8.90 -1.67 21.85
N TRP F 228 -9.87 -1.57 22.70
CA TRP F 228 -9.98 -0.41 23.61
C TRP F 228 -8.70 -0.23 24.45
N ASP F 229 -8.11 -1.35 24.87
CA ASP F 229 -6.93 -1.31 25.68
C ASP F 229 -5.65 -1.34 24.89
N ASN F 230 -5.76 -1.36 23.59
CA ASN F 230 -4.47 -1.28 22.85
C ASN F 230 -4.74 -0.51 21.56
N ASP F 231 -4.73 0.82 21.66
CA ASP F 231 -4.96 1.77 20.60
C ASP F 231 -3.80 1.79 19.62
N ASN F 232 -3.93 1.33 18.37
CA ASN F 232 -2.78 1.53 17.48
C ASN F 232 -3.30 2.24 16.25
N ASP F 233 -4.34 2.99 16.36
CA ASP F 233 -5.08 3.62 15.29
C ASP F 233 -4.32 4.87 14.87
N LYS F 234 -4.83 5.71 14.00
CA LYS F 234 -4.28 6.88 13.44
C LYS F 234 -5.20 8.01 13.79
N PHE F 235 -6.01 7.88 14.77
CA PHE F 235 -6.93 8.79 15.35
C PHE F 235 -6.29 9.26 16.69
N GLU F 236 -6.43 10.54 16.95
CA GLU F 236 -5.94 11.21 18.11
C GLU F 236 -6.64 10.48 19.26
N GLY F 237 -7.89 10.05 19.02
CA GLY F 237 -8.64 9.38 20.08
C GLY F 237 -8.45 7.87 19.87
N ASN F 238 -9.48 7.12 20.28
CA ASN F 238 -9.51 5.67 20.26
C ASN F 238 -10.70 5.10 19.48
N CYS F 239 -10.36 4.66 18.24
CA CYS F 239 -11.47 4.11 17.44
C CYS F 239 -12.06 2.88 18.09
N ALA F 240 -11.29 1.93 18.62
CA ALA F 240 -11.90 0.71 19.09
C ALA F 240 -12.68 1.00 20.35
N GLU F 241 -12.18 2.00 21.10
CA GLU F 241 -12.95 2.25 22.34
C GLU F 241 -14.29 2.88 21.95
N GLN F 242 -14.26 3.91 21.13
CA GLN F 242 -15.51 4.53 20.71
C GLN F 242 -16.37 3.60 19.86
N ASP F 243 -15.92 2.69 19.03
CA ASP F 243 -16.92 1.87 18.31
C ASP F 243 -17.26 0.54 18.98
N GLY F 244 -16.55 0.07 20.02
CA GLY F 244 -16.81 -1.15 20.69
C GLY F 244 -16.40 -2.43 20.02
N SER F 245 -15.24 -2.57 19.40
CA SER F 245 -14.89 -3.84 18.78
C SER F 245 -13.39 -3.91 18.82
N GLY F 246 -12.90 -4.91 18.10
CA GLY F 246 -11.44 -4.99 17.93
C GLY F 246 -11.35 -5.03 16.39
N TRP F 247 -10.56 -4.15 15.79
CA TRP F 247 -10.46 -4.13 14.33
C TRP F 247 -9.19 -3.42 13.88
N TRP F 248 -8.90 -3.55 12.58
CA TRP F 248 -7.75 -2.90 12.01
C TRP F 248 -8.23 -1.48 11.72
N MET F 249 -8.27 -0.65 12.73
CA MET F 249 -8.76 0.71 12.69
C MET F 249 -7.80 1.73 12.09
N ASN F 250 -8.30 2.88 11.63
CA ASN F 250 -7.59 3.93 10.98
C ASN F 250 -8.47 5.13 11.09
N LYS F 251 -8.56 5.82 12.20
CA LYS F 251 -9.50 7.01 11.97
C LYS F 251 -10.71 7.01 11.10
N CYS F 252 -11.61 6.06 11.14
CA CYS F 252 -11.53 4.84 11.90
C CYS F 252 -11.78 3.69 10.92
N HIS F 253 -12.95 3.68 10.26
CA HIS F 253 -13.14 2.52 9.37
C HIS F 253 -14.19 2.73 8.29
N ALA F 254 -14.17 1.86 7.29
CA ALA F 254 -15.17 1.76 6.21
C ALA F 254 -15.60 0.30 6.13
N GLY F 255 -14.76 -0.65 6.58
CA GLY F 255 -15.24 -2.03 6.61
C GLY F 255 -15.13 -2.50 8.09
N HIS F 256 -16.21 -2.86 8.76
CA HIS F 256 -16.14 -3.22 10.16
C HIS F 256 -16.96 -4.45 10.53
N LEU F 257 -16.37 -5.64 10.41
CA LEU F 257 -17.21 -6.81 10.77
C LEU F 257 -17.21 -7.23 12.22
N ASN F 258 -16.37 -6.65 13.08
CA ASN F 258 -16.39 -7.06 14.49
C ASN F 258 -17.22 -6.04 15.27
N GLY F 259 -18.10 -5.36 14.51
CA GLY F 259 -18.98 -4.32 15.00
C GLY F 259 -20.12 -4.83 15.87
N VAL F 260 -20.85 -3.86 16.38
CA VAL F 260 -22.02 -4.19 17.19
C VAL F 260 -23.13 -4.81 16.35
N TYR F 261 -23.74 -5.88 16.88
CA TYR F 261 -24.77 -6.57 16.06
C TYR F 261 -26.10 -5.87 16.13
N TYR F 262 -26.57 -5.21 15.12
CA TYR F 262 -27.86 -4.51 15.12
C TYR F 262 -28.97 -5.29 14.41
N GLN F 263 -30.00 -5.72 15.13
CA GLN F 263 -31.09 -6.48 14.55
C GLN F 263 -31.84 -5.67 13.51
N GLY F 264 -32.17 -6.19 12.34
CA GLY F 264 -32.96 -5.34 11.45
C GLY F 264 -32.22 -4.72 10.31
N GLY F 265 -30.91 -4.51 10.48
CA GLY F 265 -30.06 -3.91 9.47
C GLY F 265 -29.94 -2.42 9.76
N THR F 266 -30.96 -1.66 9.44
CA THR F 266 -30.95 -0.20 9.57
C THR F 266 -30.71 0.22 10.98
N TYR F 267 -29.85 1.16 11.31
CA TYR F 267 -29.81 1.60 12.72
C TYR F 267 -29.51 3.09 12.62
N SER F 268 -29.45 3.86 13.67
CA SER F 268 -29.25 5.29 13.47
C SER F 268 -28.19 5.81 14.43
N LYS F 269 -27.80 7.07 14.23
CA LYS F 269 -26.77 7.54 15.16
C LYS F 269 -27.29 7.51 16.59
N ALA F 270 -28.54 7.84 16.83
CA ALA F 270 -29.16 7.82 18.14
C ALA F 270 -29.02 6.51 18.89
N SER F 271 -29.06 5.38 18.19
CA SER F 271 -28.92 4.07 18.80
C SER F 271 -27.45 3.81 19.16
N THR F 272 -26.54 4.59 18.59
CA THR F 272 -25.14 4.33 18.88
C THR F 272 -24.77 4.91 20.23
N PRO F 273 -23.80 4.29 20.87
CA PRO F 273 -23.30 4.71 22.16
C PRO F 273 -22.49 5.99 22.12
N ASN F 274 -21.64 6.30 21.16
CA ASN F 274 -20.90 7.55 21.15
C ASN F 274 -21.24 8.42 19.95
N GLY F 275 -22.27 8.01 19.21
CA GLY F 275 -22.69 8.80 18.07
C GLY F 275 -21.97 8.44 16.80
N TYR F 276 -21.07 7.49 16.70
CA TYR F 276 -20.43 7.20 15.40
C TYR F 276 -20.92 5.83 14.90
N ASP F 277 -20.98 5.61 13.63
CA ASP F 277 -21.36 4.32 13.13
C ASP F 277 -20.42 3.25 13.69
N ASN F 278 -21.08 2.25 14.32
CA ASN F 278 -20.28 1.16 14.93
C ASN F 278 -20.80 -0.24 14.63
N GLY F 279 -21.73 -0.35 13.70
CA GLY F 279 -22.32 -1.61 13.29
C GLY F 279 -21.41 -2.43 12.38
N ILE F 280 -21.90 -3.54 11.88
CA ILE F 280 -21.16 -4.43 11.01
C ILE F 280 -21.27 -3.90 9.58
N ILE F 281 -20.49 -2.88 9.22
CA ILE F 281 -20.60 -2.25 7.95
C ILE F 281 -19.56 -2.69 6.96
N TRP F 282 -19.83 -2.37 5.72
CA TRP F 282 -19.05 -2.56 4.51
C TRP F 282 -19.60 -1.44 3.60
N ALA F 283 -19.08 -0.21 3.78
CA ALA F 283 -19.62 0.97 3.12
C ALA F 283 -19.66 0.88 1.59
N THR F 284 -18.92 0.05 0.89
CA THR F 284 -19.03 -0.09 -0.54
C THR F 284 -20.21 -0.99 -0.97
N TRP F 285 -20.90 -1.66 -0.07
CA TRP F 285 -22.09 -2.44 -0.42
C TRP F 285 -23.34 -1.74 0.11
N LYS F 286 -23.32 -1.32 1.37
CA LYS F 286 -24.42 -0.64 2.00
C LYS F 286 -23.82 0.55 2.79
N THR F 287 -24.76 1.39 3.12
CA THR F 287 -24.52 2.58 3.90
C THR F 287 -23.96 2.18 5.24
N ARG F 288 -23.17 2.99 5.90
CA ARG F 288 -22.67 2.83 7.23
C ARG F 288 -23.76 2.88 8.31
N TRP F 289 -25.00 3.17 7.91
CA TRP F 289 -26.11 3.12 8.85
C TRP F 289 -26.87 1.82 8.61
N TYR F 290 -26.17 0.82 8.03
CA TYR F 290 -26.77 -0.47 7.81
C TYR F 290 -25.84 -1.53 8.39
N SER F 291 -26.27 -2.44 9.23
CA SER F 291 -25.41 -3.48 9.79
C SER F 291 -25.76 -4.85 9.23
N MET F 292 -24.79 -5.62 8.76
CA MET F 292 -25.04 -6.90 8.17
C MET F 292 -25.73 -7.93 9.05
N LYS F 293 -26.25 -8.96 8.37
CA LYS F 293 -26.95 -10.03 9.01
C LYS F 293 -26.02 -11.17 9.39
N LYS F 294 -25.19 -11.50 8.41
CA LYS F 294 -24.20 -12.54 8.59
C LYS F 294 -22.87 -12.06 8.01
N THR F 295 -21.79 -12.60 8.53
CA THR F 295 -20.43 -12.18 8.12
C THR F 295 -19.57 -13.42 8.21
N THR F 296 -18.65 -13.65 7.26
CA THR F 296 -17.72 -14.75 7.30
C THR F 296 -16.38 -14.17 6.80
N MET F 297 -15.33 -14.66 7.41
CA MET F 297 -14.01 -14.19 6.96
C MET F 297 -13.29 -15.54 6.97
N LYS F 298 -12.78 -15.95 5.83
CA LYS F 298 -12.17 -17.25 5.66
C LYS F 298 -11.05 -17.15 4.66
N ILE F 299 -10.09 -18.03 4.72
CA ILE F 299 -8.94 -17.91 3.83
C ILE F 299 -8.66 -19.23 3.13
N ILE F 300 -8.04 -19.18 2.00
CA ILE F 300 -7.66 -20.38 1.23
C ILE F 300 -6.41 -20.03 0.46
N PRO F 301 -5.49 -20.94 0.21
CA PRO F 301 -4.28 -20.65 -0.60
C PRO F 301 -4.78 -20.13 -1.92
N PHE F 302 -4.29 -19.02 -2.39
CA PHE F 302 -4.82 -18.31 -3.58
C PHE F 302 -4.91 -19.08 -4.88
N ASN F 303 -3.94 -19.94 -5.19
CA ASN F 303 -4.01 -20.76 -6.41
C ASN F 303 -5.33 -21.50 -6.55
N ARG F 304 -6.09 -21.54 -5.46
CA ARG F 304 -7.35 -22.24 -5.47
C ARG F 304 -8.37 -21.39 -6.20
N LEU F 305 -7.96 -20.19 -6.61
CA LEU F 305 -9.05 -19.41 -7.23
C LEU F 305 -8.71 -19.14 -8.69
N THR F 306 -9.10 -20.07 -9.57
CA THR F 306 -8.84 -19.79 -11.01
C THR F 306 -7.35 -19.88 -11.33
N GLY G 1 15.24 15.50 9.81
CA GLY G 1 15.37 15.51 11.30
C GLY G 1 14.06 15.77 12.03
N HIS G 2 14.15 15.63 13.35
CA HIS G 2 13.09 15.89 14.31
C HIS G 2 13.12 17.33 14.83
N ARG G 3 12.01 17.90 15.17
CA ARG G 3 12.05 19.29 15.73
C ARG G 3 11.33 19.10 17.07
N PRO G 4 12.04 19.34 18.17
CA PRO G 4 11.48 19.22 19.50
C PRO G 4 10.51 20.36 19.84
N GLY H 1 -16.97 4.28 10.38
CA GLY H 1 -16.91 5.55 9.62
C GLY H 1 -15.69 6.43 9.84
N HIS H 2 -15.74 7.68 9.39
CA HIS H 2 -14.65 8.63 9.53
C HIS H 2 -14.70 9.50 10.78
N ARG H 3 -13.70 10.32 10.97
CA ARG H 3 -13.61 11.16 12.16
C ARG H 3 -13.37 12.60 11.72
N PRO H 4 -14.44 13.30 11.54
CA PRO H 4 -14.35 14.72 11.15
C PRO H 4 -14.13 15.59 12.37
N GLY I 1 13.58 49.78 -48.91
CA GLY I 1 13.19 51.01 -49.66
C GLY I 1 11.91 50.75 -50.45
N HIS I 2 11.60 51.82 -51.15
CA HIS I 2 10.43 51.75 -52.04
C HIS I 2 10.98 51.37 -53.43
N ARG I 3 10.07 51.22 -54.36
CA ARG I 3 10.41 51.19 -55.79
C ARG I 3 9.56 52.23 -56.52
N PRO I 4 10.13 53.23 -57.14
CA PRO I 4 9.41 54.18 -58.00
C PRO I 4 8.74 53.56 -59.24
N GLY J 1 -14.21 -44.69 57.32
CA GLY J 1 -14.14 -45.74 58.34
C GLY J 1 -12.89 -46.62 58.29
N HIS J 2 -12.45 -46.85 59.51
CA HIS J 2 -11.25 -47.63 59.83
C HIS J 2 -11.65 -49.08 59.94
N ARG J 3 -10.72 -50.03 59.85
CA ARG J 3 -11.24 -51.39 60.05
C ARG J 3 -10.82 -51.84 61.47
N PRO J 4 -11.80 -51.89 62.36
CA PRO J 4 -11.60 -52.34 63.73
C PRO J 4 -11.43 -53.85 63.84
#